data_8SXG
#
_entry.id   8SXG
#
_cell.length_a   1.00
_cell.length_b   1.00
_cell.length_c   1.00
_cell.angle_alpha   90.00
_cell.angle_beta   90.00
_cell.angle_gamma   90.00
#
_symmetry.space_group_name_H-M   'P 1'
#
loop_
_entity.id
_entity.type
_entity.pdbx_description
1 polymer 'Probable carboxyl-terminal protease'
2 polymer 'TPR repeat-containing protein PA4667'
3 polymer 'unidentified peptide'
#
loop_
_entity_poly.entity_id
_entity_poly.type
_entity_poly.pdbx_seq_one_letter_code
_entity_poly.pdbx_strand_id
1 'polypeptide(L)'
;GSHMSAPLPLDELRTFAEVLDRVKAAYVEPVDDKTLLENAIKGMLSNLDPHSAYLGPEDFAELQESTSGEFGGLGIEVGS
EDGFIKVVSPIDDTPAARAGIQPGDLIVQIDGKPTKGQSMTEAVDSMRGKAGSPITLTIVRDGGRPFDVELKRAIIKVKS
VKSQVLEPGYAYLRITQFQVNTGEEVVKALNQLRKDNKGRLKGLVLDLRNNPGGVLQSAVEVADAFLTKGLIVYTKGRIA
NSELRFSADPADPSDKVPLVVLINGGSAAAAEIVAGALQDQKRAILMGTDSFGKGSVQTVLPLNNDRALKLTTALYYTPN
GRSIQAQGIVPDIEVGRAKVTQERSSFEGFKEADLQGHLANGNGGADRPTGKRAAPSERPQDSDYQLSQALSLLKGLSVT
RGN
;
A,B,E
2 'polypeptide(L)'
;MEDTAVETKAKPEKYGSFSEDSLYSLLVAELAGQRNRFDIALSNYVVQAQKTRDPGVSERAFRIAEYLGADQEALDTSLL
WARSAPDNLDAQRAAAIQLARAGRYEESMVYMEKVLNGQGDTHFDFLALSAAETDPDTRAGLLQSFDHLLKKYPNNGQLL
FGKALLLQQDGRPDEALTLLEDNSASRHEVAPLLLRSRLLQSMKRSDEALPLLKAGIKEHPDDKRVRLAYARLLVEQNRL
DDAKAEFAGLVQQFPDDDDLRFSLALVCLEAQAWDEARIYLEELVERDSHVDAAHFNLGRLAEEQKDTARALDEYAQVGP
GNDFLPAQLRQTDVLLKAGRVDEAAQRLDKARSEQPDYAIQLYLIEAEALSNNDQQEKAWQAIQEGLKQYPEDLNLLYTR
SMLAEKRNDLAQMEKDLRFVIAREPDNAMALNALGYTLADRTTRYGEARELILKAHKLNPDDPAILDSMGWINYRQGKLA
DAERYLRQALQRYPDHEVAAHLGEVLWAQGRQGDARAIWREYLDKQPDSDVLRRTIKRLTGAETP
;
C
3 'polypeptide(L)' (UNK)(UNK)(UNK)(UNK)(UNK)(UNK) D
#
# COMPACT_ATOMS: atom_id res chain seq x y z
N SER A 5 -11.37 4.99 30.64
CA SER A 5 -10.90 4.68 29.29
C SER A 5 -9.82 3.59 29.34
N ALA A 6 -9.37 3.17 28.18
CA ALA A 6 -8.36 2.12 28.10
C ALA A 6 -7.08 2.60 28.77
N PRO A 7 -6.44 1.80 29.63
CA PRO A 7 -5.21 2.24 30.27
C PRO A 7 -4.06 2.32 29.26
N LEU A 8 -3.26 3.36 29.39
CA LEU A 8 -2.05 3.46 28.60
C LEU A 8 -1.06 2.41 29.08
N PRO A 9 -0.83 1.34 28.32
CA PRO A 9 0.03 0.26 28.84
C PRO A 9 1.39 0.80 29.21
N LEU A 10 1.69 0.77 30.51
CA LEU A 10 2.87 1.42 31.06
C LEU A 10 4.02 0.47 31.34
N ASP A 11 3.74 -0.76 31.76
CA ASP A 11 4.82 -1.74 31.97
C ASP A 11 5.59 -1.98 30.68
N GLU A 12 4.86 -2.17 29.57
CA GLU A 12 5.51 -2.43 28.30
C GLU A 12 6.37 -1.24 27.86
N LEU A 13 5.85 -0.03 28.03
CA LEU A 13 6.62 1.15 27.65
C LEU A 13 7.87 1.29 28.51
N ARG A 14 7.75 1.00 29.81
CA ARG A 14 8.93 1.04 30.68
C ARG A 14 9.96 0.03 30.22
N THR A 15 9.54 -1.18 29.87
CA THR A 15 10.48 -2.18 29.40
C THR A 15 11.16 -1.72 28.11
N PHE A 16 10.39 -1.12 27.19
CA PHE A 16 10.97 -0.65 25.94
C PHE A 16 12.02 0.43 26.21
N ALA A 17 11.72 1.37 27.11
CA ALA A 17 12.69 2.41 27.43
C ALA A 17 13.95 1.81 28.04
N GLU A 18 13.79 0.87 28.97
CA GLU A 18 14.95 0.24 29.58
C GLU A 18 15.80 -0.47 28.52
N VAL A 19 15.15 -1.18 27.60
CA VAL A 19 15.88 -1.90 26.57
C VAL A 19 16.61 -0.93 25.65
N LEU A 20 15.98 0.17 25.27
CA LEU A 20 16.66 1.13 24.40
C LEU A 20 17.88 1.72 25.11
N ASP A 21 17.74 2.06 26.39
CA ASP A 21 18.89 2.57 27.13
C ASP A 21 20.00 1.55 27.17
N ARG A 22 19.66 0.30 27.48
CA ARG A 22 20.67 -0.76 27.56
C ARG A 22 21.38 -0.93 26.21
N VAL A 23 20.61 -0.94 25.13
CA VAL A 23 21.20 -1.16 23.80
C VAL A 23 22.13 -0.02 23.45
N LYS A 24 21.71 1.23 23.70
CA LYS A 24 22.61 2.35 23.47
C LYS A 24 23.88 2.22 24.30
N ALA A 25 23.77 1.73 25.53
CA ALA A 25 24.94 1.65 26.40
C ALA A 25 25.91 0.56 25.95
N ALA A 26 25.39 -0.60 25.55
CA ALA A 26 26.21 -1.79 25.44
C ALA A 26 26.71 -2.10 24.04
N TYR A 27 26.00 -1.67 23.00
CA TYR A 27 26.41 -2.04 21.65
C TYR A 27 27.80 -1.47 21.35
N VAL A 28 28.57 -2.23 20.58
CA VAL A 28 29.97 -1.88 20.33
C VAL A 28 30.07 -0.55 19.57
N GLU A 29 29.24 -0.41 18.53
CA GLU A 29 29.32 0.78 17.68
C GLU A 29 28.39 1.86 18.21
N PRO A 30 28.82 3.12 18.27
CA PRO A 30 27.90 4.19 18.66
C PRO A 30 26.69 4.22 17.73
N VAL A 31 25.51 4.40 18.32
CA VAL A 31 24.25 4.34 17.60
C VAL A 31 23.38 5.52 18.03
N ASP A 32 22.72 6.15 17.06
CA ASP A 32 21.87 7.30 17.33
C ASP A 32 20.41 6.87 17.44
N ASP A 33 19.67 7.55 18.31
CA ASP A 33 18.29 7.14 18.60
C ASP A 33 17.42 7.14 17.36
N LYS A 34 17.71 8.00 16.38
CA LYS A 34 16.95 7.96 15.14
C LYS A 34 17.04 6.58 14.50
N THR A 35 18.26 6.04 14.41
CA THR A 35 18.44 4.72 13.83
C THR A 35 17.73 3.65 14.65
N LEU A 36 17.82 3.74 15.98
CA LEU A 36 17.16 2.74 16.81
C LEU A 36 15.64 2.75 16.63
N LEU A 37 15.04 3.95 16.60
CA LEU A 37 13.59 4.02 16.46
C LEU A 37 13.16 3.59 15.07
N GLU A 38 13.93 3.94 14.04
CA GLU A 38 13.65 3.43 12.71
C GLU A 38 13.68 1.91 12.69
N ASN A 39 14.69 1.32 13.33
CA ASN A 39 14.78 -0.14 13.40
C ASN A 39 13.59 -0.72 14.15
N ALA A 40 13.15 -0.06 15.22
CA ALA A 40 12.00 -0.56 15.97
C ALA A 40 10.74 -0.55 15.12
N ILE A 41 10.52 0.52 14.36
CA ILE A 41 9.35 0.59 13.49
C ILE A 41 9.42 -0.50 12.43
N LYS A 42 10.59 -0.61 11.77
CA LYS A 42 10.77 -1.68 10.79
C LYS A 42 10.46 -3.02 11.41
N GLY A 43 10.93 -3.24 12.64
CA GLY A 43 10.75 -4.53 13.28
C GLY A 43 9.29 -4.86 13.55
N MET A 44 8.57 -3.92 14.16
CA MET A 44 7.17 -4.19 14.45
C MET A 44 6.39 -4.43 13.17
N LEU A 45 6.59 -3.57 12.16
CA LEU A 45 5.86 -3.75 10.92
C LEU A 45 6.18 -5.08 10.26
N SER A 46 7.46 -5.45 10.20
CA SER A 46 7.84 -6.70 9.57
C SER A 46 7.31 -7.90 10.33
N ASN A 47 7.38 -7.87 11.66
CA ASN A 47 7.05 -9.05 12.46
C ASN A 47 5.55 -9.22 12.68
N LEU A 48 4.74 -8.19 12.42
CA LEU A 48 3.30 -8.38 12.53
C LEU A 48 2.81 -9.46 11.57
N ASP A 49 3.30 -9.44 10.33
CA ASP A 49 2.87 -10.41 9.33
C ASP A 49 3.99 -10.56 8.30
N PRO A 50 3.94 -11.62 7.49
CA PRO A 50 5.02 -11.82 6.50
C PRO A 50 5.18 -10.68 5.51
N HIS A 51 4.10 -9.94 5.22
CA HIS A 51 4.09 -9.01 4.09
C HIS A 51 4.30 -7.55 4.50
N SER A 52 3.61 -7.10 5.54
CA SER A 52 3.71 -5.69 5.92
C SER A 52 5.14 -5.34 6.32
N ALA A 53 5.56 -4.12 5.98
CA ALA A 53 6.92 -3.71 6.26
C ALA A 53 7.05 -2.20 6.05
N TYR A 54 7.84 -1.56 6.92
CA TYR A 54 8.21 -0.18 6.72
C TYR A 54 8.92 -0.01 5.39
N LEU A 55 8.56 1.04 4.66
CA LEU A 55 9.17 1.34 3.36
C LEU A 55 9.99 2.61 3.48
N GLY A 56 11.27 2.52 3.12
CA GLY A 56 12.14 3.67 3.10
C GLY A 56 11.92 4.50 1.85
N PRO A 57 12.78 5.50 1.65
CA PRO A 57 12.61 6.37 0.49
C PRO A 57 12.95 5.67 -0.81
N GLU A 58 14.09 4.99 -0.88
CA GLU A 58 14.42 4.20 -2.06
C GLU A 58 13.40 3.09 -2.27
N ASP A 59 13.03 2.39 -1.20
CA ASP A 59 12.04 1.32 -1.32
C ASP A 59 10.69 1.86 -1.76
N PHE A 60 10.27 3.00 -1.20
CA PHE A 60 8.98 3.57 -1.57
C PHE A 60 8.99 3.99 -3.05
N ALA A 61 10.07 4.62 -3.50
CA ALA A 61 10.17 4.99 -4.90
C ALA A 61 10.15 3.76 -5.79
N GLU A 62 10.86 2.71 -5.38
CA GLU A 62 10.88 1.47 -6.16
C GLU A 62 9.48 0.87 -6.27
N LEU A 63 8.74 0.84 -5.15
CA LEU A 63 7.38 0.32 -5.19
C LEU A 63 6.48 1.17 -6.08
N GLN A 64 6.62 2.49 -5.99
CA GLN A 64 5.79 3.36 -6.82
C GLN A 64 6.09 3.14 -8.29
N GLU A 65 7.37 2.95 -8.65
CA GLU A 65 7.72 2.62 -10.02
C GLU A 65 7.14 1.26 -10.43
N SER A 66 7.21 0.29 -9.53
CA SER A 66 6.75 -1.06 -9.88
C SER A 66 5.25 -1.08 -10.13
N THR A 67 4.47 -0.54 -9.20
CA THR A 67 3.02 -0.55 -9.37
C THR A 67 2.59 0.30 -10.55
N SER A 68 3.18 1.48 -10.72
CA SER A 68 2.86 2.39 -11.81
C SER A 68 3.89 2.20 -12.92
N GLY A 69 3.43 1.74 -14.08
CA GLY A 69 4.35 1.38 -15.16
C GLY A 69 5.28 2.50 -15.56
N GLU A 70 4.93 3.75 -15.27
CA GLU A 70 5.78 4.87 -15.63
C GLU A 70 7.10 4.82 -14.86
N PHE A 71 8.19 5.04 -15.58
CA PHE A 71 9.50 5.17 -14.95
C PHE A 71 10.43 5.89 -15.92
N GLY A 72 11.54 6.39 -15.36
CA GLY A 72 12.54 7.09 -16.14
C GLY A 72 13.68 6.17 -16.50
N GLY A 73 13.82 5.90 -17.79
CA GLY A 73 14.85 4.99 -18.25
C GLY A 73 15.00 5.04 -19.76
N LEU A 74 15.89 4.20 -20.27
CA LEU A 74 16.19 4.17 -21.69
C LEU A 74 15.26 3.26 -22.47
N GLY A 75 14.39 2.50 -21.80
CA GLY A 75 13.52 1.57 -22.48
C GLY A 75 14.29 0.46 -23.17
N ILE A 76 15.25 -0.13 -22.46
CA ILE A 76 16.06 -1.21 -22.98
C ILE A 76 15.99 -2.39 -22.03
N GLU A 77 15.72 -3.57 -22.57
CA GLU A 77 15.79 -4.82 -21.82
C GLU A 77 17.13 -5.46 -22.09
N VAL A 78 17.87 -5.77 -21.01
CA VAL A 78 19.26 -6.17 -21.12
C VAL A 78 19.49 -7.46 -20.34
N GLY A 79 20.59 -8.13 -20.67
CA GLY A 79 21.02 -9.31 -19.96
C GLY A 79 22.53 -9.36 -19.85
N SER A 80 23.00 -10.10 -18.86
CA SER A 80 24.43 -10.21 -18.58
C SER A 80 25.07 -11.21 -19.54
N GLU A 81 26.24 -10.86 -20.06
CA GLU A 81 26.95 -11.72 -21.00
C GLU A 81 28.44 -11.44 -20.90
N ASP A 82 29.19 -12.41 -20.39
CA ASP A 82 30.65 -12.37 -20.32
C ASP A 82 31.16 -10.98 -19.96
N GLY A 83 30.54 -10.39 -18.94
CA GLY A 83 30.95 -9.09 -18.45
C GLY A 83 30.48 -7.91 -19.26
N PHE A 84 29.76 -8.14 -20.36
CA PHE A 84 29.17 -7.08 -21.16
C PHE A 84 27.66 -7.18 -21.08
N ILE A 85 27.01 -6.03 -20.86
CA ILE A 85 25.55 -5.99 -20.76
C ILE A 85 24.97 -6.14 -22.16
N LYS A 86 24.26 -7.24 -22.40
CA LYS A 86 23.71 -7.54 -23.71
C LYS A 86 22.26 -7.04 -23.79
N VAL A 87 21.95 -6.33 -24.87
CA VAL A 87 20.60 -5.81 -25.09
C VAL A 87 19.73 -6.99 -25.53
N VAL A 88 18.96 -7.54 -24.61
CA VAL A 88 18.06 -8.64 -24.95
C VAL A 88 17.04 -8.19 -26.00
N SER A 89 16.46 -7.02 -25.80
CA SER A 89 15.49 -6.49 -26.76
C SER A 89 15.26 -5.00 -26.49
N PRO A 90 15.33 -4.14 -27.51
CA PRO A 90 15.00 -2.73 -27.31
C PRO A 90 13.49 -2.52 -27.39
N ILE A 91 12.89 -2.08 -26.30
CA ILE A 91 11.45 -1.89 -26.25
C ILE A 91 11.04 -0.86 -27.29
N ASP A 92 9.92 -1.11 -27.95
CA ASP A 92 9.44 -0.21 -28.99
C ASP A 92 8.95 1.10 -28.40
N ASP A 93 9.00 2.16 -29.21
CA ASP A 93 8.58 3.49 -28.79
C ASP A 93 9.40 3.95 -27.58
N THR A 94 10.71 3.87 -27.71
CA THR A 94 11.64 4.20 -26.64
C THR A 94 12.80 4.99 -27.22
N PRO A 95 13.55 5.69 -26.39
CA PRO A 95 14.76 6.36 -26.89
C PRO A 95 15.71 5.40 -27.60
N ALA A 96 15.83 4.17 -27.07
CA ALA A 96 16.65 3.17 -27.74
C ALA A 96 16.08 2.78 -29.10
N ALA A 97 14.76 2.61 -29.18
CA ALA A 97 14.14 2.23 -30.45
C ALA A 97 14.41 3.28 -31.52
N ARG A 98 14.26 4.56 -31.18
CA ARG A 98 14.63 5.64 -32.09
C ARG A 98 16.14 5.82 -32.19
N ALA A 99 16.91 5.15 -31.34
CA ALA A 99 18.37 5.19 -31.41
C ALA A 99 18.94 4.06 -32.25
N GLY A 100 18.10 3.19 -32.81
CA GLY A 100 18.57 2.14 -33.69
C GLY A 100 19.11 0.91 -33.00
N ILE A 101 19.02 0.82 -31.67
CA ILE A 101 19.49 -0.37 -30.98
C ILE A 101 18.69 -1.58 -31.45
N GLN A 102 19.36 -2.71 -31.53
CA GLN A 102 18.79 -3.96 -32.04
C GLN A 102 19.10 -5.08 -31.07
N PRO A 103 18.36 -6.19 -31.16
CA PRO A 103 18.65 -7.33 -30.29
C PRO A 103 20.07 -7.85 -30.52
N GLY A 104 20.68 -8.31 -29.43
CA GLY A 104 22.05 -8.78 -29.47
C GLY A 104 23.10 -7.71 -29.26
N ASP A 105 22.69 -6.44 -29.19
CA ASP A 105 23.65 -5.36 -28.97
C ASP A 105 24.28 -5.48 -27.60
N LEU A 106 25.59 -5.22 -27.53
CA LEU A 106 26.37 -5.37 -26.31
C LEU A 106 26.74 -4.00 -25.77
N ILE A 107 26.13 -3.62 -24.65
CA ILE A 107 26.47 -2.36 -23.99
C ILE A 107 27.79 -2.56 -23.26
N VAL A 108 28.77 -1.70 -23.54
CA VAL A 108 30.12 -1.87 -23.01
C VAL A 108 30.51 -0.66 -22.17
N GLN A 109 29.94 0.50 -22.47
CA GLN A 109 30.25 1.73 -21.74
C GLN A 109 29.00 2.56 -21.55
N ILE A 110 28.87 3.18 -20.39
CA ILE A 110 27.80 4.11 -20.08
C ILE A 110 28.44 5.49 -19.98
N ASP A 111 28.31 6.30 -21.03
CA ASP A 111 28.97 7.59 -21.14
C ASP A 111 30.49 7.46 -21.08
N GLY A 112 31.01 6.25 -21.32
CA GLY A 112 32.44 6.03 -21.30
C GLY A 112 32.88 5.03 -20.26
N LYS A 113 32.28 5.06 -19.08
CA LYS A 113 32.68 4.15 -18.01
C LYS A 113 32.35 2.72 -18.41
N PRO A 114 33.29 1.78 -18.29
CA PRO A 114 33.04 0.42 -18.78
C PRO A 114 31.95 -0.29 -17.98
N THR A 115 31.23 -1.16 -18.68
CA THR A 115 30.29 -2.06 -18.00
C THR A 115 31.00 -3.21 -17.31
N LYS A 116 32.24 -3.50 -17.69
CA LYS A 116 33.01 -4.51 -17.00
C LYS A 116 33.31 -4.07 -15.58
N GLY A 117 33.24 -5.00 -14.63
CA GLY A 117 33.44 -4.69 -13.24
C GLY A 117 32.25 -4.06 -12.55
N GLN A 118 31.13 -3.91 -13.24
CA GLN A 118 29.91 -3.34 -12.68
C GLN A 118 28.82 -4.40 -12.69
N SER A 119 28.11 -4.53 -11.58
CA SER A 119 27.06 -5.52 -11.46
C SER A 119 25.87 -5.13 -12.33
N MET A 120 24.96 -6.09 -12.53
CA MET A 120 23.74 -5.80 -13.27
C MET A 120 22.94 -4.70 -12.60
N THR A 121 22.84 -4.75 -11.27
CA THR A 121 22.14 -3.68 -10.54
C THR A 121 22.83 -2.34 -10.75
N GLU A 122 24.17 -2.32 -10.70
CA GLU A 122 24.89 -1.07 -10.90
C GLU A 122 24.65 -0.53 -12.31
N ALA A 123 24.69 -1.39 -13.32
CA ALA A 123 24.45 -0.94 -14.69
C ALA A 123 23.03 -0.41 -14.84
N VAL A 124 22.05 -1.10 -14.25
CA VAL A 124 20.66 -0.66 -14.35
C VAL A 124 20.50 0.71 -13.70
N ASP A 125 21.08 0.89 -12.52
CA ASP A 125 20.99 2.19 -11.84
C ASP A 125 21.68 3.27 -12.64
N SER A 126 22.87 2.99 -13.17
CA SER A 126 23.61 4.00 -13.92
C SER A 126 22.87 4.43 -15.17
N MET A 127 22.32 3.47 -15.93
CA MET A 127 21.59 3.81 -17.13
C MET A 127 20.29 4.54 -16.82
N ARG A 128 19.80 4.45 -15.58
CA ARG A 128 18.58 5.12 -15.16
C ARG A 128 18.91 6.44 -14.49
N GLY A 129 17.93 7.33 -14.48
CA GLY A 129 18.12 8.66 -13.94
C GLY A 129 16.92 9.54 -14.24
N LYS A 130 17.10 10.83 -13.98
CA LYS A 130 16.03 11.80 -14.17
C LYS A 130 15.66 11.92 -15.64
N ALA A 131 14.38 12.19 -15.89
CA ALA A 131 13.91 12.40 -17.25
C ALA A 131 14.53 13.65 -17.85
N GLY A 132 14.82 13.59 -19.14
CA GLY A 132 15.41 14.71 -19.85
C GLY A 132 16.91 14.84 -19.69
N SER A 133 17.55 13.95 -18.94
CA SER A 133 18.99 14.03 -18.73
C SER A 133 19.72 13.35 -19.89
N PRO A 134 20.57 14.07 -20.63
CA PRO A 134 21.30 13.42 -21.73
C PRO A 134 22.23 12.33 -21.22
N ILE A 135 22.43 11.32 -22.06
CA ILE A 135 23.30 10.20 -21.75
C ILE A 135 23.84 9.62 -23.04
N THR A 136 25.07 9.13 -23.00
CA THR A 136 25.73 8.53 -24.15
C THR A 136 26.07 7.08 -23.85
N LEU A 137 25.83 6.21 -24.82
CA LEU A 137 26.09 4.78 -24.69
C LEU A 137 26.97 4.32 -25.84
N THR A 138 28.09 3.70 -25.51
CA THR A 138 28.94 3.04 -26.50
C THR A 138 28.60 1.56 -26.48
N ILE A 139 28.14 1.04 -27.62
CA ILE A 139 27.55 -0.28 -27.70
C ILE A 139 28.29 -1.08 -28.77
N VAL A 140 28.70 -2.29 -28.42
CA VAL A 140 29.35 -3.19 -29.37
C VAL A 140 28.28 -4.07 -29.99
N ARG A 141 28.17 -4.01 -31.32
CA ARG A 141 27.12 -4.71 -32.05
C ARG A 141 27.72 -5.97 -32.67
N ASP A 142 27.50 -7.10 -32.01
CA ASP A 142 27.95 -8.40 -32.51
C ASP A 142 29.46 -8.42 -32.71
N GLY A 143 30.19 -7.79 -31.79
CA GLY A 143 31.63 -7.77 -31.85
C GLY A 143 32.23 -6.74 -32.77
N GLY A 144 31.41 -5.85 -33.33
CA GLY A 144 31.91 -4.83 -34.24
C GLY A 144 32.56 -3.69 -33.49
N ARG A 145 32.91 -2.65 -34.25
CA ARG A 145 33.56 -1.49 -33.65
C ARG A 145 32.60 -0.79 -32.70
N PRO A 146 33.01 -0.53 -31.45
CA PRO A 146 32.11 0.19 -30.53
C PRO A 146 31.77 1.57 -31.09
N PHE A 147 30.52 1.97 -30.88
CA PHE A 147 30.05 3.26 -31.35
C PHE A 147 29.16 3.90 -30.29
N ASP A 148 29.43 5.17 -29.99
CA ASP A 148 28.64 5.89 -29.00
C ASP A 148 27.24 6.19 -29.55
N VAL A 149 26.26 6.15 -28.67
CA VAL A 149 24.88 6.44 -29.01
C VAL A 149 24.38 7.53 -28.05
N GLU A 150 23.86 8.61 -28.60
CA GLU A 150 23.42 9.75 -27.80
C GLU A 150 21.94 9.60 -27.46
N LEU A 151 21.63 9.57 -26.17
CA LEU A 151 20.26 9.41 -25.70
C LEU A 151 19.99 10.39 -24.57
N LYS A 152 18.71 10.67 -24.37
CA LYS A 152 18.24 11.45 -23.23
C LYS A 152 17.27 10.60 -22.42
N ARG A 153 17.55 10.46 -21.14
CA ARG A 153 16.67 9.69 -20.26
C ARG A 153 15.27 10.29 -20.32
N ALA A 154 14.29 9.47 -20.69
CA ALA A 154 12.93 9.92 -20.91
C ALA A 154 11.94 9.02 -20.18
N ILE A 155 10.84 9.63 -19.74
CA ILE A 155 9.78 8.85 -19.11
C ILE A 155 9.32 7.76 -20.06
N ILE A 156 8.99 6.59 -19.49
CA ILE A 156 8.58 5.44 -20.28
C ILE A 156 7.58 4.61 -19.48
N LYS A 157 6.61 4.05 -20.19
CA LYS A 157 5.66 3.10 -19.62
C LYS A 157 6.00 1.71 -20.11
N VAL A 158 6.25 0.79 -19.19
CA VAL A 158 6.58 -0.58 -19.55
C VAL A 158 5.29 -1.36 -19.77
N LYS A 159 5.18 -2.00 -20.93
CA LYS A 159 3.97 -2.74 -21.26
C LYS A 159 3.81 -3.92 -20.30
N SER A 160 2.65 -3.98 -19.64
CA SER A 160 2.35 -5.03 -18.68
C SER A 160 1.51 -6.16 -19.26
N VAL A 161 1.18 -6.09 -20.55
CA VAL A 161 0.36 -7.10 -21.21
C VAL A 161 0.98 -7.44 -22.55
N LYS A 162 1.05 -8.73 -22.86
CA LYS A 162 1.66 -9.22 -24.09
C LYS A 162 0.64 -10.05 -24.85
N SER A 163 0.60 -9.87 -26.16
CA SER A 163 -0.41 -10.48 -27.02
C SER A 163 0.24 -11.37 -28.07
N GLN A 164 -0.57 -12.27 -28.62
CA GLN A 164 -0.13 -13.18 -29.67
C GLN A 164 -1.34 -13.95 -30.16
N VAL A 165 -1.26 -14.42 -31.41
CA VAL A 165 -2.32 -15.22 -32.03
C VAL A 165 -1.66 -16.50 -32.54
N LEU A 166 -1.68 -17.55 -31.71
CA LEU A 166 -0.99 -18.78 -32.06
C LEU A 166 -1.63 -19.46 -33.26
N GLU A 167 -2.95 -19.55 -33.28
CA GLU A 167 -3.68 -20.28 -34.32
C GLU A 167 -4.89 -19.45 -34.75
N PRO A 168 -5.32 -19.56 -36.01
CA PRO A 168 -6.53 -18.86 -36.42
C PRO A 168 -7.72 -19.20 -35.55
N GLY A 169 -8.27 -18.19 -34.87
CA GLY A 169 -9.37 -18.40 -33.94
C GLY A 169 -8.95 -18.68 -32.52
N TYR A 170 -7.66 -18.90 -32.27
CA TYR A 170 -7.14 -19.12 -30.93
C TYR A 170 -5.95 -18.20 -30.69
N ALA A 171 -6.02 -17.42 -29.62
CA ALA A 171 -5.02 -16.40 -29.34
C ALA A 171 -4.41 -16.63 -27.97
N TYR A 172 -3.35 -15.85 -27.69
CA TYR A 172 -2.60 -15.93 -26.44
C TYR A 172 -2.45 -14.54 -25.86
N LEU A 173 -2.58 -14.44 -24.54
CA LEU A 173 -2.54 -13.17 -23.85
C LEU A 173 -1.88 -13.37 -22.48
N ARG A 174 -1.02 -12.43 -22.10
CA ARG A 174 -0.26 -12.51 -20.86
C ARG A 174 -0.41 -11.23 -20.05
N ILE A 175 -0.39 -11.39 -18.73
CA ILE A 175 -0.29 -10.27 -17.80
C ILE A 175 0.85 -10.60 -16.86
N THR A 176 2.07 -10.17 -17.21
CA THR A 176 3.23 -10.50 -16.40
C THR A 176 3.13 -9.91 -15.00
N GLN A 177 2.66 -8.65 -14.91
CA GLN A 177 2.57 -7.98 -13.61
C GLN A 177 1.49 -6.91 -13.70
N PHE A 178 0.48 -7.02 -12.85
CA PHE A 178 -0.59 -6.03 -12.82
C PHE A 178 -0.03 -4.66 -12.44
N GLN A 179 -0.58 -3.62 -13.06
CA GLN A 179 -0.16 -2.25 -12.81
C GLN A 179 -1.39 -1.35 -12.89
N VAL A 180 -1.18 -0.05 -12.61
CA VAL A 180 -2.30 0.87 -12.54
C VAL A 180 -3.02 0.95 -13.88
N ASN A 181 -2.28 1.03 -14.97
CA ASN A 181 -2.87 1.10 -16.31
C ASN A 181 -3.13 -0.29 -16.91
N THR A 182 -2.67 -1.36 -16.25
CA THR A 182 -2.81 -2.70 -16.80
C THR A 182 -4.18 -2.90 -17.42
N GLY A 183 -5.23 -2.73 -16.62
CA GLY A 183 -6.59 -2.87 -17.10
C GLY A 183 -6.79 -2.25 -18.47
N GLU A 184 -6.56 -0.94 -18.56
CA GLU A 184 -6.79 -0.26 -19.83
C GLU A 184 -6.10 -1.00 -20.96
N GLU A 185 -4.80 -1.30 -20.79
CA GLU A 185 -4.07 -1.97 -21.85
C GLU A 185 -4.79 -3.23 -22.30
N VAL A 186 -5.16 -4.09 -21.36
CA VAL A 186 -5.75 -5.37 -21.76
C VAL A 186 -7.02 -5.13 -22.56
N VAL A 187 -7.80 -4.13 -22.16
CA VAL A 187 -8.99 -3.79 -22.94
C VAL A 187 -8.60 -3.59 -24.40
N LYS A 188 -7.70 -2.64 -24.65
CA LYS A 188 -7.23 -2.42 -26.01
C LYS A 188 -6.77 -3.73 -26.63
N ALA A 189 -5.99 -4.50 -25.87
CA ALA A 189 -5.47 -5.76 -26.40
C ALA A 189 -6.60 -6.59 -26.98
N LEU A 190 -7.67 -6.78 -26.19
CA LEU A 190 -8.79 -7.59 -26.69
C LEU A 190 -9.25 -7.05 -28.03
N ASN A 191 -9.54 -5.75 -28.10
CA ASN A 191 -9.98 -5.16 -29.34
C ASN A 191 -8.98 -5.46 -30.44
N GLN A 192 -7.70 -5.20 -30.17
CA GLN A 192 -6.67 -5.49 -31.17
C GLN A 192 -6.78 -6.94 -31.63
N LEU A 193 -6.85 -7.87 -30.67
CA LEU A 193 -6.96 -9.28 -31.06
C LEU A 193 -8.17 -9.50 -31.94
N ARG A 194 -9.31 -8.92 -31.58
CA ARG A 194 -10.49 -9.04 -32.43
C ARG A 194 -10.22 -8.44 -33.80
N LYS A 195 -9.63 -7.24 -33.84
CA LYS A 195 -9.26 -6.66 -35.12
C LYS A 195 -8.25 -7.54 -35.84
N ASP A 196 -7.42 -8.26 -35.08
CA ASP A 196 -6.51 -9.22 -35.71
C ASP A 196 -7.29 -10.33 -36.39
N ASN A 197 -8.36 -10.82 -35.77
CA ASN A 197 -9.16 -11.92 -36.30
C ASN A 197 -10.48 -11.44 -36.88
N LYS A 198 -10.50 -10.21 -37.41
CA LYS A 198 -11.62 -9.68 -38.19
C LYS A 198 -12.97 -9.89 -37.49
N GLY A 199 -12.96 -9.95 -36.16
CA GLY A 199 -14.17 -9.95 -35.36
C GLY A 199 -14.46 -11.26 -34.65
N ARG A 200 -14.23 -12.38 -35.30
CA ARG A 200 -14.58 -13.70 -34.76
C ARG A 200 -13.34 -14.33 -34.15
N LEU A 201 -13.41 -14.64 -32.86
CA LEU A 201 -12.35 -15.33 -32.14
C LEU A 201 -12.96 -16.51 -31.40
N LYS A 202 -12.41 -17.70 -31.63
CA LYS A 202 -13.00 -18.91 -31.06
C LYS A 202 -12.54 -19.13 -29.62
N GLY A 203 -11.23 -19.20 -29.40
CA GLY A 203 -10.71 -19.45 -28.07
C GLY A 203 -9.62 -18.45 -27.71
N LEU A 204 -9.42 -18.28 -26.42
CA LEU A 204 -8.42 -17.37 -25.89
C LEU A 204 -7.72 -18.02 -24.71
N VAL A 205 -6.41 -17.85 -24.63
CA VAL A 205 -5.60 -18.37 -23.53
C VAL A 205 -5.01 -17.18 -22.79
N LEU A 206 -5.32 -17.07 -21.50
CA LEU A 206 -4.75 -16.06 -20.64
C LEU A 206 -3.60 -16.67 -19.85
N ASP A 207 -2.49 -15.94 -19.77
CA ASP A 207 -1.29 -16.41 -19.08
C ASP A 207 -1.07 -15.56 -17.84
N LEU A 208 -1.24 -16.17 -16.67
CA LEU A 208 -0.96 -15.52 -15.40
C LEU A 208 0.23 -16.12 -14.69
N ARG A 209 0.86 -17.15 -15.26
CA ARG A 209 1.95 -17.83 -14.58
C ARG A 209 3.07 -16.85 -14.25
N ASN A 210 3.55 -16.90 -13.00
CA ASN A 210 4.65 -16.07 -12.55
C ASN A 210 4.29 -14.59 -12.63
N ASN A 211 3.19 -14.23 -11.97
CA ASN A 211 2.75 -12.83 -11.85
C ASN A 211 2.68 -12.48 -10.38
N PRO A 212 3.68 -11.77 -9.82
CA PRO A 212 3.69 -11.52 -8.38
C PRO A 212 2.60 -10.58 -7.89
N GLY A 213 1.85 -9.93 -8.78
CA GLY A 213 0.69 -9.16 -8.36
C GLY A 213 0.60 -7.76 -8.93
N GLY A 214 0.05 -6.84 -8.15
CA GLY A 214 -0.12 -5.48 -8.59
C GLY A 214 -1.20 -4.80 -7.77
N VAL A 215 -1.67 -3.66 -8.29
CA VAL A 215 -2.68 -2.88 -7.60
C VAL A 215 -4.03 -3.57 -7.74
N LEU A 216 -4.80 -3.60 -6.64
CA LEU A 216 -6.06 -4.32 -6.64
C LEU A 216 -7.05 -3.73 -7.63
N GLN A 217 -7.09 -2.41 -7.76
CA GLN A 217 -8.06 -1.79 -8.64
C GLN A 217 -7.90 -2.26 -10.08
N SER A 218 -6.66 -2.33 -10.56
CA SER A 218 -6.43 -2.83 -11.92
C SER A 218 -6.79 -4.31 -12.04
N ALA A 219 -6.58 -5.09 -10.99
CA ALA A 219 -6.99 -6.49 -11.02
C ALA A 219 -8.50 -6.59 -11.19
N VAL A 220 -9.25 -5.79 -10.44
CA VAL A 220 -10.70 -5.80 -10.58
C VAL A 220 -11.11 -5.33 -11.96
N GLU A 221 -10.41 -4.32 -12.50
CA GLU A 221 -10.73 -3.84 -13.84
C GLU A 221 -10.50 -4.93 -14.87
N VAL A 222 -9.39 -5.67 -14.76
CA VAL A 222 -9.12 -6.75 -15.70
C VAL A 222 -10.20 -7.82 -15.57
N ALA A 223 -10.58 -8.16 -14.34
CA ALA A 223 -11.64 -9.14 -14.14
C ALA A 223 -12.93 -8.70 -14.82
N ASP A 224 -13.34 -7.46 -14.59
CA ASP A 224 -14.58 -6.96 -15.16
C ASP A 224 -14.50 -6.85 -16.68
N ALA A 225 -13.29 -6.68 -17.23
CA ALA A 225 -13.16 -6.53 -18.67
C ALA A 225 -13.65 -7.76 -19.42
N PHE A 226 -13.75 -8.91 -18.76
CA PHE A 226 -14.30 -10.12 -19.36
C PHE A 226 -15.64 -10.51 -18.75
N LEU A 227 -15.72 -10.62 -17.43
CA LEU A 227 -16.98 -10.95 -16.77
C LEU A 227 -17.98 -9.83 -16.98
N THR A 228 -19.26 -10.22 -17.06
CA THR A 228 -20.34 -9.28 -17.40
C THR A 228 -21.07 -8.76 -16.17
N LYS A 229 -21.64 -9.66 -15.36
CA LYS A 229 -22.46 -9.27 -14.22
C LYS A 229 -21.92 -9.95 -12.97
N GLY A 230 -22.63 -9.76 -11.85
CA GLY A 230 -22.20 -10.31 -10.58
C GLY A 230 -21.14 -9.44 -9.91
N LEU A 231 -20.60 -9.98 -8.83
CA LEU A 231 -19.57 -9.30 -8.05
C LEU A 231 -18.26 -10.05 -8.18
N ILE A 232 -17.18 -9.32 -8.45
CA ILE A 232 -15.88 -9.94 -8.66
C ILE A 232 -15.26 -10.35 -7.32
N VAL A 233 -15.05 -9.37 -6.43
CA VAL A 233 -14.39 -9.63 -5.16
C VAL A 233 -14.79 -8.54 -4.18
N TYR A 234 -15.00 -8.93 -2.93
CA TYR A 234 -15.26 -8.00 -1.85
C TYR A 234 -14.25 -8.24 -0.73
N THR A 235 -13.82 -7.17 -0.10
CA THR A 235 -12.82 -7.22 0.96
C THR A 235 -13.48 -7.01 2.32
N LYS A 236 -12.90 -7.64 3.34
CA LYS A 236 -13.40 -7.51 4.70
C LYS A 236 -12.23 -7.33 5.65
N GLY A 237 -12.36 -6.37 6.58
CA GLY A 237 -11.31 -6.10 7.53
C GLY A 237 -11.86 -5.31 8.70
N ARG A 238 -11.00 -5.09 9.69
CA ARG A 238 -11.43 -4.39 10.90
C ARG A 238 -11.79 -2.94 10.61
N ILE A 239 -10.96 -2.23 9.84
CA ILE A 239 -11.24 -0.83 9.56
C ILE A 239 -12.51 -0.71 8.74
N ALA A 240 -13.22 0.41 8.90
CA ALA A 240 -14.50 0.59 8.23
C ALA A 240 -14.34 0.60 6.72
N ASN A 241 -13.33 1.30 6.22
CA ASN A 241 -13.15 1.44 4.77
C ASN A 241 -12.66 0.16 4.11
N SER A 242 -12.23 -0.84 4.89
CA SER A 242 -11.82 -2.10 4.30
C SER A 242 -12.99 -2.80 3.62
N GLU A 243 -14.17 -2.75 4.23
CA GLU A 243 -15.35 -3.38 3.65
C GLU A 243 -15.69 -2.65 2.37
N LEU A 244 -15.35 -3.27 1.23
CA LEU A 244 -15.55 -2.67 -0.07
C LEU A 244 -15.77 -3.77 -1.09
N ARG A 245 -16.82 -3.65 -1.89
CA ARG A 245 -17.22 -4.66 -2.86
C ARG A 245 -17.25 -4.04 -4.24
N PHE A 246 -16.65 -4.72 -5.21
CA PHE A 246 -16.72 -4.34 -6.61
C PHE A 246 -17.78 -5.18 -7.31
N SER A 247 -18.14 -4.74 -8.51
CA SER A 247 -19.15 -5.43 -9.30
C SER A 247 -18.77 -5.38 -10.78
N ALA A 248 -19.21 -6.38 -11.51
CA ALA A 248 -18.87 -6.53 -12.93
C ALA A 248 -19.80 -5.66 -13.75
N ASP A 249 -19.25 -4.61 -14.36
CA ASP A 249 -20.05 -3.78 -15.25
C ASP A 249 -20.49 -4.62 -16.44
N PRO A 250 -21.71 -4.42 -16.95
CA PRO A 250 -22.20 -5.28 -18.03
C PRO A 250 -21.30 -5.27 -19.26
N ALA A 251 -20.71 -4.13 -19.59
CA ALA A 251 -19.87 -4.03 -20.78
C ALA A 251 -18.67 -4.96 -20.67
N ASP A 252 -18.37 -5.65 -21.77
CA ASP A 252 -17.18 -6.49 -21.86
C ASP A 252 -16.86 -6.74 -23.32
N PRO A 253 -15.64 -6.42 -23.80
CA PRO A 253 -15.29 -6.73 -25.18
C PRO A 253 -14.95 -8.18 -25.44
N SER A 254 -15.08 -9.05 -24.43
CA SER A 254 -14.70 -10.45 -24.60
C SER A 254 -15.57 -11.19 -25.59
N ASP A 255 -16.79 -10.72 -25.83
CA ASP A 255 -17.75 -11.41 -26.70
C ASP A 255 -18.07 -12.81 -26.20
N LYS A 256 -18.02 -13.00 -24.88
CA LYS A 256 -18.35 -14.29 -24.26
C LYS A 256 -17.50 -15.41 -24.86
N VAL A 257 -16.27 -15.08 -25.23
CA VAL A 257 -15.36 -16.07 -25.81
C VAL A 257 -15.03 -17.12 -24.75
N PRO A 258 -15.09 -18.42 -25.06
CA PRO A 258 -14.61 -19.41 -24.11
C PRO A 258 -13.15 -19.14 -23.74
N LEU A 259 -12.88 -19.11 -22.44
CA LEU A 259 -11.59 -18.67 -21.92
C LEU A 259 -11.02 -19.74 -21.01
N VAL A 260 -9.73 -20.00 -21.16
CA VAL A 260 -8.98 -20.90 -20.29
C VAL A 260 -7.83 -20.09 -19.70
N VAL A 261 -7.68 -20.16 -18.38
CA VAL A 261 -6.73 -19.33 -17.64
C VAL A 261 -5.73 -20.24 -16.95
N LEU A 262 -4.45 -19.95 -17.14
CA LEU A 262 -3.39 -20.68 -16.46
C LEU A 262 -3.09 -20.03 -15.12
N ILE A 263 -2.62 -20.85 -14.18
CA ILE A 263 -2.16 -20.37 -12.88
C ILE A 263 -1.02 -21.26 -12.42
N ASN A 264 0.12 -20.65 -12.11
CA ASN A 264 1.30 -21.35 -11.66
C ASN A 264 1.55 -21.03 -10.18
N GLY A 265 2.53 -21.72 -9.59
CA GLY A 265 2.93 -21.39 -8.24
C GLY A 265 3.44 -19.98 -8.08
N GLY A 266 3.81 -19.32 -9.18
CA GLY A 266 4.23 -17.95 -9.18
C GLY A 266 3.15 -16.93 -9.40
N SER A 267 1.88 -17.35 -9.39
CA SER A 267 0.76 -16.43 -9.53
C SER A 267 0.30 -15.97 -8.16
N ALA A 268 0.04 -14.67 -8.04
CA ALA A 268 -0.09 -14.03 -6.73
C ALA A 268 -1.41 -13.28 -6.57
N ALA A 269 -1.48 -12.44 -5.52
CA ALA A 269 -2.72 -11.84 -5.08
C ALA A 269 -3.63 -11.39 -6.21
N ALA A 270 -3.15 -10.50 -7.08
CA ALA A 270 -4.01 -10.01 -8.16
C ALA A 270 -4.37 -11.14 -9.13
N ALA A 271 -3.39 -11.96 -9.49
CA ALA A 271 -3.68 -13.09 -10.37
C ALA A 271 -4.68 -14.05 -9.72
N GLU A 272 -4.52 -14.30 -8.43
CA GLU A 272 -5.46 -15.17 -7.73
C GLU A 272 -6.84 -14.54 -7.68
N ILE A 273 -6.93 -13.21 -7.56
CA ILE A 273 -8.22 -12.54 -7.59
C ILE A 273 -8.90 -12.77 -8.93
N VAL A 274 -8.17 -12.53 -10.01
CA VAL A 274 -8.77 -12.70 -11.34
C VAL A 274 -9.17 -14.15 -11.54
N ALA A 275 -8.33 -15.09 -11.10
CA ALA A 275 -8.63 -16.51 -11.27
C ALA A 275 -9.89 -16.90 -10.50
N GLY A 276 -9.96 -16.51 -9.23
CA GLY A 276 -11.14 -16.82 -8.44
C GLY A 276 -12.39 -16.20 -9.00
N ALA A 277 -12.30 -14.97 -9.52
CA ALA A 277 -13.45 -14.34 -10.14
C ALA A 277 -13.91 -15.13 -11.35
N LEU A 278 -12.99 -15.42 -12.27
CA LEU A 278 -13.36 -16.14 -13.48
C LEU A 278 -13.71 -17.60 -13.23
N GLN A 279 -13.41 -18.13 -12.04
CA GLN A 279 -13.78 -19.51 -11.73
C GLN A 279 -15.13 -19.59 -11.02
N ASP A 280 -15.24 -18.94 -9.85
CA ASP A 280 -16.49 -18.98 -9.11
C ASP A 280 -17.65 -18.42 -9.93
N GLN A 281 -17.35 -17.57 -10.90
CA GLN A 281 -18.28 -17.26 -11.98
C GLN A 281 -17.94 -18.19 -13.15
N LYS A 282 -18.90 -18.99 -13.58
CA LYS A 282 -18.61 -20.02 -14.56
C LYS A 282 -18.38 -19.39 -15.93
N ARG A 283 -17.27 -18.67 -16.06
CA ARG A 283 -16.94 -17.96 -17.29
C ARG A 283 -15.64 -18.41 -17.94
N ALA A 284 -14.81 -19.19 -17.24
CA ALA A 284 -13.55 -19.65 -17.79
C ALA A 284 -13.14 -20.93 -17.08
N ILE A 285 -11.95 -21.43 -17.41
CA ILE A 285 -11.43 -22.69 -16.89
C ILE A 285 -10.04 -22.46 -16.31
N LEU A 286 -9.72 -23.15 -15.23
CA LEU A 286 -8.45 -23.04 -14.55
C LEU A 286 -7.66 -24.32 -14.72
N MET A 287 -6.52 -24.25 -15.41
CA MET A 287 -5.63 -25.38 -15.59
C MET A 287 -4.21 -24.96 -15.24
N GLY A 288 -3.55 -25.78 -14.45
CA GLY A 288 -2.19 -25.51 -14.03
C GLY A 288 -1.94 -26.08 -12.65
N THR A 289 -0.83 -25.67 -12.05
CA THR A 289 -0.50 -26.06 -10.68
C THR A 289 -1.25 -25.15 -9.71
N ASP A 290 -1.00 -25.33 -8.42
CA ASP A 290 -1.61 -24.46 -7.43
C ASP A 290 -1.03 -23.05 -7.52
N SER A 291 -1.69 -22.12 -6.86
CA SER A 291 -1.28 -20.72 -6.85
C SER A 291 -0.59 -20.39 -5.53
N PHE A 292 -0.04 -19.18 -5.47
CA PHE A 292 0.70 -18.75 -4.29
C PHE A 292 -0.17 -18.77 -3.04
N GLY A 293 -1.48 -18.68 -3.18
CA GLY A 293 -2.38 -18.77 -2.05
C GLY A 293 -2.21 -17.65 -1.04
N LYS A 294 -2.04 -16.43 -1.51
CA LYS A 294 -1.99 -15.25 -0.65
C LYS A 294 -3.26 -14.45 -0.84
N GLY A 295 -3.97 -14.17 0.25
CA GLY A 295 -5.04 -13.20 0.21
C GLY A 295 -4.84 -12.11 1.22
N SER A 296 -4.48 -10.91 0.76
CA SER A 296 -4.33 -9.76 1.63
C SER A 296 -4.24 -8.48 0.81
N VAL A 297 -5.20 -7.58 0.96
CA VAL A 297 -5.13 -6.27 0.32
C VAL A 297 -4.41 -5.32 1.28
N GLN A 298 -3.33 -4.72 0.81
CA GLN A 298 -2.48 -3.88 1.64
C GLN A 298 -2.56 -2.43 1.17
N THR A 299 -2.45 -1.51 2.12
CA THR A 299 -2.49 -0.08 1.86
C THR A 299 -1.14 0.53 2.18
N VAL A 300 -0.71 1.48 1.33
CA VAL A 300 0.54 2.20 1.54
C VAL A 300 0.16 3.51 2.21
N LEU A 301 0.15 3.50 3.54
CA LEU A 301 -0.26 4.67 4.30
C LEU A 301 0.85 5.73 4.27
N PRO A 302 0.59 6.94 3.79
CA PRO A 302 1.66 7.94 3.72
C PRO A 302 2.14 8.33 5.10
N LEU A 303 3.42 8.71 5.17
CA LEU A 303 4.03 9.22 6.39
C LEU A 303 4.66 10.58 6.10
N ASN A 304 4.74 11.40 7.14
CA ASN A 304 5.24 12.77 6.98
C ASN A 304 6.71 12.79 6.56
N ASN A 305 7.42 11.67 6.70
CA ASN A 305 8.83 11.59 6.37
C ASN A 305 9.07 11.22 4.90
N ASP A 306 8.01 11.12 4.10
CA ASP A 306 8.05 10.66 2.72
C ASP A 306 8.43 9.19 2.63
N ARG A 307 8.51 8.47 3.76
CA ARG A 307 8.82 7.05 3.80
C ARG A 307 7.57 6.37 4.35
N ALA A 308 6.64 6.04 3.46
CA ALA A 308 5.37 5.47 3.87
C ALA A 308 5.58 4.05 4.38
N LEU A 309 4.49 3.43 4.82
CA LEU A 309 4.51 2.05 5.29
C LEU A 309 3.36 1.28 4.67
N LYS A 310 3.60 0.00 4.39
CA LYS A 310 2.62 -0.89 3.79
C LYS A 310 2.12 -1.85 4.86
N LEU A 311 0.80 -1.93 5.01
CA LEU A 311 0.18 -2.77 6.01
C LEU A 311 -0.94 -3.59 5.39
N THR A 312 -1.16 -4.78 5.93
CA THR A 312 -2.24 -5.65 5.48
C THR A 312 -3.56 -5.09 6.01
N THR A 313 -4.28 -4.37 5.15
CA THR A 313 -5.48 -3.68 5.58
C THR A 313 -6.68 -4.63 5.67
N ALA A 314 -6.73 -5.69 4.86
CA ALA A 314 -7.92 -6.54 4.85
C ALA A 314 -7.63 -7.80 4.05
N LEU A 315 -8.44 -8.82 4.34
CA LEU A 315 -8.53 -10.00 3.49
C LEU A 315 -9.58 -9.78 2.41
N TYR A 316 -9.66 -10.72 1.48
CA TYR A 316 -10.68 -10.68 0.44
C TYR A 316 -11.29 -12.07 0.26
N TYR A 317 -12.38 -12.12 -0.49
CA TYR A 317 -13.13 -13.34 -0.70
C TYR A 317 -13.57 -13.42 -2.15
N THR A 318 -13.51 -14.62 -2.71
CA THR A 318 -14.04 -14.84 -4.04
C THR A 318 -15.57 -14.78 -4.01
N PRO A 319 -16.21 -14.59 -5.16
CA PRO A 319 -17.66 -14.35 -5.16
C PRO A 319 -18.45 -15.36 -4.35
N ASN A 320 -18.02 -16.62 -4.31
CA ASN A 320 -18.70 -17.62 -3.51
C ASN A 320 -18.67 -17.31 -2.02
N GLY A 321 -17.79 -16.43 -1.58
CA GLY A 321 -17.59 -16.20 -0.16
C GLY A 321 -16.48 -17.04 0.45
N ARG A 322 -15.50 -17.44 -0.35
CA ARG A 322 -14.39 -18.28 0.11
C ARG A 322 -13.16 -17.41 0.29
N SER A 323 -12.50 -17.56 1.43
CA SER A 323 -11.30 -16.80 1.75
C SER A 323 -10.09 -17.61 1.27
N ILE A 324 -9.52 -17.20 0.14
CA ILE A 324 -8.45 -17.98 -0.49
C ILE A 324 -7.13 -17.86 0.23
N GLN A 325 -6.99 -16.92 1.16
CA GLN A 325 -5.74 -16.74 1.88
C GLN A 325 -5.36 -18.03 2.61
N ALA A 326 -4.10 -18.42 2.49
CA ALA A 326 -3.51 -19.56 3.18
C ALA A 326 -3.98 -20.90 2.62
N GLN A 327 -4.78 -20.89 1.56
CA GLN A 327 -5.27 -22.13 0.96
C GLN A 327 -4.90 -22.26 -0.51
N GLY A 328 -5.03 -21.19 -1.29
CA GLY A 328 -4.68 -21.24 -2.70
C GLY A 328 -5.76 -21.86 -3.56
N ILE A 329 -6.02 -21.25 -4.71
CA ILE A 329 -7.02 -21.80 -5.62
C ILE A 329 -6.52 -23.15 -6.15
N VAL A 330 -7.47 -24.04 -6.42
CA VAL A 330 -7.20 -25.38 -6.90
C VAL A 330 -7.68 -25.47 -8.35
N PRO A 331 -6.80 -25.43 -9.34
CA PRO A 331 -7.25 -25.45 -10.73
C PRO A 331 -8.03 -26.73 -11.04
N ASP A 332 -9.02 -26.58 -11.93
CA ASP A 332 -9.89 -27.71 -12.27
C ASP A 332 -9.09 -28.84 -12.91
N ILE A 333 -8.31 -28.52 -13.94
CA ILE A 333 -7.67 -29.56 -14.73
C ILE A 333 -6.51 -30.21 -13.96
N GLU A 334 -5.78 -29.44 -13.17
CA GLU A 334 -4.67 -29.97 -12.38
C GLU A 334 -3.62 -30.62 -13.27
N VAL A 335 -2.99 -29.81 -14.11
CA VAL A 335 -1.95 -30.25 -15.03
C VAL A 335 -0.63 -29.68 -14.55
N GLY A 336 0.34 -30.56 -14.35
CA GLY A 336 1.69 -30.17 -13.98
C GLY A 336 2.59 -30.17 -15.21
N ARG A 337 3.63 -29.34 -15.16
CA ARG A 337 4.54 -29.22 -16.29
C ARG A 337 5.14 -30.58 -16.61
N ALA A 338 5.18 -30.90 -17.90
CA ALA A 338 5.69 -32.19 -18.37
C ALA A 338 6.20 -32.02 -19.79
N LYS A 339 6.73 -33.11 -20.34
CA LYS A 339 7.29 -33.13 -21.69
C LYS A 339 6.56 -34.19 -22.52
N VAL A 340 6.26 -33.84 -23.76
CA VAL A 340 5.50 -34.71 -24.66
C VAL A 340 6.47 -35.43 -25.59
N THR A 341 6.32 -36.75 -25.68
CA THR A 341 7.08 -37.58 -26.59
C THR A 341 6.12 -38.30 -27.54
N GLN A 342 6.50 -38.37 -28.81
CA GLN A 342 5.61 -38.84 -29.87
C GLN A 342 6.09 -40.19 -30.39
N GLU A 343 5.16 -41.13 -30.49
CA GLU A 343 5.45 -42.44 -31.07
C GLU A 343 4.76 -42.60 -32.42
N SER A 377 6.17 -22.08 -38.06
CA SER A 377 7.01 -20.95 -37.67
C SER A 377 7.08 -20.83 -36.15
N GLU A 378 7.21 -19.61 -35.65
CA GLU A 378 7.33 -19.37 -34.22
C GLU A 378 5.98 -19.59 -33.55
N ARG A 379 5.79 -20.79 -33.01
CA ARG A 379 4.56 -21.16 -32.30
C ARG A 379 4.90 -21.64 -30.89
N PRO A 380 4.64 -20.85 -29.84
CA PRO A 380 5.03 -21.30 -28.49
C PRO A 380 4.37 -22.58 -28.04
N GLN A 381 3.26 -22.99 -28.68
CA GLN A 381 2.59 -24.21 -28.25
C GLN A 381 3.52 -25.42 -28.30
N ASP A 382 4.32 -25.54 -29.37
CA ASP A 382 5.25 -26.65 -29.45
C ASP A 382 6.38 -26.52 -28.45
N SER A 383 6.79 -25.29 -28.13
CA SER A 383 7.89 -25.09 -27.20
C SER A 383 7.48 -25.35 -25.76
N ASP A 384 6.23 -25.05 -25.40
CA ASP A 384 5.75 -25.18 -24.02
C ASP A 384 4.65 -26.21 -23.93
N TYR A 385 4.56 -26.85 -22.76
CA TYR A 385 3.61 -27.94 -22.55
C TYR A 385 2.22 -27.41 -22.19
N GLN A 386 2.11 -26.74 -21.04
CA GLN A 386 0.80 -26.35 -20.53
C GLN A 386 0.06 -25.48 -21.52
N LEU A 387 0.79 -24.60 -22.23
CA LEU A 387 0.16 -23.82 -23.28
C LEU A 387 -0.38 -24.73 -24.38
N SER A 388 0.37 -25.78 -24.72
CA SER A 388 -0.09 -26.71 -25.74
C SER A 388 -1.40 -27.37 -25.34
N GLN A 389 -1.47 -27.90 -24.11
CA GLN A 389 -2.71 -28.54 -23.69
C GLN A 389 -3.84 -27.54 -23.52
N ALA A 390 -3.53 -26.29 -23.14
CA ALA A 390 -4.56 -25.27 -23.09
C ALA A 390 -5.16 -25.01 -24.47
N LEU A 391 -4.30 -24.89 -25.48
CA LEU A 391 -4.80 -24.69 -26.84
C LEU A 391 -5.57 -25.91 -27.33
N SER A 392 -5.12 -27.11 -26.95
CA SER A 392 -5.86 -28.32 -27.31
C SER A 392 -7.24 -28.31 -26.68
N LEU A 393 -7.35 -27.91 -25.41
CA LEU A 393 -8.65 -27.82 -24.76
C LEU A 393 -9.53 -26.80 -25.46
N LEU A 394 -8.95 -25.66 -25.84
CA LEU A 394 -9.74 -24.63 -26.52
C LEU A 394 -10.28 -25.14 -27.85
N LYS A 395 -9.43 -25.80 -28.65
CA LYS A 395 -9.92 -26.31 -29.93
C LYS A 395 -10.92 -27.43 -29.75
N GLY A 396 -10.74 -28.28 -28.73
CA GLY A 396 -11.73 -29.28 -28.44
C GLY A 396 -13.08 -28.69 -28.06
N LEU A 397 -13.05 -27.64 -27.23
CA LEU A 397 -14.29 -26.94 -26.90
C LEU A 397 -14.94 -26.34 -28.14
N SER A 398 -14.13 -25.72 -29.01
CA SER A 398 -14.67 -25.12 -30.22
C SER A 398 -15.34 -26.17 -31.10
N VAL A 399 -14.70 -27.34 -31.24
CA VAL A 399 -15.30 -28.40 -32.04
C VAL A 399 -16.59 -28.90 -31.37
N THR A 400 -16.56 -29.11 -30.06
CA THR A 400 -17.75 -29.58 -29.36
C THR A 400 -18.88 -28.57 -29.39
N ARG A 401 -18.57 -27.30 -29.68
CA ARG A 401 -19.63 -26.31 -29.92
C ARG A 401 -20.37 -26.58 -31.22
N GLY A 402 -19.89 -27.49 -32.06
CA GLY A 402 -20.54 -27.79 -33.31
C GLY A 402 -20.26 -26.73 -34.36
N ASN A 403 -21.04 -26.80 -35.44
CA ASN A 403 -20.88 -25.87 -36.56
C ASN A 403 -22.24 -25.45 -37.10
N SER B 5 22.79 20.24 25.89
CA SER B 5 23.23 21.35 25.06
C SER B 5 23.19 20.96 23.58
N ALA B 6 22.40 19.95 23.26
CA ALA B 6 22.20 19.50 21.89
C ALA B 6 20.71 19.24 21.68
N PRO B 7 20.23 19.42 20.45
CA PRO B 7 18.79 19.20 20.19
C PRO B 7 18.40 17.76 20.46
N LEU B 8 17.32 17.59 21.20
CA LEU B 8 16.81 16.25 21.51
C LEU B 8 15.90 15.77 20.39
N PRO B 9 16.19 14.63 19.76
CA PRO B 9 15.39 14.21 18.60
C PRO B 9 14.00 13.74 18.99
N LEU B 10 13.17 14.66 19.48
CA LEU B 10 11.79 14.33 19.82
C LEU B 10 10.96 13.98 18.60
N ASP B 11 11.34 14.48 17.42
CA ASP B 11 10.58 14.20 16.22
C ASP B 11 10.51 12.70 15.94
N GLU B 12 11.62 11.99 16.11
CA GLU B 12 11.62 10.56 15.85
C GLU B 12 10.69 9.82 16.80
N LEU B 13 10.71 10.19 18.09
CA LEU B 13 9.82 9.55 19.05
C LEU B 13 8.35 9.83 18.72
N ARG B 14 8.05 11.07 18.32
CA ARG B 14 6.69 11.40 17.94
C ARG B 14 6.26 10.58 16.72
N THR B 15 7.16 10.43 15.74
CA THR B 15 6.86 9.61 14.58
C THR B 15 6.60 8.17 14.99
N PHE B 16 7.39 7.64 15.91
CA PHE B 16 7.18 6.26 16.37
C PHE B 16 5.83 6.10 17.03
N ALA B 17 5.44 7.06 17.88
CA ALA B 17 4.14 6.98 18.53
C ALA B 17 3.01 7.02 17.50
N GLU B 18 3.12 7.93 16.52
CA GLU B 18 2.09 8.02 15.49
C GLU B 18 2.00 6.71 14.72
N VAL B 19 3.14 6.11 14.38
CA VAL B 19 3.13 4.85 13.66
C VAL B 19 2.48 3.76 14.49
N LEU B 20 2.80 3.71 15.79
CA LEU B 20 2.19 2.69 16.64
C LEU B 20 0.68 2.82 16.66
N ASP B 21 0.17 4.03 16.87
CA ASP B 21 -1.29 4.19 16.92
C ASP B 21 -1.92 3.87 15.57
N ARG B 22 -1.32 4.35 14.48
CA ARG B 22 -1.87 4.06 13.15
C ARG B 22 -1.91 2.56 12.90
N VAL B 23 -0.87 1.84 13.30
CA VAL B 23 -0.83 0.40 13.09
C VAL B 23 -1.90 -0.29 13.93
N LYS B 24 -2.02 0.09 15.21
CA LYS B 24 -3.07 -0.49 16.03
C LYS B 24 -4.44 -0.21 15.46
N ALA B 25 -4.58 0.87 14.69
CA ALA B 25 -5.88 1.18 14.09
C ALA B 25 -6.14 0.37 12.83
N ALA B 26 -5.15 0.25 11.94
CA ALA B 26 -5.39 -0.22 10.59
C ALA B 26 -5.28 -1.73 10.40
N TYR B 27 -4.70 -2.46 11.34
CA TYR B 27 -4.45 -3.88 11.12
C TYR B 27 -5.77 -4.66 11.12
N VAL B 28 -5.76 -5.78 10.39
CA VAL B 28 -6.98 -6.58 10.25
C VAL B 28 -7.35 -7.23 11.58
N GLU B 29 -6.41 -7.88 12.22
CA GLU B 29 -6.69 -8.59 13.46
C GLU B 29 -6.74 -7.61 14.63
N PRO B 30 -7.59 -7.83 15.62
CA PRO B 30 -7.44 -7.08 16.88
C PRO B 30 -6.16 -7.48 17.58
N VAL B 31 -5.18 -6.59 17.58
CA VAL B 31 -3.84 -6.88 18.09
C VAL B 31 -3.57 -5.95 19.26
N ASP B 32 -3.25 -6.53 20.41
CA ASP B 32 -3.03 -5.76 21.62
C ASP B 32 -1.68 -5.03 21.55
N ASP B 33 -1.56 -3.98 22.35
CA ASP B 33 -0.32 -3.20 22.38
C ASP B 33 0.86 -4.07 22.79
N LYS B 34 0.61 -5.12 23.59
CA LYS B 34 1.69 -5.98 24.05
C LYS B 34 2.44 -6.59 22.88
N THR B 35 1.72 -7.21 21.94
CA THR B 35 2.38 -7.82 20.81
C THR B 35 3.08 -6.77 19.95
N LEU B 36 2.46 -5.60 19.80
CA LEU B 36 3.08 -4.53 19.01
C LEU B 36 4.45 -4.17 19.58
N LEU B 37 4.50 -3.87 20.88
CA LEU B 37 5.77 -3.48 21.47
C LEU B 37 6.77 -4.63 21.50
N GLU B 38 6.29 -5.86 21.71
CA GLU B 38 7.20 -7.01 21.68
C GLU B 38 7.86 -7.16 20.31
N ASN B 39 7.06 -7.09 19.25
CA ASN B 39 7.65 -7.17 17.92
C ASN B 39 8.57 -6.00 17.65
N ALA B 40 8.21 -4.81 18.16
CA ALA B 40 9.08 -3.65 17.99
C ALA B 40 10.45 -3.91 18.59
N ILE B 41 10.50 -4.38 19.83
CA ILE B 41 11.79 -4.66 20.47
C ILE B 41 12.52 -5.78 19.73
N LYS B 42 11.80 -6.83 19.34
CA LYS B 42 12.44 -7.93 18.64
C LYS B 42 13.18 -7.44 17.41
N GLY B 43 12.49 -6.69 16.55
CA GLY B 43 13.13 -6.19 15.35
C GLY B 43 14.19 -5.14 15.64
N MET B 44 13.96 -4.30 16.64
CA MET B 44 14.97 -3.33 17.05
C MET B 44 16.29 -4.02 17.32
N LEU B 45 16.25 -5.16 18.01
CA LEU B 45 17.48 -5.91 18.23
C LEU B 45 17.97 -6.58 16.95
N SER B 46 17.05 -7.21 16.21
CA SER B 46 17.46 -8.06 15.09
C SER B 46 18.12 -7.25 13.97
N ASN B 47 17.47 -6.19 13.52
CA ASN B 47 17.96 -5.41 12.39
C ASN B 47 19.26 -4.68 12.69
N LEU B 48 19.66 -4.61 13.95
CA LEU B 48 20.86 -3.86 14.33
C LEU B 48 22.11 -4.73 14.22
N ASP B 49 22.15 -5.84 14.96
CA ASP B 49 23.26 -6.79 14.90
C ASP B 49 22.67 -8.18 14.71
N PRO B 50 22.88 -8.82 13.55
CA PRO B 50 22.13 -10.05 13.25
C PRO B 50 22.24 -11.12 14.32
N HIS B 51 23.42 -11.30 14.92
CA HIS B 51 23.57 -12.32 15.96
C HIS B 51 22.74 -11.99 17.19
N SER B 52 22.61 -10.71 17.54
CA SER B 52 21.89 -10.34 18.74
C SER B 52 20.43 -10.75 18.65
N ALA B 53 19.85 -11.07 19.81
CA ALA B 53 18.45 -11.48 19.87
C ALA B 53 17.91 -11.16 21.25
N TYR B 54 16.58 -11.11 21.34
CA TYR B 54 15.87 -10.75 22.56
C TYR B 54 15.54 -12.02 23.33
N LEU B 55 16.39 -12.39 24.28
CA LEU B 55 16.14 -13.58 25.09
C LEU B 55 14.95 -13.32 26.00
N GLY B 56 13.81 -13.94 25.68
CA GLY B 56 12.60 -13.71 26.43
C GLY B 56 12.64 -14.38 27.79
N PRO B 57 11.56 -14.19 28.57
CA PRO B 57 11.54 -14.73 29.93
C PRO B 57 11.56 -16.24 29.95
N GLU B 58 10.60 -16.86 29.25
CA GLU B 58 10.63 -18.31 29.13
C GLU B 58 11.82 -18.78 28.31
N ASP B 59 12.24 -17.99 27.32
CA ASP B 59 13.47 -18.30 26.60
C ASP B 59 14.67 -18.25 27.53
N PHE B 60 14.71 -17.26 28.43
CA PHE B 60 15.78 -17.19 29.42
C PHE B 60 15.75 -18.41 30.33
N ALA B 61 14.57 -18.80 30.79
CA ALA B 61 14.45 -19.99 31.63
C ALA B 61 14.97 -21.22 30.90
N GLU B 62 14.63 -21.36 29.62
CA GLU B 62 15.14 -22.46 28.82
C GLU B 62 16.67 -22.40 28.73
N LEU B 63 17.21 -21.20 28.52
CA LEU B 63 18.67 -21.06 28.41
C LEU B 63 19.37 -21.35 29.73
N GLN B 64 18.65 -21.26 30.86
CA GLN B 64 19.30 -21.53 32.14
C GLN B 64 19.82 -22.96 32.22
N GLU B 65 19.03 -23.93 31.76
CA GLU B 65 19.46 -25.31 31.73
C GLU B 65 19.01 -25.96 30.43
N SER B 66 19.81 -26.91 29.95
CA SER B 66 19.46 -27.64 28.74
C SER B 66 18.16 -28.41 28.96
N THR B 67 17.24 -28.32 28.00
CA THR B 67 15.98 -29.04 28.13
C THR B 67 16.21 -30.54 28.15
N SER B 68 17.07 -31.04 27.26
CA SER B 68 17.41 -32.45 27.23
C SER B 68 18.56 -32.65 26.27
N GLY B 69 19.47 -33.56 26.61
CA GLY B 69 20.56 -33.91 25.73
C GLY B 69 20.21 -34.92 24.66
N GLU B 70 18.95 -35.34 24.60
CA GLU B 70 18.55 -36.35 23.63
C GLU B 70 18.75 -35.85 22.20
N PHE B 71 18.19 -34.67 21.89
CA PHE B 71 18.28 -34.17 20.53
C PHE B 71 19.70 -33.74 20.20
N GLY B 72 20.12 -34.03 18.98
CA GLY B 72 21.45 -33.64 18.51
C GLY B 72 21.38 -32.47 17.55
N GLY B 73 21.48 -32.76 16.26
CA GLY B 73 21.40 -31.72 15.25
C GLY B 73 22.15 -32.16 14.01
N LEU B 74 22.21 -31.22 13.06
CA LEU B 74 22.95 -31.43 11.82
C LEU B 74 24.41 -31.02 11.92
N GLY B 75 24.84 -30.56 13.10
CA GLY B 75 26.25 -30.28 13.33
C GLY B 75 26.71 -28.94 12.79
N ILE B 76 26.10 -28.48 11.69
CA ILE B 76 26.56 -27.26 11.06
C ILE B 76 26.28 -26.06 11.95
N GLU B 77 26.93 -24.95 11.62
CA GLU B 77 26.74 -23.67 12.30
C GLU B 77 26.44 -22.61 11.25
N VAL B 78 25.74 -21.56 11.67
CA VAL B 78 25.25 -20.54 10.77
C VAL B 78 25.56 -19.16 11.32
N GLY B 79 25.64 -18.19 10.41
CA GLY B 79 25.79 -16.80 10.77
C GLY B 79 24.96 -15.91 9.86
N SER B 80 24.06 -15.12 10.44
CA SER B 80 23.15 -14.32 9.63
C SER B 80 23.92 -13.37 8.73
N GLU B 81 23.43 -13.21 7.51
CA GLU B 81 24.05 -12.31 6.54
C GLU B 81 23.05 -12.05 5.42
N ASP B 82 22.76 -10.77 5.17
CA ASP B 82 21.82 -10.36 4.13
C ASP B 82 20.45 -11.01 4.33
N GLY B 83 20.13 -11.36 5.58
CA GLY B 83 18.84 -11.96 5.88
C GLY B 83 18.73 -13.43 5.54
N PHE B 84 19.79 -14.04 5.01
CA PHE B 84 19.79 -15.44 4.65
C PHE B 84 20.67 -16.21 5.61
N ILE B 85 20.17 -17.33 6.11
CA ILE B 85 20.93 -18.20 7.01
C ILE B 85 21.96 -18.95 6.18
N LYS B 86 23.23 -18.60 6.35
CA LYS B 86 24.32 -19.25 5.63
C LYS B 86 25.11 -20.14 6.58
N VAL B 87 25.68 -21.20 6.03
CA VAL B 87 26.41 -22.20 6.81
C VAL B 87 27.86 -21.76 6.88
N VAL B 88 28.32 -21.41 8.09
CA VAL B 88 29.70 -20.96 8.25
C VAL B 88 30.67 -22.12 8.08
N SER B 89 30.40 -23.24 8.73
CA SER B 89 31.31 -24.38 8.67
C SER B 89 30.58 -25.67 9.03
N PRO B 90 30.58 -26.68 8.15
CA PRO B 90 30.05 -27.99 8.53
C PRO B 90 31.08 -28.74 9.37
N ILE B 91 30.80 -28.85 10.68
CA ILE B 91 31.74 -29.49 11.58
C ILE B 91 32.06 -30.89 11.07
N ASP B 92 33.33 -31.26 11.16
CA ASP B 92 33.77 -32.56 10.67
C ASP B 92 33.12 -33.69 11.46
N ASP B 93 33.04 -34.86 10.84
CA ASP B 93 32.45 -36.04 11.46
C ASP B 93 30.95 -35.82 11.71
N THR B 94 30.23 -35.47 10.64
CA THR B 94 28.81 -35.16 10.74
C THR B 94 28.14 -35.47 9.41
N PRO B 95 26.90 -35.95 9.41
CA PRO B 95 26.24 -36.23 8.12
C PRO B 95 26.18 -35.02 7.20
N ALA B 96 25.93 -33.83 7.74
CA ALA B 96 25.93 -32.63 6.92
C ALA B 96 27.30 -32.41 6.28
N ALA B 97 28.37 -32.56 7.06
CA ALA B 97 29.71 -32.46 6.51
C ALA B 97 30.00 -33.61 5.56
N ARG B 98 29.65 -34.83 5.96
CA ARG B 98 29.85 -35.98 5.08
C ARG B 98 29.03 -35.85 3.80
N ALA B 99 27.79 -35.37 3.92
CA ALA B 99 26.96 -35.12 2.76
C ALA B 99 27.54 -33.97 1.94
N GLY B 100 26.89 -33.66 0.82
CA GLY B 100 27.38 -32.64 -0.07
C GLY B 100 27.14 -31.22 0.41
N ILE B 101 27.78 -30.85 1.51
CA ILE B 101 27.71 -29.49 2.06
C ILE B 101 29.11 -28.90 2.04
N GLN B 102 29.22 -27.68 1.51
CA GLN B 102 30.48 -26.97 1.46
C GLN B 102 30.35 -25.67 2.25
N PRO B 103 31.29 -25.37 3.15
CA PRO B 103 31.19 -24.10 3.89
C PRO B 103 31.13 -22.91 2.95
N GLY B 104 30.32 -21.92 3.31
CA GLY B 104 30.06 -20.79 2.45
C GLY B 104 28.79 -20.88 1.65
N ASP B 105 27.93 -21.87 1.92
CA ASP B 105 26.66 -22.03 1.23
C ASP B 105 25.54 -21.41 2.05
N LEU B 106 24.45 -21.06 1.37
CA LEU B 106 23.32 -20.37 1.97
C LEU B 106 22.14 -21.32 2.08
N ILE B 107 21.52 -21.35 3.25
CA ILE B 107 20.31 -22.14 3.47
C ILE B 107 19.11 -21.24 3.23
N VAL B 108 18.24 -21.64 2.30
CA VAL B 108 17.04 -20.89 1.97
C VAL B 108 15.83 -21.40 2.71
N GLN B 109 15.53 -22.69 2.59
CA GLN B 109 14.38 -23.31 3.23
C GLN B 109 14.85 -24.40 4.18
N ILE B 110 14.33 -24.40 5.40
CA ILE B 110 14.62 -25.41 6.39
C ILE B 110 13.29 -26.03 6.83
N ASP B 111 13.21 -27.36 6.76
CA ASP B 111 12.01 -28.08 7.21
C ASP B 111 10.75 -27.56 6.52
N GLY B 112 10.88 -27.23 5.23
CA GLY B 112 9.73 -26.84 4.44
C GLY B 112 9.25 -25.42 4.61
N LYS B 113 10.03 -24.55 5.26
CA LYS B 113 9.67 -23.14 5.38
C LYS B 113 10.88 -22.27 5.04
N PRO B 114 10.65 -21.11 4.44
CA PRO B 114 11.78 -20.22 4.13
C PRO B 114 12.46 -19.69 5.39
N THR B 115 13.67 -19.18 5.19
CA THR B 115 14.47 -18.63 6.27
C THR B 115 14.80 -17.16 6.11
N LYS B 116 14.43 -16.53 4.99
CA LYS B 116 14.79 -15.13 4.77
C LYS B 116 14.15 -14.21 5.80
N GLY B 117 13.09 -14.66 6.48
CA GLY B 117 12.38 -13.82 7.43
C GLY B 117 12.96 -13.84 8.84
N GLN B 118 13.08 -15.02 9.42
CA GLN B 118 13.47 -15.15 10.82
C GLN B 118 14.97 -14.89 10.98
N SER B 119 15.43 -14.98 12.22
CA SER B 119 16.84 -14.80 12.58
C SER B 119 17.52 -16.15 12.72
N MET B 120 18.86 -16.10 12.78
CA MET B 120 19.63 -17.34 12.87
C MET B 120 19.25 -18.16 14.10
N THR B 121 18.79 -17.50 15.17
CA THR B 121 18.41 -18.24 16.37
C THR B 121 17.27 -19.21 16.06
N GLU B 122 16.22 -18.73 15.39
CA GLU B 122 15.10 -19.59 15.05
C GLU B 122 15.52 -20.70 14.10
N ALA B 123 16.38 -20.39 13.13
CA ALA B 123 16.86 -21.42 12.21
C ALA B 123 17.62 -22.50 12.96
N VAL B 124 18.47 -22.11 13.91
CA VAL B 124 19.20 -23.10 14.70
C VAL B 124 18.25 -23.93 15.53
N ASP B 125 17.24 -23.30 16.14
CA ASP B 125 16.27 -24.05 16.92
C ASP B 125 15.54 -25.07 16.05
N SER B 126 15.17 -24.67 14.83
CA SER B 126 14.52 -25.60 13.93
C SER B 126 15.44 -26.73 13.50
N MET B 127 16.73 -26.44 13.29
CA MET B 127 17.66 -27.46 12.83
C MET B 127 17.70 -28.65 13.79
N ARG B 128 17.90 -28.38 15.08
CA ARG B 128 17.98 -29.45 16.06
C ARG B 128 16.65 -30.20 16.14
N GLY B 129 16.75 -31.50 16.38
CA GLY B 129 15.56 -32.31 16.52
C GLY B 129 15.89 -33.67 17.11
N LYS B 130 14.87 -34.52 17.15
CA LYS B 130 15.01 -35.84 17.74
C LYS B 130 16.12 -36.63 17.05
N ALA B 131 16.82 -37.44 17.82
CA ALA B 131 17.92 -38.24 17.28
C ALA B 131 17.40 -39.27 16.30
N GLY B 132 18.23 -39.58 15.29
CA GLY B 132 17.85 -40.55 14.29
C GLY B 132 16.60 -40.17 13.52
N SER B 133 16.47 -38.89 13.15
CA SER B 133 15.32 -38.38 12.45
C SER B 133 15.74 -37.69 11.16
N PRO B 134 15.15 -38.03 10.02
CA PRO B 134 15.54 -37.36 8.78
C PRO B 134 15.07 -35.91 8.74
N ILE B 135 15.75 -35.13 7.89
CA ILE B 135 15.43 -33.72 7.72
C ILE B 135 15.91 -33.30 6.34
N THR B 136 15.34 -32.21 5.82
CA THR B 136 15.65 -31.73 4.48
C THR B 136 15.98 -30.24 4.52
N LEU B 137 16.99 -29.86 3.74
CA LEU B 137 17.38 -28.47 3.56
C LEU B 137 17.46 -28.15 2.08
N THR B 138 17.15 -26.92 1.72
CA THR B 138 17.26 -26.42 0.35
C THR B 138 18.34 -25.34 0.34
N ILE B 139 19.49 -25.67 -0.24
CA ILE B 139 20.68 -24.83 -0.15
C ILE B 139 21.04 -24.33 -1.54
N VAL B 140 21.24 -23.02 -1.64
CA VAL B 140 21.69 -22.37 -2.87
C VAL B 140 23.17 -22.06 -2.71
N ARG B 141 24.01 -22.70 -3.52
CA ARG B 141 25.45 -22.60 -3.41
C ARG B 141 26.01 -21.80 -4.57
N ASP B 142 26.67 -20.69 -4.27
CA ASP B 142 27.42 -19.92 -5.26
C ASP B 142 26.54 -19.54 -6.45
N GLY B 143 25.30 -19.14 -6.15
CA GLY B 143 24.39 -18.67 -7.17
C GLY B 143 23.69 -19.76 -7.97
N GLY B 144 23.96 -21.02 -7.70
CA GLY B 144 23.28 -22.10 -8.38
C GLY B 144 21.80 -22.11 -8.03
N ARG B 145 21.13 -23.16 -8.51
CA ARG B 145 19.71 -23.25 -8.23
C ARG B 145 19.45 -24.08 -6.98
N PRO B 146 18.35 -23.82 -6.28
CA PRO B 146 18.06 -24.62 -5.08
C PRO B 146 17.92 -26.10 -5.40
N PHE B 147 18.35 -26.94 -4.47
CA PHE B 147 18.22 -28.38 -4.61
C PHE B 147 18.02 -29.00 -3.24
N ASP B 148 17.06 -29.92 -3.16
CA ASP B 148 16.77 -30.57 -1.89
C ASP B 148 17.94 -31.42 -1.44
N VAL B 149 18.21 -31.39 -0.14
CA VAL B 149 19.24 -32.21 0.48
C VAL B 149 18.62 -32.87 1.72
N GLU B 150 18.62 -34.19 1.75
CA GLU B 150 18.05 -34.95 2.86
C GLU B 150 19.16 -35.37 3.81
N LEU B 151 18.98 -35.11 5.10
CA LEU B 151 19.97 -35.41 6.11
C LEU B 151 19.29 -36.04 7.31
N LYS B 152 20.06 -36.81 8.08
CA LYS B 152 19.56 -37.51 9.25
C LYS B 152 20.09 -36.85 10.50
N ARG B 153 19.18 -36.56 11.44
CA ARG B 153 19.52 -35.87 12.67
C ARG B 153 19.77 -36.89 13.77
N ALA B 154 20.96 -36.83 14.39
CA ALA B 154 21.31 -37.74 15.47
C ALA B 154 22.36 -37.07 16.35
N ILE B 155 22.40 -37.52 17.61
CA ILE B 155 23.42 -37.00 18.53
C ILE B 155 24.79 -37.32 17.96
N ILE B 156 25.72 -36.36 18.11
CA ILE B 156 27.01 -36.41 17.44
C ILE B 156 28.12 -36.29 18.46
N LYS B 157 29.15 -37.11 18.30
CA LYS B 157 30.37 -37.04 19.10
C LYS B 157 31.45 -36.37 18.26
N VAL B 158 32.15 -35.41 18.86
CA VAL B 158 33.10 -34.58 18.12
C VAL B 158 34.51 -35.13 18.19
N LYS B 159 34.95 -35.58 19.37
CA LYS B 159 36.25 -36.18 19.66
C LYS B 159 37.35 -35.12 19.74
N SER B 160 37.06 -33.85 19.44
CA SER B 160 38.02 -32.77 19.63
C SER B 160 39.18 -32.98 18.66
N VAL B 161 40.42 -33.13 19.12
CA VAL B 161 41.58 -33.05 18.26
C VAL B 161 42.12 -34.45 17.96
N LYS B 162 42.55 -34.65 16.73
CA LYS B 162 43.24 -35.86 16.31
C LYS B 162 44.64 -35.50 15.84
N SER B 163 45.63 -36.31 16.21
CA SER B 163 47.01 -36.09 15.82
C SER B 163 47.46 -37.29 15.00
N GLN B 164 47.98 -37.01 13.80
CA GLN B 164 48.49 -38.04 12.91
C GLN B 164 49.92 -37.69 12.53
N VAL B 165 50.80 -38.68 12.58
CA VAL B 165 52.19 -38.47 12.19
C VAL B 165 52.24 -38.63 10.67
N LEU B 166 51.98 -37.54 9.96
CA LEU B 166 51.83 -37.62 8.51
C LEU B 166 53.06 -38.22 7.85
N GLU B 167 54.24 -37.91 8.39
CA GLU B 167 55.50 -38.46 7.91
C GLU B 167 56.42 -38.65 9.09
N PRO B 168 57.47 -39.45 8.94
CA PRO B 168 58.41 -39.63 10.07
C PRO B 168 59.03 -38.32 10.54
N GLY B 169 59.12 -37.32 9.67
CA GLY B 169 59.72 -36.04 10.05
C GLY B 169 58.71 -34.97 10.40
N TYR B 170 57.42 -35.23 10.18
CA TYR B 170 56.38 -34.22 10.35
C TYR B 170 55.13 -34.85 10.91
N ALA B 171 54.38 -34.07 11.69
CA ALA B 171 53.12 -34.50 12.28
C ALA B 171 52.02 -33.52 11.90
N TYR B 172 50.85 -34.06 11.59
CA TYR B 172 49.71 -33.28 11.11
C TYR B 172 48.64 -33.34 12.19
N LEU B 173 48.50 -32.25 12.95
CA LEU B 173 47.57 -32.17 14.06
C LEU B 173 46.32 -31.42 13.62
N ARG B 174 45.16 -32.03 13.79
CA ARG B 174 43.90 -31.51 13.31
C ARG B 174 43.01 -31.15 14.49
N ILE B 175 42.42 -29.95 14.44
CA ILE B 175 41.49 -29.47 15.45
C ILE B 175 40.09 -29.48 14.86
N THR B 176 39.19 -30.22 15.49
CA THR B 176 37.82 -30.34 14.97
C THR B 176 36.94 -29.20 15.48
N GLN B 177 36.81 -29.06 16.80
CA GLN B 177 36.03 -27.99 17.38
C GLN B 177 36.62 -27.61 18.73
N PHE B 178 36.51 -26.33 19.07
CA PHE B 178 37.13 -25.79 20.29
C PHE B 178 36.22 -26.02 21.48
N GLN B 179 36.09 -27.30 21.85
CA GLN B 179 35.36 -27.65 23.05
C GLN B 179 36.21 -27.40 24.29
N VAL B 180 35.60 -27.53 25.45
CA VAL B 180 36.36 -27.51 26.69
C VAL B 180 37.33 -28.68 26.68
N ASN B 181 38.36 -28.59 27.53
CA ASN B 181 39.40 -29.60 27.68
C ASN B 181 40.08 -29.93 26.35
N THR B 182 39.97 -29.06 25.36
CA THR B 182 40.70 -29.27 24.11
C THR B 182 42.19 -29.07 24.30
N GLY B 183 42.58 -28.13 25.16
CA GLY B 183 43.99 -27.81 25.32
C GLY B 183 44.79 -28.97 25.90
N GLU B 184 44.25 -29.65 26.89
CA GLU B 184 44.97 -30.77 27.48
C GLU B 184 45.12 -31.92 26.50
N GLU B 185 44.09 -32.16 25.69
CA GLU B 185 44.21 -33.18 24.64
C GLU B 185 45.27 -32.78 23.63
N VAL B 186 45.33 -31.52 23.25
CA VAL B 186 46.38 -31.06 22.34
C VAL B 186 47.74 -31.27 22.97
N VAL B 187 47.87 -30.96 24.26
CA VAL B 187 49.16 -31.08 24.94
C VAL B 187 49.61 -32.54 24.95
N LYS B 188 48.71 -33.46 25.31
CA LYS B 188 49.10 -34.86 25.36
C LYS B 188 49.36 -35.42 23.96
N ALA B 189 48.63 -34.93 22.95
CA ALA B 189 48.93 -35.34 21.58
C ALA B 189 50.32 -34.87 21.16
N LEU B 190 50.69 -33.65 21.53
CA LEU B 190 52.04 -33.16 21.23
C LEU B 190 53.09 -33.99 21.95
N ASN B 191 52.82 -34.36 23.20
CA ASN B 191 53.75 -35.22 23.92
C ASN B 191 53.91 -36.57 23.23
N GLN B 192 52.80 -37.16 22.78
CA GLN B 192 52.89 -38.41 22.04
C GLN B 192 53.69 -38.27 20.76
N LEU B 193 53.46 -37.18 20.03
CA LEU B 193 54.22 -36.94 18.80
C LEU B 193 55.70 -36.81 19.11
N ARG B 194 56.05 -36.09 20.18
CA ARG B 194 57.44 -35.99 20.59
C ARG B 194 58.01 -37.37 20.90
N LYS B 195 57.24 -38.21 21.59
CA LYS B 195 57.71 -39.56 21.91
C LYS B 195 57.97 -40.36 20.63
N ASP B 196 57.07 -40.29 19.66
CA ASP B 196 57.25 -41.05 18.43
C ASP B 196 58.52 -40.60 17.70
N ASN B 197 58.74 -39.29 17.63
CA ASN B 197 59.89 -38.73 16.94
C ASN B 197 61.10 -38.59 17.85
N LYS B 198 61.14 -39.33 18.96
CA LYS B 198 62.30 -39.34 19.84
C LYS B 198 62.65 -37.95 20.34
N GLY B 199 61.62 -37.15 20.62
CA GLY B 199 61.83 -35.85 21.22
C GLY B 199 62.33 -34.77 20.30
N ARG B 200 62.04 -34.85 19.00
CA ARG B 200 62.42 -33.79 18.08
C ARG B 200 61.64 -33.95 16.78
N LEU B 201 60.97 -32.88 16.36
CA LEU B 201 60.22 -32.86 15.11
C LEU B 201 60.71 -31.69 14.27
N LYS B 202 60.58 -31.84 12.95
CA LYS B 202 61.06 -30.85 12.00
C LYS B 202 60.03 -29.78 11.68
N GLY B 203 58.86 -29.83 12.31
CA GLY B 203 57.81 -28.85 12.06
C GLY B 203 56.44 -29.49 12.17
N LEU B 204 55.44 -28.63 12.28
CA LEU B 204 54.06 -29.06 12.43
C LEU B 204 53.18 -28.29 11.46
N VAL B 205 52.07 -28.93 11.08
CA VAL B 205 51.03 -28.29 10.29
C VAL B 205 49.72 -28.44 11.05
N LEU B 206 49.10 -27.33 11.40
CA LEU B 206 47.86 -27.32 12.17
C LEU B 206 46.74 -26.99 11.19
N ASP B 207 45.96 -28.01 10.81
CA ASP B 207 44.91 -27.85 9.81
C ASP B 207 43.60 -27.46 10.49
N LEU B 208 43.62 -26.30 11.13
CA LEU B 208 42.43 -25.78 11.80
C LEU B 208 41.47 -25.14 10.80
N ARG B 209 41.15 -25.89 9.75
CA ARG B 209 40.15 -25.49 8.77
C ARG B 209 38.87 -26.28 8.99
N ASN B 210 37.78 -25.76 8.45
CA ASN B 210 36.46 -26.38 8.64
C ASN B 210 36.17 -26.59 10.14
N ASN B 211 36.34 -25.51 10.90
CA ASN B 211 36.09 -25.52 12.35
C ASN B 211 35.29 -24.29 12.72
N PRO B 212 34.04 -24.43 13.16
CA PRO B 212 33.23 -23.22 13.41
C PRO B 212 33.79 -22.34 14.50
N GLY B 213 34.04 -22.89 15.68
CA GLY B 213 34.53 -22.11 16.80
C GLY B 213 34.35 -22.87 18.10
N GLY B 214 34.35 -22.12 19.20
CA GLY B 214 34.15 -22.73 20.50
C GLY B 214 34.52 -21.76 21.61
N VAL B 215 34.72 -22.33 22.80
CA VAL B 215 35.03 -21.51 23.97
C VAL B 215 36.38 -20.84 23.79
N LEU B 216 36.42 -19.53 24.05
CA LEU B 216 37.65 -18.77 23.89
C LEU B 216 38.76 -19.31 24.78
N GLN B 217 38.42 -19.86 25.93
CA GLN B 217 39.45 -20.32 26.87
C GLN B 217 40.33 -21.40 26.25
N SER B 218 39.71 -22.36 25.56
CA SER B 218 40.49 -23.41 24.92
C SER B 218 41.40 -22.85 23.83
N ALA B 219 40.90 -21.89 23.06
CA ALA B 219 41.73 -21.27 22.03
C ALA B 219 42.94 -20.59 22.65
N VAL B 220 42.73 -19.84 23.73
CA VAL B 220 43.85 -19.19 24.40
C VAL B 220 44.82 -20.25 24.93
N GLU B 221 44.29 -21.34 25.46
CA GLU B 221 45.14 -22.40 26.00
C GLU B 221 46.04 -22.98 24.92
N VAL B 222 45.47 -23.31 23.76
CA VAL B 222 46.27 -23.89 22.70
C VAL B 222 47.29 -22.88 22.16
N ALA B 223 46.85 -21.64 21.95
CA ALA B 223 47.78 -20.63 21.48
C ALA B 223 48.93 -20.41 22.46
N ASP B 224 48.66 -20.59 23.75
CA ASP B 224 49.74 -20.61 24.73
C ASP B 224 50.61 -21.84 24.54
N ALA B 225 49.98 -23.01 24.32
CA ALA B 225 50.74 -24.23 24.14
C ALA B 225 51.75 -24.11 23.02
N PHE B 226 51.45 -23.32 21.99
CA PHE B 226 52.41 -23.07 20.93
C PHE B 226 53.28 -21.84 21.13
N LEU B 227 53.01 -21.01 22.14
CA LEU B 227 53.66 -19.73 22.27
C LEU B 227 54.15 -19.50 23.70
N THR B 228 54.99 -18.49 23.86
CA THR B 228 55.57 -18.14 25.16
C THR B 228 55.45 -16.67 25.54
N LYS B 229 55.34 -15.76 24.58
CA LYS B 229 55.41 -14.32 24.86
C LYS B 229 54.28 -13.60 24.14
N GLY B 230 53.96 -12.42 24.67
CA GLY B 230 53.03 -11.52 24.01
C GLY B 230 51.58 -11.85 24.33
N LEU B 231 50.73 -10.85 24.11
CA LEU B 231 49.30 -11.00 24.30
C LEU B 231 48.72 -11.89 23.22
N ILE B 232 47.92 -12.88 23.62
CA ILE B 232 47.29 -13.77 22.65
C ILE B 232 46.13 -13.08 21.95
N VAL B 233 45.27 -12.42 22.73
CA VAL B 233 44.06 -11.79 22.18
C VAL B 233 43.54 -10.81 23.20
N TYR B 234 43.04 -9.67 22.72
CA TYR B 234 42.42 -8.67 23.56
C TYR B 234 41.09 -8.25 22.96
N THR B 235 40.15 -7.88 23.83
CA THR B 235 38.79 -7.52 23.44
C THR B 235 38.52 -6.06 23.75
N LYS B 236 37.65 -5.44 22.95
CA LYS B 236 37.28 -4.05 23.13
C LYS B 236 35.78 -3.89 23.01
N GLY B 237 35.24 -2.95 23.78
CA GLY B 237 33.82 -2.69 23.78
C GLY B 237 33.52 -1.44 24.58
N ARG B 238 32.27 -1.00 24.50
CA ARG B 238 31.88 0.23 25.18
C ARG B 238 31.77 0.03 26.69
N ILE B 239 31.18 -1.08 27.12
CA ILE B 239 30.97 -1.30 28.55
C ILE B 239 32.32 -1.38 29.25
N ALA B 240 32.32 -1.02 30.54
CA ALA B 240 33.58 -0.95 31.28
C ALA B 240 34.23 -2.32 31.40
N ASN B 241 33.43 -3.37 31.63
CA ASN B 241 33.97 -4.71 31.75
C ASN B 241 34.40 -5.29 30.41
N SER B 242 34.13 -4.60 29.30
CA SER B 242 34.42 -5.15 27.98
C SER B 242 35.86 -5.59 27.88
N GLU B 243 36.80 -4.73 28.26
CA GLU B 243 38.22 -4.98 28.04
C GLU B 243 38.63 -6.30 28.69
N LEU B 244 38.96 -7.29 27.86
CA LEU B 244 39.40 -8.59 28.32
C LEU B 244 40.61 -8.99 27.48
N ARG B 245 41.78 -9.05 28.11
CA ARG B 245 43.02 -9.36 27.42
C ARG B 245 43.67 -10.58 28.03
N PHE B 246 44.35 -11.35 27.20
CA PHE B 246 45.05 -12.56 27.60
C PHE B 246 46.55 -12.39 27.31
N SER B 247 47.31 -13.44 27.59
CA SER B 247 48.76 -13.38 27.47
C SER B 247 49.28 -14.76 27.12
N ALA B 248 50.61 -14.92 27.19
CA ALA B 248 51.29 -16.17 26.87
C ALA B 248 52.03 -16.66 28.11
N ASP B 249 52.19 -17.98 28.19
CA ASP B 249 52.85 -18.61 29.32
C ASP B 249 54.20 -19.18 28.91
N PRO B 250 55.23 -19.09 29.76
CA PRO B 250 56.54 -19.61 29.36
C PRO B 250 56.52 -21.08 28.96
N ALA B 251 55.71 -21.89 29.63
CA ALA B 251 55.61 -23.30 29.28
C ALA B 251 55.11 -23.45 27.86
N ASP B 252 55.77 -24.31 27.08
CA ASP B 252 55.37 -24.57 25.70
C ASP B 252 55.86 -25.95 25.27
N PRO B 253 55.00 -26.97 25.28
CA PRO B 253 55.44 -28.30 24.82
C PRO B 253 55.69 -28.35 23.33
N SER B 254 55.51 -27.22 22.64
CA SER B 254 55.78 -27.17 21.21
C SER B 254 57.24 -27.47 20.90
N ASP B 255 58.15 -27.11 21.81
CA ASP B 255 59.58 -27.27 21.60
C ASP B 255 60.09 -26.35 20.49
N LYS B 256 59.39 -25.26 20.21
CA LYS B 256 59.81 -24.25 19.23
C LYS B 256 59.87 -24.82 17.81
N VAL B 257 59.13 -25.89 17.55
CA VAL B 257 59.07 -26.46 16.22
C VAL B 257 58.40 -25.44 15.30
N PRO B 258 58.81 -25.33 14.03
CA PRO B 258 58.10 -24.42 13.12
C PRO B 258 56.67 -24.88 12.88
N LEU B 259 55.79 -23.91 12.67
CA LEU B 259 54.37 -24.17 12.48
C LEU B 259 53.89 -23.57 11.17
N VAL B 260 52.98 -24.27 10.51
CA VAL B 260 52.27 -23.78 9.33
C VAL B 260 50.79 -24.10 9.54
N VAL B 261 49.95 -23.07 9.55
CA VAL B 261 48.54 -23.21 9.88
C VAL B 261 47.71 -22.94 8.63
N LEU B 262 46.67 -23.74 8.44
CA LEU B 262 45.81 -23.66 7.26
C LEU B 262 44.45 -23.11 7.66
N ILE B 263 43.95 -22.16 6.89
CA ILE B 263 42.64 -21.55 7.09
C ILE B 263 41.92 -21.60 5.74
N ASN B 264 41.01 -22.56 5.59
CA ASN B 264 40.30 -22.73 4.33
C ASN B 264 39.23 -21.68 4.09
N GLY B 265 38.97 -20.82 5.07
CA GLY B 265 37.87 -19.89 4.99
C GLY B 265 36.57 -20.41 5.58
N GLY B 266 36.53 -21.66 6.02
CA GLY B 266 35.37 -22.21 6.69
C GLY B 266 35.58 -22.29 8.18
N SER B 267 36.38 -21.38 8.72
CA SER B 267 36.66 -21.32 10.15
C SER B 267 36.23 -19.95 10.70
N ALA B 268 35.75 -19.95 11.94
CA ALA B 268 35.22 -18.74 12.55
C ALA B 268 35.65 -18.66 14.00
N ALA B 269 35.63 -17.43 14.53
CA ALA B 269 35.82 -17.15 15.95
C ALA B 269 37.07 -17.85 16.46
N ALA B 270 36.98 -18.81 17.39
CA ALA B 270 38.15 -19.28 18.11
C ALA B 270 39.30 -19.66 17.17
N ALA B 271 38.99 -20.41 16.12
CA ALA B 271 40.02 -20.75 15.15
C ALA B 271 40.68 -19.50 14.58
N GLU B 272 39.88 -18.49 14.27
CA GLU B 272 40.45 -17.22 13.80
C GLU B 272 41.36 -16.61 14.84
N ILE B 273 40.95 -16.66 16.10
CA ILE B 273 41.77 -16.08 17.18
C ILE B 273 43.14 -16.75 17.20
N VAL B 274 43.14 -18.08 17.17
CA VAL B 274 44.40 -18.82 17.26
C VAL B 274 45.28 -18.50 16.06
N ALA B 275 44.70 -18.52 14.86
CA ALA B 275 45.49 -18.25 13.66
C ALA B 275 46.08 -16.84 13.70
N GLY B 276 45.25 -15.86 14.06
CA GLY B 276 45.72 -14.49 14.11
C GLY B 276 46.85 -14.31 15.10
N ALA B 277 46.73 -14.90 16.28
CA ALA B 277 47.81 -14.81 17.25
C ALA B 277 49.08 -15.46 16.70
N LEU B 278 48.95 -16.67 16.14
CA LEU B 278 50.12 -17.40 15.69
C LEU B 278 50.83 -16.73 14.53
N GLN B 279 50.14 -15.90 13.74
CA GLN B 279 50.93 -15.15 12.75
C GLN B 279 51.41 -13.81 13.30
N ASP B 280 50.60 -13.15 14.13
CA ASP B 280 50.99 -11.83 14.65
C ASP B 280 52.27 -11.93 15.45
N GLN B 281 52.41 -12.96 16.28
CA GLN B 281 53.67 -13.14 16.99
C GLN B 281 54.74 -13.79 16.11
N LYS B 282 54.49 -13.91 14.81
CA LYS B 282 55.41 -14.53 13.86
C LYS B 282 55.84 -15.92 14.31
N ARG B 283 55.04 -16.55 15.18
CA ARG B 283 55.36 -17.90 15.63
C ARG B 283 55.23 -18.91 14.50
N ALA B 284 54.39 -18.61 13.51
CA ALA B 284 54.10 -19.55 12.44
C ALA B 284 53.77 -18.75 11.19
N ILE B 285 53.23 -19.44 10.18
CA ILE B 285 52.81 -18.82 8.93
C ILE B 285 51.50 -19.49 8.49
N LEU B 286 50.71 -18.77 7.71
CA LEU B 286 49.44 -19.25 7.22
C LEU B 286 49.54 -19.60 5.74
N MET B 287 48.71 -20.57 5.32
CA MET B 287 48.71 -20.99 3.93
C MET B 287 47.33 -21.20 3.32
N GLY B 288 46.26 -21.23 4.10
CA GLY B 288 44.94 -21.43 3.54
C GLY B 288 44.42 -20.19 2.84
N THR B 289 43.09 -20.02 2.80
CA THR B 289 42.46 -18.87 2.20
C THR B 289 42.00 -17.89 3.28
N ASP B 290 41.36 -16.82 2.85
CA ASP B 290 40.85 -15.83 3.81
C ASP B 290 39.78 -16.45 4.69
N SER B 291 39.76 -16.05 5.96
CA SER B 291 38.88 -16.66 6.93
C SER B 291 37.46 -16.11 6.80
N PHE B 292 36.55 -16.65 7.60
CA PHE B 292 35.16 -16.23 7.54
C PHE B 292 34.97 -14.85 8.17
N GLY B 293 35.79 -14.49 9.15
CA GLY B 293 35.72 -13.18 9.74
C GLY B 293 34.54 -12.96 10.66
N LYS B 294 34.50 -13.67 11.78
CA LYS B 294 33.47 -13.48 12.80
C LYS B 294 34.15 -13.52 14.16
N GLY B 295 34.20 -12.36 14.83
CA GLY B 295 34.81 -12.27 16.15
C GLY B 295 33.93 -11.56 17.15
N SER B 296 32.65 -11.41 16.85
CA SER B 296 31.73 -10.75 17.77
C SER B 296 31.49 -11.63 18.98
N VAL B 297 31.50 -11.01 20.16
CA VAL B 297 31.23 -11.69 21.43
C VAL B 297 29.80 -11.39 21.84
N GLN B 298 29.10 -12.42 22.30
CA GLN B 298 27.71 -12.29 22.73
C GLN B 298 27.63 -12.56 24.23
N THR B 299 26.96 -11.66 24.95
CA THR B 299 26.79 -11.77 26.39
C THR B 299 25.35 -11.50 26.76
N VAL B 300 24.81 -12.31 27.67
CA VAL B 300 23.42 -12.13 28.09
C VAL B 300 23.33 -10.96 29.06
N LEU B 301 22.41 -10.04 28.80
CA LEU B 301 22.23 -8.85 29.62
C LEU B 301 20.87 -8.89 30.31
N PRO B 302 20.81 -9.08 31.63
CA PRO B 302 19.51 -9.01 32.31
C PRO B 302 18.93 -7.60 32.28
N LEU B 303 17.60 -7.54 32.39
CA LEU B 303 16.86 -6.30 32.31
C LEU B 303 16.17 -6.03 33.65
N ASN B 304 15.33 -5.00 33.69
CA ASN B 304 14.54 -4.74 34.89
C ASN B 304 13.64 -5.93 35.20
N ASN B 305 13.02 -6.52 34.17
CA ASN B 305 12.27 -7.74 34.32
C ASN B 305 13.22 -8.93 34.37
N ASP B 306 12.66 -10.13 34.56
CA ASP B 306 13.47 -11.34 34.54
C ASP B 306 14.14 -11.57 33.20
N ARG B 307 13.62 -10.96 32.12
CA ARG B 307 14.14 -11.20 30.79
C ARG B 307 15.55 -10.63 30.65
N ALA B 308 16.19 -10.96 29.52
CA ALA B 308 17.56 -10.52 29.27
C ALA B 308 17.77 -10.38 27.77
N LEU B 309 18.81 -9.62 27.43
CA LEU B 309 19.19 -9.38 26.04
C LEU B 309 20.41 -10.22 25.67
N LYS B 310 20.74 -10.21 24.39
CA LYS B 310 21.90 -10.92 23.87
C LYS B 310 22.67 -10.03 22.90
N LEU B 311 22.90 -8.78 23.30
CA LEU B 311 23.63 -7.85 22.45
C LEU B 311 25.09 -8.24 22.34
N THR B 312 25.70 -7.91 21.20
CA THR B 312 27.11 -8.22 20.94
C THR B 312 27.96 -7.25 21.73
N THR B 313 28.37 -7.68 22.93
CA THR B 313 29.08 -6.79 23.84
C THR B 313 30.38 -6.28 23.22
N ALA B 314 31.21 -7.19 22.70
CA ALA B 314 32.54 -6.82 22.25
C ALA B 314 32.94 -7.66 21.04
N LEU B 315 33.85 -7.12 20.24
CA LEU B 315 34.40 -7.82 19.08
C LEU B 315 35.89 -8.03 19.29
N TYR B 316 36.38 -9.19 18.86
CA TYR B 316 37.72 -9.62 19.20
C TYR B 316 38.78 -8.75 18.50
N TYR B 317 40.02 -8.95 18.90
CA TYR B 317 41.18 -8.30 18.29
C TYR B 317 42.38 -9.21 18.43
N THR B 318 43.11 -9.39 17.32
CA THR B 318 44.36 -10.12 17.36
C THR B 318 45.42 -9.27 18.08
N PRO B 319 46.54 -9.87 18.48
CA PRO B 319 47.53 -9.11 19.27
C PRO B 319 47.97 -7.82 18.62
N ASN B 320 47.99 -7.75 17.30
CA ASN B 320 48.30 -6.52 16.60
C ASN B 320 47.05 -5.63 16.59
N GLY B 321 47.08 -4.56 15.80
CA GLY B 321 45.91 -3.71 15.67
C GLY B 321 44.81 -4.29 14.82
N ARG B 322 45.03 -5.42 14.18
CA ARG B 322 44.04 -6.01 13.29
C ARG B 322 42.82 -6.47 14.07
N SER B 323 41.65 -6.31 13.45
CA SER B 323 40.38 -6.70 14.03
C SER B 323 39.79 -7.85 13.21
N ILE B 324 39.50 -8.97 13.88
CA ILE B 324 39.00 -10.14 13.19
C ILE B 324 37.64 -9.85 12.56
N GLN B 325 36.72 -9.27 13.33
CA GLN B 325 35.34 -9.15 12.87
C GLN B 325 35.24 -8.28 11.62
N ALA B 326 35.95 -7.16 11.59
CA ALA B 326 35.80 -6.22 10.47
C ALA B 326 36.22 -6.84 9.16
N GLN B 327 37.42 -7.43 9.12
CA GLN B 327 37.99 -7.93 7.88
C GLN B 327 38.25 -9.43 7.88
N GLY B 328 38.30 -10.08 9.03
CA GLY B 328 38.67 -11.49 9.09
C GLY B 328 40.16 -11.67 8.89
N ILE B 329 40.73 -12.72 9.47
CA ILE B 329 42.17 -12.93 9.38
C ILE B 329 42.53 -13.46 8.00
N VAL B 330 43.65 -12.98 7.47
CA VAL B 330 44.05 -13.31 6.10
C VAL B 330 45.34 -14.13 6.14
N PRO B 331 45.54 -15.06 5.21
CA PRO B 331 46.79 -15.82 5.17
C PRO B 331 47.87 -15.15 4.33
N ASP B 332 49.11 -15.34 4.79
CA ASP B 332 50.25 -14.80 4.05
C ASP B 332 50.46 -15.51 2.72
N ILE B 333 49.88 -16.70 2.54
CA ILE B 333 49.93 -17.41 1.27
C ILE B 333 48.54 -17.98 1.00
N GLU B 334 48.07 -17.83 -0.23
CA GLU B 334 46.75 -18.31 -0.64
C GLU B 334 46.92 -19.53 -1.54
N VAL B 335 46.28 -20.63 -1.16
CA VAL B 335 46.36 -21.87 -1.92
C VAL B 335 44.97 -22.47 -2.02
N GLY B 336 44.31 -22.28 -3.17
CA GLY B 336 42.98 -22.80 -3.37
C GLY B 336 42.92 -24.31 -3.21
N ARG B 337 41.95 -24.80 -2.44
CA ARG B 337 41.83 -26.22 -2.21
C ARG B 337 41.54 -26.96 -3.52
N ALA B 338 42.11 -28.16 -3.63
CA ALA B 338 41.89 -29.01 -4.79
C ALA B 338 42.46 -30.38 -4.49
N LYS B 339 42.18 -31.33 -5.37
CA LYS B 339 42.66 -32.70 -5.27
C LYS B 339 43.66 -32.96 -6.39
N VAL B 340 44.67 -33.77 -6.09
CA VAL B 340 45.70 -34.12 -7.06
C VAL B 340 46.01 -35.61 -6.98
N SER B 377 49.83 -47.35 2.94
CA SER B 377 48.59 -46.80 2.40
C SER B 377 48.78 -45.37 1.94
N GLU B 378 47.78 -44.82 1.26
CA GLU B 378 47.83 -43.43 0.83
C GLU B 378 47.83 -42.51 2.05
N ARG B 379 48.56 -41.40 1.91
CA ARG B 379 48.59 -40.42 2.98
C ARG B 379 47.61 -39.29 2.70
N PRO B 380 47.07 -38.65 3.73
CA PRO B 380 46.17 -37.52 3.47
C PRO B 380 46.86 -36.41 2.70
N GLN B 381 48.18 -36.31 2.80
CA GLN B 381 48.91 -35.27 2.09
C GLN B 381 48.66 -35.36 0.59
N ASP B 382 48.69 -36.58 0.04
CA ASP B 382 48.45 -36.75 -1.40
C ASP B 382 47.04 -36.33 -1.81
N SER B 383 46.08 -36.33 -0.87
CA SER B 383 44.69 -36.09 -1.23
C SER B 383 44.40 -34.59 -1.37
N ASP B 384 44.57 -33.83 -0.29
CA ASP B 384 44.23 -32.41 -0.30
C ASP B 384 45.45 -31.59 -0.71
N TYR B 385 45.24 -30.70 -1.69
CA TYR B 385 46.35 -29.95 -2.27
C TYR B 385 47.02 -29.06 -1.24
N GLN B 386 46.24 -28.38 -0.41
CA GLN B 386 46.82 -27.45 0.57
C GLN B 386 47.75 -28.17 1.53
N LEU B 387 47.37 -29.36 1.98
CA LEU B 387 48.23 -30.12 2.89
C LEU B 387 49.55 -30.47 2.22
N SER B 388 49.51 -30.89 0.95
CA SER B 388 50.74 -31.18 0.24
C SER B 388 51.62 -29.94 0.12
N GLN B 389 51.02 -28.80 -0.22
CA GLN B 389 51.78 -27.57 -0.31
C GLN B 389 52.45 -27.26 1.03
N ALA B 390 51.71 -27.40 2.13
CA ALA B 390 52.25 -27.09 3.44
C ALA B 390 53.39 -28.03 3.80
N LEU B 391 53.22 -29.34 3.55
CA LEU B 391 54.27 -30.28 3.89
C LEU B 391 55.52 -30.02 3.07
N SER B 392 55.35 -29.69 1.78
CA SER B 392 56.50 -29.35 0.96
C SER B 392 57.19 -28.09 1.48
N LEU B 393 56.40 -27.11 1.94
CA LEU B 393 56.99 -25.90 2.49
C LEU B 393 57.82 -26.20 3.73
N LEU B 394 57.29 -27.05 4.63
CA LEU B 394 58.07 -27.44 5.79
C LEU B 394 59.35 -28.16 5.38
N LYS B 395 59.25 -29.06 4.39
CA LYS B 395 60.44 -29.75 3.90
C LYS B 395 61.48 -28.74 3.41
N GLY B 396 61.04 -27.74 2.65
CA GLY B 396 61.99 -26.78 2.12
C GLY B 396 62.61 -25.92 3.19
N LEU B 397 61.83 -25.52 4.20
CA LEU B 397 62.34 -24.68 5.27
C LEU B 397 63.18 -25.45 6.28
N SER B 398 63.07 -26.79 6.30
CA SER B 398 63.87 -27.58 7.22
C SER B 398 65.36 -27.33 7.02
N VAL B 399 65.82 -27.41 5.77
CA VAL B 399 67.24 -27.18 5.49
C VAL B 399 67.62 -25.75 5.80
N THR B 400 66.72 -24.80 5.56
CA THR B 400 67.02 -23.41 5.90
C THR B 400 67.30 -23.27 7.39
N ARG B 401 66.47 -23.89 8.24
CA ARG B 401 66.74 -23.85 9.67
C ARG B 401 68.03 -24.60 10.00
N GLY B 402 68.28 -25.70 9.32
CA GLY B 402 69.46 -26.51 9.58
C GLY B 402 69.24 -27.60 10.60
N ASN B 403 69.06 -27.23 11.86
CA ASN B 403 68.83 -28.19 12.93
C ASN B 403 68.40 -27.50 14.22
N LYS C 14 24.74 15.38 14.84
CA LYS C 14 24.73 16.54 15.73
C LYS C 14 23.48 16.54 16.62
N TYR C 15 22.71 15.47 16.54
CA TYR C 15 21.51 15.36 17.36
C TYR C 15 21.87 15.08 18.81
N GLY C 16 20.87 15.21 19.69
CA GLY C 16 21.03 14.91 21.08
C GLY C 16 20.86 13.43 21.38
N SER C 17 20.86 13.12 22.66
CA SER C 17 20.72 11.74 23.12
C SER C 17 19.69 11.67 24.24
N PHE C 18 18.76 10.74 24.12
CA PHE C 18 17.75 10.55 25.14
C PHE C 18 18.36 9.92 26.40
N SER C 19 17.63 10.05 27.49
CA SER C 19 17.93 9.33 28.73
C SER C 19 16.92 8.21 28.92
N GLU C 20 17.11 7.44 30.00
CA GLU C 20 16.22 6.32 30.26
C GLU C 20 14.79 6.79 30.51
N ASP C 21 14.60 7.66 31.52
CA ASP C 21 13.27 8.11 31.89
C ASP C 21 12.77 9.26 31.04
N SER C 22 13.66 10.09 30.49
CA SER C 22 13.21 11.15 29.61
C SER C 22 12.49 10.58 28.40
N LEU C 23 13.03 9.51 27.82
CA LEU C 23 12.37 8.81 26.73
C LEU C 23 11.17 8.02 27.19
N TYR C 24 11.01 7.83 28.50
CA TYR C 24 9.86 7.08 29.02
C TYR C 24 8.64 7.97 29.09
N SER C 25 8.69 9.00 29.94
CA SER C 25 7.53 9.88 30.12
C SER C 25 7.05 10.42 28.78
N LEU C 26 7.97 11.00 28.01
CA LEU C 26 7.60 11.54 26.70
C LEU C 26 6.75 10.53 25.93
N LEU C 27 7.24 9.29 25.83
CA LEU C 27 6.49 8.30 25.06
C LEU C 27 5.06 8.21 25.56
N VAL C 28 4.89 8.03 26.86
CA VAL C 28 3.54 7.94 27.41
C VAL C 28 2.74 9.17 26.99
N ALA C 29 3.32 10.35 27.20
CA ALA C 29 2.64 11.58 26.82
C ALA C 29 2.20 11.50 25.37
N GLU C 30 3.14 11.19 24.48
CA GLU C 30 2.79 11.13 23.06
C GLU C 30 1.66 10.15 22.85
N LEU C 31 1.77 8.95 23.43
CA LEU C 31 0.70 7.98 23.30
C LEU C 31 -0.60 8.55 23.86
N ALA C 32 -0.53 9.13 25.07
CA ALA C 32 -1.72 9.74 25.65
C ALA C 32 -2.30 10.80 24.73
N GLY C 33 -1.43 11.51 23.99
CA GLY C 33 -1.90 12.56 23.11
C GLY C 33 -2.84 12.08 22.04
N GLN C 34 -2.93 10.76 21.83
CA GLN C 34 -3.83 10.19 20.84
C GLN C 34 -4.93 9.36 21.47
N ARG C 35 -4.94 9.20 22.79
CA ARG C 35 -6.04 8.56 23.50
C ARG C 35 -6.97 9.57 24.16
N ASN C 36 -6.82 10.86 23.83
CA ASN C 36 -7.59 11.94 24.42
C ASN C 36 -7.35 12.09 25.93
N ARG C 37 -6.33 11.43 26.45
CA ARG C 37 -5.96 11.54 27.87
C ARG C 37 -4.90 12.64 28.05
N PHE C 38 -5.26 13.84 27.59
CA PHE C 38 -4.29 14.93 27.47
C PHE C 38 -3.65 15.31 28.81
N ASP C 39 -4.34 15.07 29.92
CA ASP C 39 -3.78 15.48 31.21
C ASP C 39 -2.44 14.81 31.48
N ILE C 40 -2.35 13.51 31.19
CA ILE C 40 -1.08 12.80 31.38
C ILE C 40 -0.01 13.40 30.48
N ALA C 41 -0.39 13.76 29.25
CA ALA C 41 0.56 14.41 28.36
C ALA C 41 1.06 15.71 28.97
N LEU C 42 0.16 16.51 29.54
CA LEU C 42 0.57 17.75 30.17
C LEU C 42 1.55 17.48 31.29
N SER C 43 1.21 16.55 32.18
CA SER C 43 2.10 16.27 33.32
C SER C 43 3.48 15.84 32.83
N ASN C 44 3.53 14.85 31.94
CA ASN C 44 4.81 14.34 31.48
C ASN C 44 5.61 15.43 30.78
N TYR C 45 4.98 16.16 29.85
CA TYR C 45 5.70 17.16 29.10
C TYR C 45 6.19 18.30 30.00
N VAL C 46 5.37 18.74 30.96
CA VAL C 46 5.83 19.82 31.83
C VAL C 46 7.00 19.35 32.67
N VAL C 47 6.94 18.13 33.21
CA VAL C 47 8.06 17.64 34.01
C VAL C 47 9.32 17.54 33.17
N GLN C 48 9.20 16.97 31.97
CA GLN C 48 10.38 16.77 31.14
C GLN C 48 10.92 18.09 30.60
N ALA C 49 10.08 19.09 30.42
CA ALA C 49 10.58 20.41 30.04
C ALA C 49 11.28 21.06 31.24
N GLN C 50 10.73 20.88 32.44
CA GLN C 50 11.37 21.44 33.62
C GLN C 50 12.78 20.88 33.81
N LYS C 51 12.94 19.56 33.65
CA LYS C 51 14.25 18.98 33.93
C LYS C 51 15.17 18.97 32.70
N THR C 52 14.68 18.46 31.57
CA THR C 52 15.53 18.29 30.40
C THR C 52 16.03 19.64 29.87
N ARG C 53 15.15 20.63 29.80
CA ARG C 53 15.45 21.98 29.32
C ARG C 53 15.62 22.04 27.80
N ASP C 54 15.53 20.92 27.09
CA ASP C 54 15.77 20.92 25.67
C ASP C 54 14.68 21.73 24.94
N PRO C 55 15.02 22.36 23.81
CA PRO C 55 14.03 23.20 23.13
C PRO C 55 12.79 22.44 22.66
N GLY C 56 12.97 21.36 21.89
CA GLY C 56 11.83 20.71 21.27
C GLY C 56 10.81 20.21 22.27
N VAL C 57 11.27 19.60 23.36
CA VAL C 57 10.35 19.10 24.37
C VAL C 57 9.55 20.25 24.96
N SER C 58 10.22 21.35 25.28
CA SER C 58 9.52 22.51 25.83
C SER C 58 8.50 23.06 24.84
N GLU C 59 8.85 23.12 23.55
CA GLU C 59 7.92 23.64 22.56
C GLU C 59 6.68 22.75 22.45
N ARG C 60 6.88 21.43 22.42
CA ARG C 60 5.74 20.52 22.39
C ARG C 60 4.87 20.70 23.63
N ALA C 61 5.51 20.84 24.79
CA ALA C 61 4.76 21.06 26.02
C ALA C 61 3.94 22.33 25.92
N PHE C 62 4.54 23.41 25.40
CA PHE C 62 3.83 24.68 25.30
C PHE C 62 2.65 24.58 24.36
N ARG C 63 2.83 23.93 23.20
CA ARG C 63 1.72 23.76 22.28
C ARG C 63 0.60 22.96 22.92
N ILE C 64 0.93 21.87 23.61
CA ILE C 64 -0.11 21.06 24.24
C ILE C 64 -0.85 21.87 25.30
N ALA C 65 -0.09 22.60 26.14
CA ALA C 65 -0.71 23.39 27.19
C ALA C 65 -1.63 24.45 26.63
N GLU C 66 -1.19 25.15 25.58
CA GLU C 66 -2.05 26.14 24.96
C GLU C 66 -3.29 25.48 24.37
N TYR C 67 -3.14 24.30 23.77
CA TYR C 67 -4.29 23.62 23.17
C TYR C 67 -5.33 23.28 24.22
N LEU C 68 -4.92 22.64 25.32
CA LEU C 68 -5.89 22.25 26.33
C LEU C 68 -6.57 23.47 26.96
N GLY C 69 -5.80 24.50 27.26
CA GLY C 69 -6.37 25.74 27.78
C GLY C 69 -5.79 26.18 29.11
N ALA C 70 -5.48 25.24 29.99
CA ALA C 70 -4.89 25.58 31.27
C ALA C 70 -3.65 26.43 31.06
N ASP C 71 -3.59 27.58 31.71
CA ASP C 71 -2.62 28.61 31.39
C ASP C 71 -1.46 28.71 32.37
N GLN C 72 -1.69 28.50 33.66
CA GLN C 72 -0.61 28.64 34.64
C GLN C 72 0.55 27.72 34.28
N GLU C 73 0.27 26.43 34.08
CA GLU C 73 1.31 25.53 33.60
C GLU C 73 1.74 25.90 32.19
N ALA C 74 0.83 26.41 31.37
CA ALA C 74 1.23 26.92 30.07
C ALA C 74 2.17 28.11 30.20
N LEU C 75 1.91 28.99 31.16
CA LEU C 75 2.81 30.11 31.41
C LEU C 75 4.19 29.59 31.79
N ASP C 76 4.24 28.62 32.70
CA ASP C 76 5.53 28.07 33.11
C ASP C 76 6.25 27.45 31.92
N THR C 77 5.53 26.69 31.10
CA THR C 77 6.14 26.02 29.96
C THR C 77 6.65 27.05 28.95
N SER C 78 5.89 28.12 28.70
CA SER C 78 6.37 29.16 27.80
C SER C 78 7.63 29.82 28.33
N LEU C 79 7.65 30.11 29.64
CA LEU C 79 8.86 30.66 30.24
C LEU C 79 10.05 29.73 30.02
N LEU C 80 9.86 28.44 30.28
CA LEU C 80 10.94 27.48 30.10
C LEU C 80 11.39 27.40 28.64
N TRP C 81 10.44 27.39 27.71
CA TRP C 81 10.80 27.33 26.30
C TRP C 81 11.60 28.55 25.88
N ALA C 82 11.18 29.73 26.33
CA ALA C 82 11.96 30.94 26.04
C ALA C 82 13.36 30.84 26.64
N ARG C 83 13.45 30.27 27.84
CA ARG C 83 14.74 30.10 28.49
C ARG C 83 15.62 29.06 27.78
N SER C 84 15.02 28.14 27.04
CA SER C 84 15.77 27.05 26.43
C SER C 84 16.54 27.52 25.20
N ALA C 85 15.83 28.03 24.19
CA ALA C 85 16.43 28.52 22.96
C ALA C 85 15.91 29.93 22.70
N PRO C 86 16.37 30.90 23.51
CA PRO C 86 15.81 32.26 23.39
C PRO C 86 16.03 32.89 22.02
N ASP C 87 16.99 32.42 21.24
CA ASP C 87 17.20 32.98 19.91
C ASP C 87 15.97 32.82 19.04
N ASN C 88 15.12 31.83 19.34
CA ASN C 88 13.88 31.65 18.61
C ASN C 88 12.87 32.70 19.05
N LEU C 89 12.88 33.86 18.38
CA LEU C 89 12.12 35.01 18.85
C LEU C 89 10.63 34.72 18.99
N ASP C 90 10.11 33.76 18.20
CA ASP C 90 8.70 33.44 18.30
C ASP C 90 8.35 32.90 19.69
N ALA C 91 9.22 32.05 20.25
CA ALA C 91 9.02 31.57 21.60
C ALA C 91 9.05 32.73 22.60
N GLN C 92 9.94 33.69 22.38
CA GLN C 92 9.97 34.87 23.24
C GLN C 92 8.66 35.63 23.17
N ARG C 93 8.11 35.81 21.97
CA ARG C 93 6.84 36.49 21.83
C ARG C 93 5.73 35.74 22.55
N ALA C 94 5.69 34.41 22.40
CA ALA C 94 4.66 33.63 23.07
C ALA C 94 4.78 33.74 24.59
N ALA C 95 6.01 33.67 25.10
CA ALA C 95 6.22 33.81 26.54
C ALA C 95 5.79 35.20 27.02
N ALA C 96 6.10 36.23 26.25
CA ALA C 96 5.70 37.58 26.63
C ALA C 96 4.18 37.71 26.67
N ILE C 97 3.49 37.14 25.69
CA ILE C 97 2.03 37.20 25.67
C ILE C 97 1.47 36.45 26.88
N GLN C 98 2.03 35.28 27.20
CA GLN C 98 1.55 34.54 28.35
C GLN C 98 1.80 35.31 29.65
N LEU C 99 2.95 35.97 29.76
CA LEU C 99 3.21 36.79 30.94
C LEU C 99 2.23 37.94 31.04
N ALA C 100 1.93 38.59 29.91
CA ALA C 100 0.92 39.63 29.93
C ALA C 100 -0.43 39.09 30.39
N ARG C 101 -0.78 37.89 29.94
CA ARG C 101 -2.00 37.24 30.42
C ARG C 101 -1.94 37.02 31.93
N ALA C 102 -0.78 36.63 32.44
CA ALA C 102 -0.60 36.42 33.87
C ALA C 102 -0.41 37.71 34.64
N GLY C 103 -0.14 38.83 33.96
CA GLY C 103 -0.07 40.12 34.60
C GLY C 103 1.29 40.50 35.16
N ARG C 104 2.37 39.85 34.72
CA ARG C 104 3.69 40.26 35.17
C ARG C 104 3.94 41.73 34.84
N TYR C 105 3.74 42.12 33.58
CA TYR C 105 3.72 43.51 33.15
C TYR C 105 5.10 44.17 33.16
N GLU C 106 6.10 43.49 33.70
CA GLU C 106 7.48 43.96 33.61
C GLU C 106 8.41 42.90 33.05
N GLU C 107 8.27 41.64 33.46
CA GLU C 107 8.93 40.56 32.76
C GLU C 107 8.36 40.40 31.37
N SER C 108 7.07 40.72 31.18
CA SER C 108 6.53 40.81 29.83
C SER C 108 7.27 41.87 29.02
N MET C 109 7.56 43.01 29.64
CA MET C 109 8.37 44.02 28.95
C MET C 109 9.76 43.49 28.65
N VAL C 110 10.35 42.75 29.57
CA VAL C 110 11.68 42.20 29.35
C VAL C 110 11.67 41.28 28.13
N TYR C 111 10.68 40.40 28.05
CA TYR C 111 10.58 39.53 26.89
C TYR C 111 10.22 40.31 25.63
N MET C 112 9.57 41.46 25.78
CA MET C 112 9.35 42.34 24.63
C MET C 112 10.68 42.85 24.09
N GLU C 113 11.52 43.40 24.96
CA GLU C 113 12.86 43.80 24.50
C GLU C 113 13.67 42.61 24.02
N LYS C 114 13.33 41.40 24.47
CA LYS C 114 13.93 40.22 23.88
C LYS C 114 13.53 40.09 22.40
N VAL C 115 12.23 39.94 22.15
CA VAL C 115 11.75 39.82 20.76
C VAL C 115 12.01 41.11 20.01
N LEU C 116 11.64 42.25 20.60
CA LEU C 116 11.99 43.53 20.01
C LEU C 116 13.49 43.77 20.17
N ASN C 117 14.01 44.72 19.39
CA ASN C 117 15.41 45.11 19.40
C ASN C 117 16.33 44.02 18.83
N GLY C 118 15.79 42.86 18.45
CA GLY C 118 16.61 41.85 17.82
C GLY C 118 17.14 42.27 16.47
N GLN C 119 16.52 43.26 15.85
CA GLN C 119 16.92 43.81 14.55
C GLN C 119 16.84 42.78 13.43
N GLY C 120 16.19 41.65 13.67
CA GLY C 120 15.98 40.66 12.63
C GLY C 120 14.50 40.41 12.40
N ASP C 121 13.99 40.86 11.26
CA ASP C 121 12.56 40.79 10.97
C ASP C 121 11.74 41.26 12.16
N THR C 122 12.16 42.37 12.77
CA THR C 122 11.44 42.92 13.91
C THR C 122 10.00 43.19 13.48
N HIS C 123 9.06 42.44 14.04
CA HIS C 123 7.68 42.43 13.58
C HIS C 123 6.74 42.54 14.76
N PHE C 124 5.77 43.47 14.66
CA PHE C 124 4.69 43.57 15.63
C PHE C 124 3.34 43.23 15.03
N ASP C 125 3.26 43.01 13.72
CA ASP C 125 2.02 42.49 13.14
C ASP C 125 1.68 41.14 13.74
N PHE C 126 2.69 40.30 13.97
CA PHE C 126 2.45 39.02 14.62
C PHE C 126 1.89 39.22 16.02
N LEU C 127 2.43 40.17 16.77
CA LEU C 127 1.89 40.47 18.09
C LEU C 127 0.44 40.93 18.01
N ALA C 128 0.13 41.79 17.06
CA ALA C 128 -1.26 42.24 16.89
C ALA C 128 -2.18 41.08 16.56
N LEU C 129 -1.74 40.19 15.66
CA LEU C 129 -2.55 39.03 15.30
C LEU C 129 -2.79 38.14 16.50
N SER C 130 -1.74 37.91 17.31
CA SER C 130 -1.92 37.11 18.52
C SER C 130 -2.88 37.77 19.50
N ALA C 131 -2.75 39.09 19.67
CA ALA C 131 -3.62 39.80 20.60
C ALA C 131 -5.06 39.88 20.11
N ALA C 132 -5.29 39.73 18.80
CA ALA C 132 -6.64 39.81 18.27
C ALA C 132 -7.58 38.88 19.01
N GLU C 133 -7.13 37.67 19.36
CA GLU C 133 -7.98 36.70 20.03
C GLU C 133 -8.03 36.88 21.53
N THR C 134 -7.17 37.73 22.10
CA THR C 134 -7.11 37.88 23.55
C THR C 134 -8.31 38.70 24.05
N ASP C 135 -8.61 38.53 25.33
CA ASP C 135 -9.70 39.25 25.96
C ASP C 135 -9.33 40.71 26.14
N PRO C 136 -10.33 41.60 26.22
CA PRO C 136 -10.04 43.03 26.33
C PRO C 136 -9.21 43.41 27.54
N ASP C 137 -9.35 42.70 28.67
CA ASP C 137 -8.58 43.07 29.86
C ASP C 137 -7.11 42.72 29.69
N THR C 138 -6.82 41.51 29.19
CA THR C 138 -5.43 41.15 28.90
C THR C 138 -4.85 42.07 27.83
N ARG C 139 -5.66 42.40 26.82
CA ARG C 139 -5.21 43.34 25.80
C ARG C 139 -4.89 44.70 26.40
N ALA C 140 -5.71 45.16 27.35
CA ALA C 140 -5.43 46.44 27.99
C ALA C 140 -4.13 46.39 28.79
N GLY C 141 -3.90 45.29 29.51
CA GLY C 141 -2.64 45.16 30.22
C GLY C 141 -1.45 45.14 29.28
N LEU C 142 -1.57 44.41 28.16
CA LEU C 142 -0.52 44.38 27.17
C LEU C 142 -0.27 45.78 26.60
N LEU C 143 -1.34 46.54 26.37
CA LEU C 143 -1.19 47.88 25.83
C LEU C 143 -0.55 48.82 26.84
N GLN C 144 -0.86 48.65 28.14
CA GLN C 144 -0.17 49.44 29.16
C GLN C 144 1.33 49.14 29.16
N SER C 145 1.69 47.85 29.10
CA SER C 145 3.10 47.49 28.98
C SER C 145 3.71 48.10 27.72
N PHE C 146 2.95 48.10 26.63
CA PHE C 146 3.46 48.68 25.38
C PHE C 146 3.67 50.18 25.51
N ASP C 147 2.78 50.87 26.21
CA ASP C 147 2.96 52.30 26.44
C ASP C 147 4.21 52.55 27.26
N HIS C 148 4.44 51.73 28.29
CA HIS C 148 5.66 51.87 29.07
C HIS C 148 6.89 51.65 28.19
N LEU C 149 6.84 50.64 27.31
CA LEU C 149 7.95 50.41 26.39
C LEU C 149 8.16 51.59 25.47
N LEU C 150 7.09 52.14 24.90
CA LEU C 150 7.21 53.28 24.00
C LEU C 150 7.82 54.48 24.71
N LYS C 151 7.39 54.75 25.93
CA LYS C 151 8.06 55.76 26.74
C LYS C 151 9.54 55.42 26.90
N LYS C 152 9.85 54.13 27.03
CA LYS C 152 11.24 53.70 27.03
C LYS C 152 11.82 53.68 25.62
N TYR C 153 11.01 53.34 24.62
CA TYR C 153 11.46 53.16 23.24
C TYR C 153 10.52 53.88 22.30
N PRO C 154 10.60 55.21 22.23
CA PRO C 154 9.76 55.98 21.31
C PRO C 154 10.40 56.29 19.96
N ASN C 155 11.67 55.94 19.77
CA ASN C 155 12.40 56.39 18.58
C ASN C 155 11.79 55.80 17.31
N ASN C 156 11.62 54.48 17.25
CA ASN C 156 11.26 53.82 16.02
C ASN C 156 9.76 53.92 15.77
N GLY C 157 9.40 53.89 14.48
CA GLY C 157 8.00 53.86 14.10
C GLY C 157 7.35 52.51 14.22
N GLN C 158 8.14 51.44 14.34
CA GLN C 158 7.59 50.12 14.56
C GLN C 158 6.85 50.04 15.89
N LEU C 159 7.40 50.69 16.93
CA LEU C 159 6.70 50.74 18.21
C LEU C 159 5.36 51.45 18.07
N LEU C 160 5.33 52.57 17.34
CA LEU C 160 4.08 53.27 17.12
C LEU C 160 3.11 52.38 16.35
N PHE C 161 3.60 51.64 15.36
CA PHE C 161 2.74 50.75 14.60
C PHE C 161 2.12 49.70 15.50
N GLY C 162 2.93 49.09 16.37
CA GLY C 162 2.40 48.08 17.29
C GLY C 162 1.38 48.66 18.26
N LYS C 163 1.68 49.84 18.83
CA LYS C 163 0.75 50.46 19.75
C LYS C 163 -0.56 50.79 19.07
N ALA C 164 -0.49 51.31 17.84
CA ALA C 164 -1.70 51.62 17.09
C ALA C 164 -2.48 50.34 16.76
N LEU C 165 -1.77 49.26 16.44
CA LEU C 165 -2.45 47.99 16.20
C LEU C 165 -3.22 47.55 17.44
N LEU C 166 -2.57 47.61 18.61
CA LEU C 166 -3.26 47.22 19.84
C LEU C 166 -4.45 48.13 20.11
N LEU C 167 -4.28 49.44 19.90
CA LEU C 167 -5.40 50.36 20.08
C LEU C 167 -6.56 50.00 19.17
N GLN C 168 -6.29 49.71 17.91
CA GLN C 168 -7.34 49.30 16.98
C GLN C 168 -8.03 48.03 17.48
N GLN C 169 -7.23 47.06 17.92
CA GLN C 169 -7.83 45.85 18.49
C GLN C 169 -8.76 46.20 19.65
N ASP C 170 -8.41 47.21 20.44
CA ASP C 170 -9.30 47.62 21.53
C ASP C 170 -10.63 48.13 21.00
N GLY C 171 -10.59 49.08 20.06
CA GLY C 171 -11.80 49.64 19.50
C GLY C 171 -11.80 51.15 19.43
N ARG C 172 -10.67 51.79 19.70
CA ARG C 172 -10.53 53.24 19.71
C ARG C 172 -9.47 53.64 18.69
N PRO C 173 -9.84 53.74 17.41
CA PRO C 173 -8.84 54.03 16.37
C PRO C 173 -8.40 55.48 16.30
N ASP C 174 -9.09 56.41 16.97
CA ASP C 174 -8.79 57.82 16.79
C ASP C 174 -7.38 58.17 17.27
N GLU C 175 -7.02 57.74 18.49
CA GLU C 175 -5.69 58.06 18.99
C GLU C 175 -4.61 57.34 18.18
N ALA C 176 -4.90 56.12 17.73
CA ALA C 176 -3.93 55.42 16.89
C ALA C 176 -3.69 56.15 15.58
N LEU C 177 -4.76 56.65 14.96
CA LEU C 177 -4.61 57.40 13.72
C LEU C 177 -3.87 58.71 13.96
N THR C 178 -4.14 59.37 15.10
CA THR C 178 -3.40 60.58 15.43
C THR C 178 -1.91 60.28 15.57
N LEU C 179 -1.58 59.19 16.26
CA LEU C 179 -0.18 58.80 16.41
C LEU C 179 0.46 58.51 15.06
N LEU C 180 -0.26 57.80 14.19
CA LEU C 180 0.27 57.52 12.86
C LEU C 180 0.53 58.81 12.08
N GLU C 181 -0.42 59.75 12.13
CA GLU C 181 -0.26 61.02 11.43
C GLU C 181 0.90 61.83 12.00
N ASP C 182 1.17 61.70 13.30
CA ASP C 182 2.20 62.51 13.92
C ASP C 182 3.58 62.24 13.32
N ASN C 183 3.90 60.97 13.08
CA ASN C 183 5.23 60.57 12.65
C ASN C 183 5.28 60.35 11.13
N SER C 184 6.34 60.87 10.51
CA SER C 184 6.53 60.68 9.07
C SER C 184 7.03 59.28 8.74
N ALA C 185 7.82 58.69 9.63
CA ALA C 185 8.32 57.34 9.38
C ALA C 185 7.17 56.36 9.18
N SER C 186 6.00 56.65 9.76
CA SER C 186 4.82 55.84 9.48
C SER C 186 4.44 55.93 8.01
N ARG C 187 4.49 57.13 7.43
CA ARG C 187 4.26 57.27 5.99
C ARG C 187 5.35 56.56 5.19
N HIS C 188 6.60 56.63 5.67
CA HIS C 188 7.70 56.01 4.94
C HIS C 188 7.70 54.50 5.07
N GLU C 189 7.18 53.97 6.18
CA GLU C 189 7.10 52.54 6.39
C GLU C 189 5.79 51.99 5.81
N VAL C 190 5.86 50.78 5.27
CA VAL C 190 4.70 50.18 4.62
C VAL C 190 3.63 49.84 5.66
N ALA C 191 4.02 49.16 6.73
CA ALA C 191 3.04 48.69 7.70
C ALA C 191 2.26 49.81 8.37
N PRO C 192 2.89 50.89 8.85
CA PRO C 192 2.11 51.96 9.47
C PRO C 192 1.12 52.64 8.54
N LEU C 193 1.46 52.82 7.27
CA LEU C 193 0.49 53.42 6.35
C LEU C 193 -0.62 52.44 6.01
N LEU C 194 -0.31 51.16 5.90
CA LEU C 194 -1.37 50.15 5.84
C LEU C 194 -2.30 50.30 7.04
N LEU C 195 -1.73 50.48 8.22
CA LEU C 195 -2.55 50.59 9.43
C LEU C 195 -3.41 51.84 9.38
N ARG C 196 -2.85 52.96 8.94
CA ARG C 196 -3.64 54.19 8.88
C ARG C 196 -4.78 54.04 7.88
N SER C 197 -4.53 53.34 6.77
CA SER C 197 -5.62 53.04 5.84
C SER C 197 -6.70 52.21 6.52
N ARG C 198 -6.30 51.20 7.29
CA ARG C 198 -7.28 50.40 8.02
C ARG C 198 -8.08 51.26 9.00
N LEU C 199 -7.40 52.15 9.73
CA LEU C 199 -8.10 53.01 10.68
C LEU C 199 -9.10 53.92 9.96
N LEU C 200 -8.68 54.50 8.83
CA LEU C 200 -9.58 55.38 8.10
C LEU C 200 -10.78 54.60 7.57
N GLN C 201 -10.56 53.36 7.14
CA GLN C 201 -11.69 52.51 6.74
C GLN C 201 -12.62 52.27 7.93
N SER C 202 -12.06 52.00 9.12
CA SER C 202 -12.86 51.83 10.31
C SER C 202 -13.39 53.17 10.83
N MET C 203 -12.81 54.28 10.39
CA MET C 203 -13.31 55.60 10.77
C MET C 203 -14.44 56.08 9.86
N LYS C 204 -14.83 55.27 8.88
CA LYS C 204 -15.93 55.62 7.97
C LYS C 204 -15.59 56.89 7.19
N ARG C 205 -14.31 57.06 6.84
CA ARG C 205 -13.83 58.19 6.05
C ARG C 205 -13.02 57.63 4.88
N SER C 206 -13.71 57.27 3.80
CA SER C 206 -13.02 56.81 2.60
C SER C 206 -12.43 57.98 1.82
N ASP C 207 -13.03 59.16 1.93
CA ASP C 207 -12.51 60.34 1.23
C ASP C 207 -11.10 60.67 1.70
N GLU C 208 -10.76 60.30 2.94
CA GLU C 208 -9.40 60.47 3.43
C GLU C 208 -8.53 59.24 3.17
N ALA C 209 -9.15 58.06 3.06
CA ALA C 209 -8.37 56.85 2.81
C ALA C 209 -7.82 56.83 1.39
N LEU C 210 -8.66 57.16 0.41
CA LEU C 210 -8.24 57.09 -0.99
C LEU C 210 -7.03 57.98 -1.30
N PRO C 211 -7.03 59.27 -0.93
CA PRO C 211 -5.85 60.10 -1.26
C PRO C 211 -4.58 59.57 -0.62
N LEU C 212 -4.62 59.26 0.67
CA LEU C 212 -3.45 58.69 1.32
C LEU C 212 -3.09 57.34 0.71
N LEU C 213 -4.09 56.58 0.23
CA LEU C 213 -3.80 55.31 -0.41
C LEU C 213 -2.99 55.50 -1.68
N LYS C 214 -3.40 56.45 -2.53
CA LYS C 214 -2.63 56.69 -3.75
C LYS C 214 -1.27 57.30 -3.43
N ALA C 215 -1.19 58.10 -2.37
CA ALA C 215 0.11 58.62 -1.93
C ALA C 215 1.03 57.49 -1.53
N GLY C 216 0.50 56.48 -0.83
CA GLY C 216 1.31 55.31 -0.52
C GLY C 216 1.69 54.53 -1.76
N ILE C 217 0.77 54.43 -2.72
CA ILE C 217 1.08 53.72 -3.97
C ILE C 217 2.26 54.38 -4.67
N LYS C 218 2.21 55.70 -4.84
CA LYS C 218 3.29 56.38 -5.55
C LYS C 218 4.57 56.39 -4.73
N GLU C 219 4.46 56.49 -3.40
CA GLU C 219 5.66 56.50 -2.57
C GLU C 219 6.29 55.12 -2.50
N HIS C 220 5.47 54.06 -2.45
CA HIS C 220 5.95 52.68 -2.40
C HIS C 220 5.16 51.85 -3.41
N PRO C 221 5.45 52.03 -4.71
CA PRO C 221 4.75 51.21 -5.72
C PRO C 221 5.02 49.72 -5.60
N ASP C 222 6.10 49.33 -4.91
CA ASP C 222 6.43 47.91 -4.79
C ASP C 222 5.31 47.13 -4.13
N ASP C 223 4.76 47.66 -3.04
CA ASP C 223 3.75 46.95 -2.27
C ASP C 223 2.45 46.93 -3.06
N LYS C 224 2.01 45.73 -3.46
CA LYS C 224 0.76 45.60 -4.19
C LYS C 224 -0.46 45.74 -3.28
N ARG C 225 -0.31 45.49 -1.98
CA ARG C 225 -1.45 45.58 -1.08
C ARG C 225 -1.99 47.00 -1.00
N VAL C 226 -1.11 47.99 -0.98
CA VAL C 226 -1.56 49.38 -0.89
C VAL C 226 -2.50 49.70 -2.03
N ARG C 227 -2.09 49.36 -3.26
CA ARG C 227 -2.91 49.69 -4.43
C ARG C 227 -4.14 48.79 -4.52
N LEU C 228 -4.03 47.53 -4.08
CA LEU C 228 -5.21 46.66 -4.04
C LEU C 228 -6.27 47.23 -3.11
N ALA C 229 -5.86 47.67 -1.92
CA ALA C 229 -6.80 48.30 -1.00
C ALA C 229 -7.31 49.62 -1.53
N TYR C 230 -6.47 50.37 -2.26
CA TYR C 230 -6.95 51.59 -2.89
C TYR C 230 -8.07 51.30 -3.87
N ALA C 231 -7.89 50.27 -4.70
CA ALA C 231 -8.95 49.89 -5.64
C ALA C 231 -10.19 49.39 -4.91
N ARG C 232 -10.00 48.64 -3.82
CA ARG C 232 -11.15 48.16 -3.05
C ARG C 232 -11.93 49.33 -2.46
N LEU C 233 -11.24 50.33 -1.92
CA LEU C 233 -11.91 51.52 -1.39
C LEU C 233 -12.57 52.32 -2.50
N LEU C 234 -11.96 52.37 -3.68
CA LEU C 234 -12.61 53.01 -4.82
C LEU C 234 -13.92 52.31 -5.17
N VAL C 235 -13.90 50.98 -5.16
CA VAL C 235 -15.12 50.21 -5.42
C VAL C 235 -16.17 50.53 -4.37
N GLU C 236 -15.76 50.55 -3.10
CA GLU C 236 -16.69 50.91 -2.03
C GLU C 236 -17.21 52.34 -2.21
N GLN C 237 -16.43 53.19 -2.86
CA GLN C 237 -16.81 54.58 -3.11
C GLN C 237 -17.49 54.76 -4.46
N ASN C 238 -17.76 53.67 -5.18
CA ASN C 238 -18.42 53.71 -6.48
C ASN C 238 -17.55 54.38 -7.54
N ARG C 239 -16.23 54.36 -7.37
CA ARG C 239 -15.30 54.81 -8.41
C ARG C 239 -14.83 53.59 -9.20
N LEU C 240 -15.80 52.97 -9.89
CA LEU C 240 -15.55 51.66 -10.50
C LEU C 240 -14.54 51.75 -11.64
N ASP C 241 -14.58 52.83 -12.42
CA ASP C 241 -13.64 52.94 -13.55
C ASP C 241 -12.20 53.00 -13.07
N ASP C 242 -11.94 53.81 -12.03
CA ASP C 242 -10.58 53.90 -11.51
C ASP C 242 -10.12 52.57 -10.93
N ALA C 243 -11.01 51.88 -10.21
CA ALA C 243 -10.64 50.57 -9.66
C ALA C 243 -10.35 49.58 -10.77
N LYS C 244 -11.14 49.61 -11.85
CA LYS C 244 -10.89 48.70 -12.97
C LYS C 244 -9.54 48.99 -13.61
N ALA C 245 -9.22 50.26 -13.83
CA ALA C 245 -7.93 50.60 -14.40
C ALA C 245 -6.78 50.17 -13.50
N GLU C 246 -6.92 50.41 -12.20
CA GLU C 246 -5.88 50.01 -11.26
C GLU C 246 -5.71 48.50 -11.24
N PHE C 247 -6.81 47.75 -11.29
CA PHE C 247 -6.71 46.30 -11.28
C PHE C 247 -6.10 45.77 -12.57
N ALA C 248 -6.38 46.43 -13.70
CA ALA C 248 -5.69 46.08 -14.94
C ALA C 248 -4.19 46.33 -14.80
N GLY C 249 -3.82 47.45 -14.21
CA GLY C 249 -2.41 47.71 -13.94
C GLY C 249 -1.79 46.65 -13.06
N LEU C 250 -2.54 46.19 -12.05
CA LEU C 250 -2.06 45.13 -11.18
C LEU C 250 -1.84 43.84 -11.97
N VAL C 251 -2.81 43.48 -12.81
CA VAL C 251 -2.67 42.27 -13.63
C VAL C 251 -1.45 42.38 -14.52
N GLN C 252 -1.18 43.57 -15.04
CA GLN C 252 0.06 43.80 -15.77
C GLN C 252 1.26 43.56 -14.86
N GLN C 253 1.22 44.10 -13.64
CA GLN C 253 2.34 43.95 -12.71
C GLN C 253 2.52 42.49 -12.29
N PHE C 254 1.41 41.81 -11.98
CA PHE C 254 1.44 40.41 -11.53
C PHE C 254 0.41 39.61 -12.32
N PRO C 255 0.69 39.33 -13.59
CA PRO C 255 -0.24 38.49 -14.36
C PRO C 255 -0.42 37.11 -13.76
N ASP C 256 0.58 36.61 -13.05
CA ASP C 256 0.48 35.29 -12.43
C ASP C 256 -0.60 35.23 -11.35
N ASP C 257 -1.03 36.38 -10.84
CA ASP C 257 -1.99 36.41 -9.73
C ASP C 257 -3.39 36.17 -10.27
N ASP C 258 -4.01 35.07 -9.83
CA ASP C 258 -5.39 34.78 -10.23
C ASP C 258 -6.38 35.68 -9.48
N ASP C 259 -6.13 35.93 -8.20
CA ASP C 259 -7.06 36.74 -7.41
C ASP C 259 -7.13 38.17 -7.94
N LEU C 260 -6.00 38.74 -8.36
CA LEU C 260 -5.99 40.10 -8.87
C LEU C 260 -6.85 40.21 -10.13
N ARG C 261 -6.70 39.27 -11.06
CA ARG C 261 -7.50 39.30 -12.27
C ARG C 261 -8.96 38.98 -11.99
N PHE C 262 -9.23 38.15 -10.98
CA PHE C 262 -10.61 37.89 -10.59
C PHE C 262 -11.28 39.15 -10.07
N SER C 263 -10.56 39.90 -9.23
CA SER C 263 -11.09 41.18 -8.75
C SER C 263 -11.22 42.17 -9.90
N LEU C 264 -10.29 42.13 -10.86
CA LEU C 264 -10.43 42.95 -12.05
C LEU C 264 -11.72 42.62 -12.79
N ALA C 265 -12.03 41.34 -12.93
CA ALA C 265 -13.26 40.93 -13.58
C ALA C 265 -14.48 41.42 -12.81
N LEU C 266 -14.44 41.33 -11.47
CA LEU C 266 -15.56 41.81 -10.68
C LEU C 266 -15.77 43.31 -10.86
N VAL C 267 -14.69 44.09 -10.81
CA VAL C 267 -14.81 45.53 -10.96
C VAL C 267 -15.28 45.88 -12.37
N CYS C 268 -14.80 45.14 -13.37
CA CYS C 268 -15.25 45.37 -14.73
C CYS C 268 -16.73 45.06 -14.89
N LEU C 269 -17.20 43.99 -14.26
CA LEU C 269 -18.64 43.71 -14.23
C LEU C 269 -19.39 44.88 -13.61
N GLU C 270 -18.89 45.40 -12.50
CA GLU C 270 -19.51 46.59 -11.90
C GLU C 270 -19.49 47.76 -12.86
N ALA C 271 -18.49 47.84 -13.74
CA ALA C 271 -18.38 48.90 -14.72
C ALA C 271 -19.10 48.59 -16.03
N GLN C 272 -20.06 47.66 -16.00
CA GLN C 272 -20.92 47.32 -17.14
C GLN C 272 -20.12 47.14 -18.43
N ALA C 273 -18.85 46.77 -18.31
CA ALA C 273 -18.02 46.42 -19.47
C ALA C 273 -17.99 44.90 -19.57
N TRP C 274 -19.08 44.35 -20.09
CA TRP C 274 -19.26 42.90 -20.06
C TRP C 274 -18.18 42.17 -20.86
N ASP C 275 -17.78 42.73 -22.00
CA ASP C 275 -16.81 42.03 -22.85
C ASP C 275 -15.52 41.76 -22.10
N GLU C 276 -14.92 42.79 -21.51
CA GLU C 276 -13.66 42.60 -20.80
C GLU C 276 -13.86 41.78 -19.53
N ALA C 277 -15.02 41.93 -18.87
CA ALA C 277 -15.31 41.14 -17.68
C ALA C 277 -15.28 39.65 -18.01
N ARG C 278 -16.00 39.24 -19.06
CA ARG C 278 -16.00 37.83 -19.44
C ARG C 278 -14.64 37.41 -19.98
N ILE C 279 -13.89 38.33 -20.59
CA ILE C 279 -12.54 37.99 -21.04
C ILE C 279 -11.67 37.63 -19.84
N TYR C 280 -11.74 38.42 -18.78
CA TYR C 280 -10.97 38.12 -17.57
C TYR C 280 -11.48 36.85 -16.90
N LEU C 281 -12.78 36.61 -16.94
CA LEU C 281 -13.32 35.37 -16.38
C LEU C 281 -12.79 34.16 -17.14
N GLU C 282 -12.71 34.25 -18.47
CA GLU C 282 -12.12 33.18 -19.26
C GLU C 282 -10.63 33.05 -18.99
N GLU C 283 -9.94 34.16 -18.71
CA GLU C 283 -8.55 34.06 -18.29
C GLU C 283 -8.43 33.26 -17.00
N LEU C 284 -9.33 33.51 -16.05
CA LEU C 284 -9.37 32.70 -14.83
C LEU C 284 -9.64 31.24 -15.16
N VAL C 285 -10.59 30.99 -16.06
CA VAL C 285 -10.97 29.61 -16.37
C VAL C 285 -9.79 28.85 -16.97
N GLU C 286 -9.10 29.47 -17.93
CA GLU C 286 -7.95 28.81 -18.55
C GLU C 286 -6.80 28.69 -17.56
N ARG C 287 -6.67 29.63 -16.63
CA ARG C 287 -5.71 29.48 -15.55
C ARG C 287 -6.14 28.45 -14.51
N ASP C 288 -7.38 27.97 -14.59
CA ASP C 288 -7.88 26.90 -13.73
C ASP C 288 -7.71 27.25 -12.25
N SER C 289 -7.99 28.50 -11.91
CA SER C 289 -7.95 28.96 -10.53
C SER C 289 -9.09 29.94 -10.29
N HIS C 290 -9.74 29.82 -9.13
CA HIS C 290 -10.92 30.62 -8.81
C HIS C 290 -11.98 30.48 -9.91
N VAL C 291 -12.09 29.26 -10.46
CA VAL C 291 -12.94 29.06 -11.62
C VAL C 291 -14.42 29.03 -11.25
N ASP C 292 -14.76 28.64 -10.01
CA ASP C 292 -16.17 28.56 -9.65
C ASP C 292 -16.78 29.95 -9.50
N ALA C 293 -16.08 30.86 -8.81
CA ALA C 293 -16.53 32.24 -8.78
C ALA C 293 -16.49 32.87 -10.16
N ALA C 294 -15.48 32.50 -10.96
CA ALA C 294 -15.47 32.93 -12.35
C ALA C 294 -16.73 32.48 -13.07
N HIS C 295 -17.21 31.27 -12.80
CA HIS C 295 -18.40 30.76 -13.47
C HIS C 295 -19.65 31.47 -12.97
N PHE C 296 -19.71 31.78 -11.68
CA PHE C 296 -20.84 32.59 -11.16
C PHE C 296 -20.88 33.94 -11.85
N ASN C 297 -19.73 34.59 -11.97
CA ASN C 297 -19.66 35.87 -12.67
C ASN C 297 -20.04 35.72 -14.14
N LEU C 298 -19.61 34.64 -14.77
CA LEU C 298 -19.94 34.42 -16.17
C LEU C 298 -21.44 34.27 -16.37
N GLY C 299 -22.10 33.55 -15.46
CA GLY C 299 -23.55 33.42 -15.55
C GLY C 299 -24.25 34.74 -15.32
N ARG C 300 -23.78 35.53 -14.35
CA ARG C 300 -24.35 36.85 -14.14
C ARG C 300 -24.20 37.70 -15.40
N LEU C 301 -23.02 37.67 -16.00
CA LEU C 301 -22.77 38.43 -17.22
C LEU C 301 -23.69 37.97 -18.35
N ALA C 302 -23.82 36.65 -18.52
CA ALA C 302 -24.71 36.13 -19.55
C ALA C 302 -26.15 36.55 -19.30
N GLU C 303 -26.55 36.67 -18.03
CA GLU C 303 -27.84 37.25 -17.72
C GLU C 303 -27.90 38.70 -18.18
N GLU C 304 -26.80 39.44 -18.01
CA GLU C 304 -26.70 40.82 -18.46
C GLU C 304 -26.01 40.95 -19.81
N GLN C 305 -25.73 39.84 -20.49
CA GLN C 305 -25.06 39.86 -21.78
C GLN C 305 -25.80 38.95 -22.75
N LYS C 306 -25.47 39.08 -24.03
CA LYS C 306 -26.23 38.44 -25.09
C LYS C 306 -26.31 36.92 -24.93
N ASP C 307 -25.18 36.23 -24.98
CA ASP C 307 -25.16 34.78 -25.06
C ASP C 307 -25.19 34.14 -23.68
N THR C 308 -25.70 32.91 -23.63
CA THR C 308 -25.72 32.11 -22.41
C THR C 308 -25.20 30.69 -22.59
N ALA C 309 -25.20 30.15 -23.81
CA ALA C 309 -24.69 28.80 -24.03
C ALA C 309 -23.22 28.70 -23.63
N ARG C 310 -22.43 29.74 -23.95
CA ARG C 310 -21.05 29.74 -23.51
C ARG C 310 -20.98 29.66 -21.99
N ALA C 311 -21.85 30.39 -21.31
CA ALA C 311 -21.83 30.39 -19.85
C ALA C 311 -22.13 28.99 -19.32
N LEU C 312 -23.10 28.31 -19.93
CA LEU C 312 -23.35 26.92 -19.59
C LEU C 312 -22.09 26.08 -19.80
N ASP C 313 -21.33 26.38 -20.86
CA ASP C 313 -20.10 25.62 -21.11
C ASP C 313 -19.09 25.79 -19.98
N GLU C 314 -18.77 27.04 -19.60
CA GLU C 314 -17.85 27.19 -18.48
C GLU C 314 -18.42 26.61 -17.20
N TYR C 315 -19.74 26.64 -17.03
CA TYR C 315 -20.34 26.00 -15.86
C TYR C 315 -20.09 24.49 -15.88
N ALA C 316 -20.19 23.88 -17.05
CA ALA C 316 -20.05 22.43 -17.13
C ALA C 316 -18.61 21.97 -17.04
N GLN C 317 -17.65 22.74 -17.57
CA GLN C 317 -16.30 22.18 -17.66
C GLN C 317 -15.63 22.02 -16.29
N VAL C 318 -16.20 22.61 -15.25
CA VAL C 318 -15.63 22.56 -13.90
C VAL C 318 -16.26 21.40 -13.16
N GLY C 319 -15.50 20.85 -12.21
CA GLY C 319 -15.98 19.76 -11.38
C GLY C 319 -16.72 20.26 -10.16
N PRO C 320 -16.98 19.36 -9.21
CA PRO C 320 -17.70 19.75 -8.00
C PRO C 320 -16.93 20.83 -7.22
N GLY C 321 -17.69 21.73 -6.62
CA GLY C 321 -17.11 22.81 -5.83
C GLY C 321 -18.10 23.44 -4.87
N ASN C 322 -17.66 23.73 -3.65
CA ASN C 322 -18.54 24.39 -2.69
C ASN C 322 -18.95 25.76 -3.18
N ASP C 323 -18.00 26.53 -3.71
CA ASP C 323 -18.31 27.81 -4.31
C ASP C 323 -18.90 27.67 -5.71
N PHE C 324 -18.88 26.47 -6.28
CA PHE C 324 -19.60 26.21 -7.53
C PHE C 324 -21.10 26.12 -7.32
N LEU C 325 -21.55 25.77 -6.11
CA LEU C 325 -22.99 25.72 -5.85
C LEU C 325 -23.66 27.07 -6.07
N PRO C 326 -23.14 28.19 -5.54
CA PRO C 326 -23.66 29.49 -6.00
C PRO C 326 -23.52 29.69 -7.50
N ALA C 327 -22.42 29.20 -8.07
CA ALA C 327 -22.28 29.26 -9.52
C ALA C 327 -23.36 28.45 -10.21
N GLN C 328 -23.68 27.27 -9.67
CA GLN C 328 -24.76 26.46 -10.24
C GLN C 328 -26.11 27.16 -10.11
N LEU C 329 -26.33 27.85 -8.98
CA LEU C 329 -27.55 28.63 -8.83
C LEU C 329 -27.65 29.72 -9.89
N ARG C 330 -26.53 30.41 -10.14
CA ARG C 330 -26.50 31.42 -11.19
C ARG C 330 -26.77 30.78 -12.55
N GLN C 331 -26.22 29.59 -12.78
CA GLN C 331 -26.47 28.88 -14.03
C GLN C 331 -27.97 28.59 -14.19
N THR C 332 -28.60 28.11 -13.12
CA THR C 332 -30.03 27.83 -13.18
C THR C 332 -30.82 29.10 -13.46
N ASP C 333 -30.47 30.20 -12.80
CA ASP C 333 -31.21 31.45 -12.99
C ASP C 333 -31.04 31.97 -14.41
N VAL C 334 -29.82 31.92 -14.96
CA VAL C 334 -29.61 32.41 -16.31
C VAL C 334 -30.31 31.52 -17.32
N LEU C 335 -30.36 30.21 -17.06
CA LEU C 335 -31.11 29.32 -17.93
C LEU C 335 -32.60 29.64 -17.90
N LEU C 336 -33.13 29.90 -16.70
CA LEU C 336 -34.53 30.29 -16.60
C LEU C 336 -34.80 31.58 -17.36
N LYS C 337 -33.89 32.55 -17.25
CA LYS C 337 -34.05 33.80 -18.00
C LYS C 337 -34.02 33.54 -19.50
N ALA C 338 -33.12 32.68 -19.97
CA ALA C 338 -33.05 32.35 -21.38
C ALA C 338 -34.30 31.62 -21.88
N GLY C 339 -35.03 30.97 -20.98
CA GLY C 339 -36.27 30.29 -21.32
C GLY C 339 -36.18 28.79 -21.42
N ARG C 340 -34.97 28.22 -21.46
CA ARG C 340 -34.82 26.76 -21.55
C ARG C 340 -34.75 26.19 -20.14
N VAL C 341 -35.94 26.07 -19.53
CA VAL C 341 -36.03 25.50 -18.19
C VAL C 341 -35.68 24.02 -18.21
N ASP C 342 -36.05 23.33 -19.29
CA ASP C 342 -35.78 21.89 -19.37
C ASP C 342 -34.28 21.61 -19.36
N GLU C 343 -33.50 22.43 -20.07
CA GLU C 343 -32.05 22.24 -20.05
C GLU C 343 -31.50 22.43 -18.65
N ALA C 344 -32.00 23.43 -17.92
CA ALA C 344 -31.57 23.63 -16.54
C ALA C 344 -31.93 22.42 -15.68
N ALA C 345 -33.13 21.88 -15.85
CA ALA C 345 -33.51 20.70 -15.09
C ALA C 345 -32.60 19.52 -15.42
N GLN C 346 -32.26 19.34 -16.69
CA GLN C 346 -31.38 18.24 -17.08
C GLN C 346 -29.99 18.41 -16.48
N ARG C 347 -29.44 19.62 -16.55
CA ARG C 347 -28.12 19.86 -15.96
C ARG C 347 -28.14 19.65 -14.45
N LEU C 348 -29.21 20.09 -13.79
CA LEU C 348 -29.33 19.88 -12.36
C LEU C 348 -29.44 18.40 -12.02
N ASP C 349 -30.17 17.63 -12.85
CA ASP C 349 -30.24 16.19 -12.64
C ASP C 349 -28.87 15.54 -12.80
N LYS C 350 -28.11 15.98 -13.81
CA LYS C 350 -26.76 15.46 -13.99
C LYS C 350 -25.89 15.77 -12.77
N ALA C 351 -25.97 17.00 -12.27
CA ALA C 351 -25.20 17.37 -11.09
C ALA C 351 -25.63 16.55 -9.87
N ARG C 352 -26.94 16.30 -9.74
CA ARG C 352 -27.43 15.46 -8.67
C ARG C 352 -26.84 14.06 -8.75
N SER C 353 -26.81 13.50 -9.97
CA SER C 353 -26.18 12.19 -10.17
C SER C 353 -24.70 12.23 -9.83
N GLU C 354 -24.04 13.37 -10.05
CA GLU C 354 -22.62 13.47 -9.74
C GLU C 354 -22.38 13.28 -8.24
N GLN C 355 -23.20 13.92 -7.40
CA GLN C 355 -23.04 13.82 -5.96
C GLN C 355 -24.40 13.95 -5.28
N PRO C 356 -24.75 13.02 -4.38
CA PRO C 356 -26.06 13.15 -3.71
C PRO C 356 -26.10 14.27 -2.67
N ASP C 357 -25.00 14.46 -1.92
CA ASP C 357 -24.96 15.56 -0.96
C ASP C 357 -25.15 16.90 -1.67
N TYR C 358 -24.48 17.09 -2.80
CA TYR C 358 -24.77 18.25 -3.64
C TYR C 358 -26.12 18.11 -4.34
N ALA C 359 -26.63 16.88 -4.49
CA ALA C 359 -27.94 16.72 -5.14
C ALA C 359 -29.05 17.34 -4.30
N ILE C 360 -28.95 17.24 -2.98
CA ILE C 360 -29.97 17.85 -2.13
C ILE C 360 -30.01 19.36 -2.35
N GLN C 361 -28.83 20.00 -2.33
CA GLN C 361 -28.77 21.43 -2.59
C GLN C 361 -29.22 21.77 -4.00
N LEU C 362 -28.93 20.89 -4.96
CA LEU C 362 -29.37 21.11 -6.33
C LEU C 362 -30.90 21.10 -6.42
N TYR C 363 -31.54 20.16 -5.74
CA TYR C 363 -33.00 20.14 -5.70
C TYR C 363 -33.54 21.40 -5.03
N LEU C 364 -32.92 21.81 -3.93
CA LEU C 364 -33.36 23.03 -3.25
C LEU C 364 -33.28 24.23 -4.18
N ILE C 365 -32.15 24.40 -4.86
CA ILE C 365 -31.95 25.53 -5.74
C ILE C 365 -32.91 25.46 -6.92
N GLU C 366 -33.12 24.25 -7.46
CA GLU C 366 -34.07 24.10 -8.56
C GLU C 366 -35.46 24.56 -8.15
N ALA C 367 -35.94 24.09 -7.00
CA ALA C 367 -37.26 24.48 -6.54
C ALA C 367 -37.34 25.99 -6.32
N GLU C 368 -36.33 26.56 -5.66
CA GLU C 368 -36.37 27.98 -5.34
C GLU C 368 -36.34 28.83 -6.61
N ALA C 369 -35.46 28.48 -7.55
CA ALA C 369 -35.36 29.24 -8.80
C ALA C 369 -36.64 29.13 -9.62
N LEU C 370 -37.20 27.92 -9.72
CA LEU C 370 -38.44 27.76 -10.47
C LEU C 370 -39.59 28.50 -9.80
N SER C 371 -39.57 28.62 -8.47
CA SER C 371 -40.55 29.45 -7.79
C SER C 371 -40.34 30.92 -8.12
N ASN C 372 -39.07 31.35 -8.20
CA ASN C 372 -38.79 32.75 -8.49
C ASN C 372 -39.32 33.16 -9.85
N ASN C 373 -39.17 32.30 -10.85
CA ASN C 373 -39.66 32.59 -12.20
C ASN C 373 -41.16 32.36 -12.34
N ASP C 374 -41.89 32.18 -11.24
CA ASP C 374 -43.34 32.05 -11.18
C ASP C 374 -43.82 30.66 -11.57
N GLN C 375 -42.94 29.74 -11.95
CA GLN C 375 -43.34 28.39 -12.30
C GLN C 375 -43.52 27.59 -11.00
N GLN C 376 -44.68 27.79 -10.37
CA GLN C 376 -44.93 27.18 -9.07
C GLN C 376 -45.08 25.67 -9.16
N GLU C 377 -45.72 25.17 -10.24
CA GLU C 377 -45.97 23.73 -10.33
C GLU C 377 -44.68 22.97 -10.66
N LYS C 378 -43.85 23.50 -11.56
CA LYS C 378 -42.58 22.85 -11.85
C LYS C 378 -41.68 22.86 -10.62
N ALA C 379 -41.66 23.97 -9.88
CA ALA C 379 -40.92 24.01 -8.63
C ALA C 379 -41.46 23.00 -7.64
N TRP C 380 -42.79 22.87 -7.56
CA TRP C 380 -43.39 21.93 -6.63
C TRP C 380 -43.02 20.49 -6.96
N GLN C 381 -43.08 20.13 -8.24
CA GLN C 381 -42.68 18.77 -8.61
C GLN C 381 -41.19 18.55 -8.38
N ALA C 382 -40.37 19.57 -8.64
CA ALA C 382 -38.93 19.42 -8.38
C ALA C 382 -38.66 19.18 -6.89
N ILE C 383 -39.32 19.95 -6.02
CA ILE C 383 -39.08 19.78 -4.59
C ILE C 383 -39.67 18.46 -4.10
N GLN C 384 -40.80 18.03 -4.68
CA GLN C 384 -41.33 16.72 -4.34
C GLN C 384 -40.35 15.62 -4.72
N GLU C 385 -39.72 15.74 -5.89
CA GLU C 385 -38.67 14.81 -6.25
C GLU C 385 -37.56 14.82 -5.19
N GLY C 386 -37.02 16.01 -4.91
CA GLY C 386 -35.92 16.10 -3.97
C GLY C 386 -36.27 15.51 -2.62
N LEU C 387 -37.54 15.61 -2.23
CA LEU C 387 -37.98 14.98 -0.98
C LEU C 387 -38.13 13.48 -1.13
N LYS C 388 -38.42 12.99 -2.35
CA LYS C 388 -38.57 11.55 -2.52
C LYS C 388 -37.23 10.85 -2.59
N GLN C 389 -36.18 11.51 -3.10
CA GLN C 389 -34.84 10.94 -2.91
C GLN C 389 -34.35 11.11 -1.48
N TYR C 390 -34.71 12.20 -0.81
CA TYR C 390 -34.21 12.48 0.54
C TYR C 390 -35.25 13.30 1.29
N PRO C 391 -36.26 12.63 1.86
CA PRO C 391 -37.30 13.35 2.61
C PRO C 391 -36.85 13.83 3.99
N GLU C 392 -35.70 13.37 4.48
CA GLU C 392 -35.27 13.72 5.83
C GLU C 392 -34.88 15.18 5.94
N ASP C 393 -34.38 15.78 4.87
CA ASP C 393 -33.90 17.16 4.93
C ASP C 393 -35.03 18.10 5.33
N LEU C 394 -34.72 19.01 6.27
CA LEU C 394 -35.68 20.03 6.66
C LEU C 394 -35.77 21.15 5.64
N ASN C 395 -34.65 21.45 4.96
CA ASN C 395 -34.67 22.52 3.95
C ASN C 395 -35.62 22.18 2.81
N LEU C 396 -35.61 20.92 2.36
CA LEU C 396 -36.52 20.52 1.29
C LEU C 396 -37.97 20.68 1.73
N LEU C 397 -38.28 20.29 2.97
CA LEU C 397 -39.64 20.43 3.47
C LEU C 397 -40.04 21.90 3.57
N TYR C 398 -39.13 22.76 4.03
CA TYR C 398 -39.44 24.18 4.10
C TYR C 398 -39.68 24.77 2.71
N THR C 399 -38.88 24.36 1.73
CA THR C 399 -39.08 24.82 0.36
C THR C 399 -40.43 24.35 -0.17
N ARG C 400 -40.78 23.09 0.09
CA ARG C 400 -42.07 22.59 -0.35
C ARG C 400 -43.21 23.33 0.35
N SER C 401 -43.01 23.71 1.62
CA SER C 401 -44.03 24.47 2.32
C SER C 401 -44.22 25.85 1.71
N MET C 402 -43.12 26.52 1.37
CA MET C 402 -43.23 27.81 0.69
C MET C 402 -43.91 27.67 -0.66
N LEU C 403 -43.58 26.62 -1.41
CA LEU C 403 -44.22 26.40 -2.70
C LEU C 403 -45.70 26.10 -2.53
N ALA C 404 -46.06 25.37 -1.48
CA ALA C 404 -47.46 25.11 -1.18
C ALA C 404 -48.19 26.40 -0.86
N GLU C 405 -47.56 27.28 -0.06
CA GLU C 405 -48.18 28.56 0.23
C GLU C 405 -48.40 29.37 -1.04
N LYS C 406 -47.41 29.36 -1.94
CA LYS C 406 -47.62 29.99 -3.24
C LYS C 406 -48.71 29.29 -4.04
N ARG C 407 -48.94 28.00 -3.77
CA ARG C 407 -49.95 27.20 -4.45
C ARG C 407 -51.22 27.03 -3.61
N ASN C 408 -51.28 27.63 -2.43
CA ASN C 408 -52.41 27.51 -1.52
C ASN C 408 -52.63 26.07 -1.06
N ASP C 409 -51.60 25.23 -1.14
CA ASP C 409 -51.65 23.89 -0.56
C ASP C 409 -51.31 23.97 0.93
N LEU C 410 -52.18 24.68 1.64
CA LEU C 410 -51.86 25.12 3.01
C LEU C 410 -51.65 23.93 3.94
N ALA C 411 -52.40 22.85 3.74
CA ALA C 411 -52.20 21.67 4.57
C ALA C 411 -50.81 21.10 4.39
N GLN C 412 -50.31 21.08 3.15
CA GLN C 412 -48.95 20.59 2.90
C GLN C 412 -47.93 21.49 3.59
N MET C 413 -48.13 22.81 3.52
CA MET C 413 -47.22 23.73 4.20
C MET C 413 -47.21 23.47 5.70
N GLU C 414 -48.40 23.30 6.29
CA GLU C 414 -48.47 23.03 7.73
C GLU C 414 -47.76 21.72 8.08
N LYS C 415 -47.98 20.68 7.27
CA LYS C 415 -47.33 19.40 7.55
C LYS C 415 -45.82 19.52 7.46
N ASP C 416 -45.32 20.19 6.42
CA ASP C 416 -43.88 20.34 6.25
C ASP C 416 -43.27 21.13 7.41
N LEU C 417 -43.92 22.23 7.79
CA LEU C 417 -43.40 23.04 8.89
C LEU C 417 -43.43 22.27 10.20
N ARG C 418 -44.50 21.50 10.44
CA ARG C 418 -44.57 20.70 11.66
C ARG C 418 -43.47 19.65 11.69
N PHE C 419 -43.22 18.98 10.56
CA PHE C 419 -42.16 17.97 10.52
C PHE C 419 -40.80 18.61 10.74
N VAL C 420 -40.56 19.78 10.14
CA VAL C 420 -39.29 20.46 10.33
C VAL C 420 -39.11 20.85 11.80
N ILE C 421 -40.17 21.35 12.42
CA ILE C 421 -40.11 21.70 13.83
C ILE C 421 -39.82 20.47 14.67
N ALA C 422 -40.43 19.34 14.33
CA ALA C 422 -40.15 18.09 15.04
C ALA C 422 -38.67 17.71 14.91
N ARG C 423 -38.11 17.87 13.70
CA ARG C 423 -36.70 17.59 13.50
C ARG C 423 -35.84 18.59 14.27
N GLU C 424 -36.11 19.89 14.09
CA GLU C 424 -35.31 20.95 14.71
C GLU C 424 -36.25 21.96 15.36
N PRO C 425 -36.74 21.66 16.56
CA PRO C 425 -37.56 22.65 17.27
C PRO C 425 -36.81 23.95 17.54
N ASP C 426 -35.47 23.89 17.66
CA ASP C 426 -34.71 25.09 17.97
C ASP C 426 -34.84 26.15 16.88
N ASN C 427 -35.00 25.73 15.62
CA ASN C 427 -35.08 26.69 14.53
C ASN C 427 -36.31 27.59 14.70
N ALA C 428 -36.06 28.89 14.87
CA ALA C 428 -37.15 29.82 15.12
C ALA C 428 -37.95 30.14 13.85
N MET C 429 -37.30 30.08 12.68
CA MET C 429 -38.01 30.43 11.45
C MET C 429 -39.15 29.45 11.18
N ALA C 430 -38.92 28.16 11.42
CA ALA C 430 -39.98 27.18 11.23
C ALA C 430 -41.14 27.44 12.17
N LEU C 431 -40.85 27.75 13.44
CA LEU C 431 -41.90 28.07 14.39
C LEU C 431 -42.68 29.29 13.94
N ASN C 432 -41.98 30.32 13.46
CA ASN C 432 -42.66 31.53 13.00
C ASN C 432 -43.57 31.23 11.81
N ALA C 433 -43.07 30.44 10.85
CA ALA C 433 -43.88 30.10 9.69
C ALA C 433 -45.12 29.32 10.08
N LEU C 434 -44.95 28.33 10.96
CA LEU C 434 -46.11 27.54 11.38
C LEU C 434 -47.11 28.38 12.15
N GLY C 435 -46.62 29.26 13.02
CA GLY C 435 -47.52 30.13 13.77
C GLY C 435 -48.30 31.07 12.87
N TYR C 436 -47.62 31.67 11.89
CA TYR C 436 -48.31 32.54 10.95
C TYR C 436 -49.34 31.76 10.15
N THR C 437 -48.99 30.56 9.68
CA THR C 437 -49.93 29.76 8.92
C THR C 437 -51.15 29.41 9.75
N LEU C 438 -50.95 28.99 11.00
CA LEU C 438 -52.07 28.66 11.86
C LEU C 438 -52.94 29.88 12.13
N ALA C 439 -52.30 31.03 12.40
CA ALA C 439 -53.07 32.24 12.68
C ALA C 439 -53.93 32.63 11.49
N ASP C 440 -53.36 32.55 10.28
CA ASP C 440 -54.12 32.93 9.10
C ASP C 440 -55.18 31.90 8.74
N ARG C 441 -54.96 30.63 9.04
CA ARG C 441 -55.85 29.57 8.62
C ARG C 441 -56.38 28.76 9.80
N THR C 442 -56.78 29.44 10.87
CA THR C 442 -57.38 28.79 12.02
C THR C 442 -58.29 29.77 12.74
N THR C 443 -59.44 29.27 13.22
CA THR C 443 -60.34 30.10 13.99
C THR C 443 -59.79 30.41 15.38
N ARG C 444 -59.14 29.44 16.01
CA ARG C 444 -58.49 29.64 17.31
C ARG C 444 -57.01 29.92 17.08
N TYR C 445 -56.54 31.06 17.57
CA TYR C 445 -55.17 31.49 17.39
C TYR C 445 -54.29 31.20 18.60
N GLY C 446 -54.82 30.46 19.59
CA GLY C 446 -54.03 30.19 20.79
C GLY C 446 -52.80 29.35 20.50
N GLU C 447 -52.95 28.28 19.74
CA GLU C 447 -51.80 27.46 19.37
C GLU C 447 -50.85 28.24 18.46
N ALA C 448 -51.41 29.03 17.54
CA ALA C 448 -50.56 29.91 16.73
C ALA C 448 -49.80 30.87 17.61
N ARG C 449 -50.44 31.42 18.64
CA ARG C 449 -49.75 32.33 19.55
C ARG C 449 -48.65 31.60 20.31
N GLU C 450 -48.89 30.36 20.74
CA GLU C 450 -47.85 29.61 21.42
C GLU C 450 -46.65 29.39 20.51
N LEU C 451 -46.90 29.00 19.26
CA LEU C 451 -45.80 28.78 18.32
C LEU C 451 -45.04 30.08 18.05
N ILE C 452 -45.77 31.19 17.89
CA ILE C 452 -45.11 32.47 17.63
C ILE C 452 -44.32 32.92 18.85
N LEU C 453 -44.82 32.64 20.05
CA LEU C 453 -44.10 32.98 21.25
C LEU C 453 -42.82 32.15 21.38
N LYS C 454 -42.89 30.87 21.00
CA LYS C 454 -41.68 30.06 20.97
C LYS C 454 -40.67 30.61 19.97
N ALA C 455 -41.15 31.04 18.80
CA ALA C 455 -40.26 31.66 17.82
C ALA C 455 -39.66 32.94 18.37
N HIS C 456 -40.45 33.72 19.10
CA HIS C 456 -39.97 34.98 19.67
C HIS C 456 -38.90 34.74 20.72
N LYS C 457 -39.17 33.84 21.68
CA LYS C 457 -38.15 33.56 22.69
C LYS C 457 -36.92 32.93 22.06
N LEU C 458 -37.07 32.22 20.94
CA LEU C 458 -35.91 31.74 20.21
C LEU C 458 -35.21 32.87 19.47
N ASN C 459 -35.98 33.73 18.79
CA ASN C 459 -35.43 34.84 18.02
C ASN C 459 -36.34 36.05 18.18
N PRO C 460 -36.15 36.82 19.26
CA PRO C 460 -37.07 37.94 19.53
C PRO C 460 -36.80 39.19 18.70
N ASP C 461 -35.68 39.26 17.97
CA ASP C 461 -35.29 40.48 17.28
C ASP C 461 -35.45 40.40 15.76
N ASP C 462 -35.60 39.21 15.19
CA ASP C 462 -35.67 39.10 13.74
C ASP C 462 -36.93 39.80 13.23
N PRO C 463 -36.84 40.56 12.13
CA PRO C 463 -38.04 41.28 11.65
C PRO C 463 -39.21 40.36 11.33
N ALA C 464 -38.96 39.19 10.77
CA ALA C 464 -40.05 38.27 10.45
C ALA C 464 -40.74 37.77 11.71
N ILE C 465 -39.95 37.50 12.77
CA ILE C 465 -40.53 37.03 14.03
C ILE C 465 -41.45 38.11 14.60
N LEU C 466 -40.99 39.36 14.59
CA LEU C 466 -41.80 40.46 15.09
C LEU C 466 -43.05 40.67 14.24
N ASP C 467 -42.91 40.53 12.92
CA ASP C 467 -44.07 40.66 12.04
C ASP C 467 -45.11 39.59 12.36
N SER C 468 -44.68 38.35 12.53
CA SER C 468 -45.61 37.28 12.85
C SER C 468 -46.23 37.48 14.23
N MET C 469 -45.46 37.98 15.19
CA MET C 469 -46.01 38.30 16.50
C MET C 469 -47.10 39.35 16.39
N GLY C 470 -46.86 40.40 15.59
CA GLY C 470 -47.87 41.42 15.41
C GLY C 470 -49.11 40.88 14.72
N TRP C 471 -48.92 40.02 13.71
CA TRP C 471 -50.07 39.45 13.01
C TRP C 471 -50.90 38.56 13.93
N ILE C 472 -50.24 37.73 14.73
CA ILE C 472 -50.97 36.86 15.65
C ILE C 472 -51.68 37.71 16.71
N ASN C 473 -51.05 38.80 17.15
CA ASN C 473 -51.71 39.69 18.08
C ASN C 473 -52.95 40.32 17.47
N TYR C 474 -52.85 40.73 16.20
CA TYR C 474 -54.01 41.29 15.51
C TYR C 474 -55.15 40.26 15.43
N ARG C 475 -54.82 39.03 15.05
CA ARG C 475 -55.84 37.99 14.99
C ARG C 475 -56.43 37.71 16.37
N GLN C 476 -55.60 37.77 17.41
CA GLN C 476 -56.10 37.59 18.77
C GLN C 476 -57.10 38.66 19.13
N GLY C 477 -56.81 39.92 18.78
CA GLY C 477 -57.67 41.05 19.12
C GLY C 477 -56.94 42.16 19.84
N LYS C 478 -55.78 41.92 20.43
CA LYS C 478 -55.03 42.97 21.09
C LYS C 478 -54.40 43.89 20.04
N LEU C 479 -54.24 45.17 20.42
CA LEU C 479 -53.92 46.22 19.47
C LEU C 479 -52.57 46.87 19.71
N ALA C 480 -52.29 47.31 20.95
CA ALA C 480 -51.04 48.03 21.20
C ALA C 480 -49.82 47.14 21.00
N ASP C 481 -49.88 45.90 21.48
CA ASP C 481 -48.76 44.98 21.32
C ASP C 481 -48.50 44.71 19.84
N ALA C 482 -49.56 44.49 19.06
CA ALA C 482 -49.40 44.28 17.64
C ALA C 482 -48.78 45.50 16.98
N GLU C 483 -49.26 46.69 17.33
CA GLU C 483 -48.69 47.92 16.77
C GLU C 483 -47.19 47.99 17.04
N ARG C 484 -46.80 47.83 18.30
CA ARG C 484 -45.40 47.99 18.67
C ARG C 484 -44.53 46.93 18.00
N TYR C 485 -44.98 45.68 17.99
CA TYR C 485 -44.18 44.62 17.41
C TYR C 485 -44.04 44.79 15.89
N LEU C 486 -45.10 45.22 15.22
CA LEU C 486 -44.99 45.45 13.79
C LEU C 486 -44.11 46.65 13.48
N ARG C 487 -44.16 47.70 14.32
CA ARG C 487 -43.23 48.80 14.14
C ARG C 487 -41.78 48.34 14.31
N GLN C 488 -41.56 47.48 15.30
CA GLN C 488 -40.23 46.90 15.49
C GLN C 488 -39.79 46.12 14.26
N ALA C 489 -40.70 45.30 13.71
CA ALA C 489 -40.38 44.54 12.51
C ALA C 489 -40.05 45.45 11.34
N LEU C 490 -40.84 46.52 11.16
CA LEU C 490 -40.62 47.43 10.05
C LEU C 490 -39.28 48.15 10.18
N GLN C 491 -38.95 48.61 11.39
CA GLN C 491 -37.67 49.29 11.56
C GLN C 491 -36.49 48.33 11.41
N ARG C 492 -36.65 47.08 11.85
CA ARG C 492 -35.63 46.08 11.56
C ARG C 492 -35.47 45.87 10.06
N TYR C 493 -36.59 45.73 9.35
CA TYR C 493 -36.58 45.59 7.91
C TYR C 493 -37.95 45.98 7.36
N PRO C 494 -38.05 46.95 6.43
CA PRO C 494 -39.36 47.33 5.91
C PRO C 494 -39.80 46.40 4.78
N ASP C 495 -41.03 45.89 4.90
CA ASP C 495 -41.57 44.98 3.90
C ASP C 495 -43.06 45.29 3.70
N HIS C 496 -43.56 44.96 2.51
CA HIS C 496 -44.95 45.24 2.19
C HIS C 496 -45.91 44.37 3.00
N GLU C 497 -45.54 43.11 3.24
CA GLU C 497 -46.40 42.23 4.03
C GLU C 497 -46.52 42.73 5.46
N VAL C 498 -45.40 43.16 6.04
CA VAL C 498 -45.44 43.74 7.39
C VAL C 498 -46.28 45.02 7.37
N ALA C 499 -46.21 45.78 6.27
CA ALA C 499 -47.04 46.98 6.15
C ALA C 499 -48.52 46.61 6.15
N ALA C 500 -48.89 45.55 5.44
CA ALA C 500 -50.28 45.12 5.44
C ALA C 500 -50.72 44.67 6.83
N HIS C 501 -49.85 43.95 7.54
CA HIS C 501 -50.17 43.56 8.91
C HIS C 501 -50.37 44.77 9.80
N LEU C 502 -49.49 45.77 9.68
CA LEU C 502 -49.63 46.98 10.48
C LEU C 502 -50.91 47.73 10.13
N GLY C 503 -51.25 47.77 8.85
CA GLY C 503 -52.50 48.40 8.45
C GLY C 503 -53.71 47.69 9.03
N GLU C 504 -53.66 46.35 9.09
CA GLU C 504 -54.73 45.61 9.73
C GLU C 504 -54.80 45.93 11.22
N VAL C 505 -53.64 46.04 11.87
CA VAL C 505 -53.61 46.41 13.28
C VAL C 505 -54.25 47.78 13.48
N LEU C 506 -53.93 48.73 12.61
CA LEU C 506 -54.51 50.06 12.73
C LEU C 506 -56.01 50.04 12.45
N TRP C 507 -56.44 49.24 11.48
CA TRP C 507 -57.87 49.04 11.25
C TRP C 507 -58.55 48.57 12.52
N ALA C 508 -57.93 47.65 13.24
CA ALA C 508 -58.44 47.27 14.55
C ALA C 508 -58.38 48.43 15.53
N GLN C 509 -57.37 49.28 15.42
CA GLN C 509 -57.19 50.39 16.35
C GLN C 509 -58.28 51.44 16.18
N GLY C 510 -58.50 51.87 14.93
CA GLY C 510 -59.49 52.88 14.61
C GLY C 510 -58.93 54.06 13.84
N ARG C 511 -57.64 54.35 14.02
CA ARG C 511 -57.00 55.48 13.34
C ARG C 511 -56.62 55.05 11.92
N GLN C 512 -57.63 55.14 11.04
CA GLN C 512 -57.45 54.69 9.65
C GLN C 512 -56.57 55.64 8.85
N GLY C 513 -56.42 56.89 9.27
CA GLY C 513 -55.59 57.82 8.52
C GLY C 513 -54.13 57.38 8.47
N ASP C 514 -53.59 56.96 9.62
CA ASP C 514 -52.23 56.45 9.65
C ASP C 514 -52.10 55.15 8.87
N ALA C 515 -53.13 54.31 8.89
CA ALA C 515 -53.11 53.11 8.07
C ALA C 515 -53.00 53.47 6.60
N ARG C 516 -53.79 54.45 6.15
CA ARG C 516 -53.72 54.88 4.76
C ARG C 516 -52.34 55.45 4.43
N ALA C 517 -51.79 56.26 5.33
CA ALA C 517 -50.49 56.89 5.07
C ALA C 517 -49.38 55.84 4.97
N ILE C 518 -49.34 54.90 5.92
CA ILE C 518 -48.30 53.88 5.90
C ILE C 518 -48.48 52.96 4.71
N TRP C 519 -49.73 52.66 4.35
CA TRP C 519 -49.97 51.87 3.15
C TRP C 519 -49.47 52.58 1.90
N ARG C 520 -49.71 53.89 1.80
CA ARG C 520 -49.18 54.64 0.67
C ARG C 520 -47.66 54.59 0.66
N GLU C 521 -47.03 54.78 1.82
CA GLU C 521 -45.57 54.77 1.89
C GLU C 521 -45.01 53.44 1.43
N TYR C 522 -45.57 52.33 1.93
CA TYR C 522 -45.03 51.02 1.58
C TYR C 522 -45.45 50.55 0.20
N LEU C 523 -46.54 51.09 -0.36
CA LEU C 523 -46.84 50.85 -1.76
C LEU C 523 -45.85 51.58 -2.65
N ASP C 524 -45.41 52.78 -2.23
CA ASP C 524 -44.29 53.42 -2.89
C ASP C 524 -43.03 52.58 -2.76
N LYS C 525 -42.82 51.97 -1.60
CA LYS C 525 -41.66 51.10 -1.41
C LYS C 525 -41.71 49.90 -2.36
N GLN C 526 -42.85 49.22 -2.41
CA GLN C 526 -43.04 48.03 -3.26
C GLN C 526 -44.35 48.16 -4.01
N PRO C 527 -44.41 49.00 -5.04
CA PRO C 527 -45.65 49.10 -5.83
C PRO C 527 -46.06 47.78 -6.45
N ASP C 528 -45.10 46.93 -6.80
CA ASP C 528 -45.41 45.64 -7.41
C ASP C 528 -45.98 44.63 -6.41
N SER C 529 -45.91 44.93 -5.11
CA SER C 529 -46.48 44.04 -4.12
C SER C 529 -47.99 43.96 -4.29
N ASP C 530 -48.53 42.74 -4.19
CA ASP C 530 -49.96 42.50 -4.37
C ASP C 530 -50.70 42.19 -3.07
N VAL C 531 -50.02 41.64 -2.07
CA VAL C 531 -50.69 41.41 -0.79
C VAL C 531 -51.04 42.74 -0.14
N LEU C 532 -50.14 43.73 -0.24
CA LEU C 532 -50.41 45.04 0.33
C LEU C 532 -51.61 45.69 -0.35
N ARG C 533 -51.66 45.63 -1.69
CA ARG C 533 -52.80 46.22 -2.40
C ARG C 533 -54.08 45.46 -2.10
N ARG C 534 -54.00 44.14 -1.94
CA ARG C 534 -55.19 43.38 -1.56
C ARG C 534 -55.70 43.81 -0.18
N THR C 535 -54.79 43.99 0.77
CA THR C 535 -55.19 44.45 2.10
C THR C 535 -55.82 45.84 2.02
N ILE C 536 -55.22 46.74 1.24
CA ILE C 536 -55.77 48.08 1.11
C ILE C 536 -57.16 48.02 0.49
N LYS C 537 -57.34 47.20 -0.55
CA LYS C 537 -58.64 47.08 -1.18
C LYS C 537 -59.68 46.54 -0.22
N ARG C 538 -59.32 45.51 0.57
CA ARG C 538 -60.30 44.89 1.44
C ARG C 538 -60.65 45.76 2.63
N LEU C 539 -59.72 46.59 3.10
CA LEU C 539 -59.99 47.43 4.27
C LEU C 539 -60.53 48.81 3.88
N THR C 540 -59.76 49.57 3.10
CA THR C 540 -60.17 50.91 2.69
C THR C 540 -61.07 50.90 1.45
N GLY C 541 -61.26 49.76 0.80
CA GLY C 541 -62.15 49.68 -0.34
C GLY C 541 -61.55 50.10 -1.66
N ALA C 542 -60.27 50.49 -1.69
CA ALA C 542 -59.61 50.91 -2.91
C ALA C 542 -58.26 50.22 -3.03
N GLU C 543 -57.79 50.08 -4.27
CA GLU C 543 -56.52 49.41 -4.49
C GLU C 543 -55.38 50.11 -3.76
N THR C 544 -55.43 51.45 -3.72
CA THR C 544 -54.46 52.24 -2.99
C THR C 544 -55.21 53.21 -2.08
N PRO C 545 -54.62 53.59 -0.93
CA PRO C 545 -55.33 54.49 -0.02
C PRO C 545 -54.94 55.95 -0.23
N UNK D 1 -3.75 2.41 -4.57
CA UNK D 1 -3.72 2.71 -3.14
C UNK D 1 -4.10 1.48 -2.33
N UNK D 2 -4.18 0.33 -2.98
CA UNK D 2 -4.52 -0.94 -2.33
C UNK D 2 -3.58 -2.03 -2.82
N UNK D 3 -2.29 -1.72 -2.88
CA UNK D 3 -1.31 -2.63 -3.44
C UNK D 3 -1.41 -4.00 -2.77
N UNK D 4 -1.09 -5.04 -3.55
CA UNK D 4 -1.08 -6.40 -3.03
C UNK D 4 0.14 -7.20 -3.49
N UNK D 5 1.03 -6.60 -4.28
CA UNK D 5 2.19 -7.32 -4.82
C UNK D 5 3.21 -7.55 -3.72
N UNK D 6 3.75 -8.76 -3.66
CA UNK D 6 4.77 -9.11 -2.67
C UNK D 6 6.15 -8.65 -3.16
N SER E 160 -12.68 -58.91 -21.25
CA SER E 160 -13.45 -58.09 -22.16
C SER E 160 -13.55 -56.65 -21.66
N VAL E 161 -14.03 -56.50 -20.43
CA VAL E 161 -14.23 -55.19 -19.84
C VAL E 161 -13.15 -54.96 -18.78
N LYS E 162 -13.06 -53.71 -18.32
CA LYS E 162 -12.30 -53.40 -17.11
C LYS E 162 -12.67 -51.99 -16.67
N SER E 163 -13.02 -51.85 -15.39
CA SER E 163 -13.50 -50.59 -14.84
C SER E 163 -12.42 -49.96 -13.97
N GLN E 164 -12.47 -48.63 -13.87
CA GLN E 164 -11.50 -47.90 -13.07
C GLN E 164 -11.96 -46.46 -12.85
N VAL E 165 -11.95 -46.00 -11.61
CA VAL E 165 -12.27 -44.62 -11.30
C VAL E 165 -11.01 -43.78 -11.47
N LEU E 166 -10.79 -43.29 -12.69
CA LEU E 166 -9.56 -42.58 -12.99
C LEU E 166 -9.37 -41.39 -12.06
N GLU E 167 -10.39 -40.54 -11.97
CA GLU E 167 -10.40 -39.40 -11.07
C GLU E 167 -11.82 -39.20 -10.57
N PRO E 168 -12.00 -38.54 -9.43
CA PRO E 168 -13.35 -38.37 -8.88
C PRO E 168 -14.31 -37.80 -9.92
N GLY E 169 -15.44 -38.48 -10.10
CA GLY E 169 -16.41 -38.08 -11.09
C GLY E 169 -16.06 -38.41 -12.51
N TYR E 170 -15.02 -39.23 -12.75
CA TYR E 170 -14.61 -39.60 -14.10
C TYR E 170 -14.11 -41.03 -14.05
N ALA E 171 -14.99 -41.97 -14.38
CA ALA E 171 -14.62 -43.38 -14.37
C ALA E 171 -13.94 -43.74 -15.69
N TYR E 172 -13.65 -45.02 -15.89
CA TYR E 172 -12.92 -45.48 -17.06
C TYR E 172 -13.42 -46.86 -17.47
N LEU E 173 -13.63 -47.05 -18.77
CA LEU E 173 -14.07 -48.32 -19.33
C LEU E 173 -13.21 -48.66 -20.53
N ARG E 174 -13.13 -49.96 -20.83
CA ARG E 174 -12.31 -50.45 -21.93
C ARG E 174 -12.91 -51.76 -22.41
N ILE E 175 -13.18 -51.85 -23.71
CA ILE E 175 -13.73 -53.06 -24.33
C ILE E 175 -12.65 -53.57 -25.29
N THR E 176 -11.80 -54.48 -24.80
CA THR E 176 -10.74 -55.00 -25.65
C THR E 176 -11.32 -55.79 -26.81
N GLN E 177 -12.35 -56.60 -26.57
CA GLN E 177 -13.02 -57.35 -27.61
C GLN E 177 -14.52 -57.37 -27.35
N PHE E 178 -15.29 -57.48 -28.42
CA PHE E 178 -16.76 -57.51 -28.33
C PHE E 178 -17.23 -58.96 -28.42
N GLN E 179 -17.08 -59.67 -27.31
CA GLN E 179 -17.51 -61.06 -27.25
C GLN E 179 -18.99 -61.14 -26.85
N VAL E 180 -19.58 -62.31 -27.08
CA VAL E 180 -20.97 -62.54 -26.67
C VAL E 180 -21.08 -62.31 -25.16
N ASN E 181 -22.22 -61.78 -24.75
CA ASN E 181 -22.53 -61.43 -23.37
C ASN E 181 -21.81 -60.16 -22.92
N THR E 182 -20.97 -59.56 -23.77
CA THR E 182 -20.25 -58.36 -23.37
C THR E 182 -21.22 -57.26 -22.93
N GLY E 183 -22.41 -57.21 -23.54
CA GLY E 183 -23.36 -56.18 -23.16
C GLY E 183 -23.77 -56.27 -21.70
N GLU E 184 -24.12 -57.48 -21.26
CA GLU E 184 -24.52 -57.66 -19.86
C GLU E 184 -23.37 -57.31 -18.91
N GLU E 185 -22.16 -57.73 -19.27
CA GLU E 185 -21.01 -57.45 -18.41
C GLU E 185 -20.72 -55.95 -18.33
N VAL E 186 -20.84 -55.22 -19.45
CA VAL E 186 -20.65 -53.78 -19.38
C VAL E 186 -21.78 -53.12 -18.60
N VAL E 187 -22.99 -53.67 -18.67
CA VAL E 187 -24.07 -53.17 -17.83
C VAL E 187 -23.71 -53.32 -16.36
N LYS E 188 -23.18 -54.49 -16.00
CA LYS E 188 -22.76 -54.72 -14.61
C LYS E 188 -21.65 -53.76 -14.21
N ALA E 189 -20.69 -53.53 -15.11
CA ALA E 189 -19.61 -52.58 -14.81
C ALA E 189 -20.17 -51.18 -14.61
N LEU E 190 -21.12 -50.77 -15.45
CA LEU E 190 -21.76 -49.48 -15.29
C LEU E 190 -22.44 -49.37 -13.92
N ASN E 191 -23.16 -50.41 -13.52
CA ASN E 191 -23.86 -50.38 -12.25
C ASN E 191 -22.88 -50.30 -11.08
N GLN E 192 -21.82 -51.12 -11.12
CA GLN E 192 -20.88 -51.14 -9.99
C GLN E 192 -20.10 -49.83 -9.90
N LEU E 193 -19.75 -49.22 -11.05
CA LEU E 193 -19.07 -47.94 -10.99
C LEU E 193 -20.02 -46.82 -10.60
N ARG E 194 -21.32 -46.97 -10.93
CA ARG E 194 -22.30 -46.03 -10.43
C ARG E 194 -22.36 -46.06 -8.90
N LYS E 195 -22.31 -47.27 -8.32
CA LYS E 195 -22.17 -47.36 -6.87
C LYS E 195 -20.85 -46.75 -6.41
N ASP E 196 -19.77 -46.95 -7.17
CA ASP E 196 -18.47 -46.47 -6.74
C ASP E 196 -18.46 -44.94 -6.59
N ASN E 197 -19.01 -44.22 -7.57
CA ASN E 197 -18.97 -42.77 -7.59
C ASN E 197 -20.34 -42.15 -7.28
N LYS E 198 -21.15 -42.85 -6.51
CA LYS E 198 -22.31 -42.25 -5.84
C LYS E 198 -23.34 -41.74 -6.83
N GLY E 199 -23.75 -42.60 -7.76
CA GLY E 199 -24.95 -42.37 -8.54
C GLY E 199 -24.82 -41.37 -9.66
N ARG E 200 -23.63 -40.83 -9.92
CA ARG E 200 -23.47 -39.83 -10.98
C ARG E 200 -22.01 -39.60 -11.31
N LEU E 201 -21.68 -39.61 -12.60
CA LEU E 201 -20.33 -39.36 -13.07
C LEU E 201 -20.33 -38.14 -13.97
N LYS E 202 -19.26 -37.35 -13.90
CA LYS E 202 -19.14 -36.18 -14.74
C LYS E 202 -18.81 -36.53 -16.18
N GLY E 203 -18.28 -37.72 -16.42
CA GLY E 203 -17.95 -38.13 -17.77
C GLY E 203 -17.30 -39.49 -17.76
N LEU E 204 -17.35 -40.15 -18.92
CA LEU E 204 -16.75 -41.46 -19.11
C LEU E 204 -15.81 -41.43 -20.30
N VAL E 205 -14.83 -42.32 -20.28
CA VAL E 205 -13.85 -42.46 -21.36
C VAL E 205 -13.94 -43.91 -21.83
N LEU E 206 -14.77 -44.16 -22.84
CA LEU E 206 -14.89 -45.49 -23.40
C LEU E 206 -13.70 -45.74 -24.31
N ASP E 207 -12.81 -46.63 -23.89
CA ASP E 207 -11.55 -46.87 -24.60
C ASP E 207 -11.74 -48.00 -25.62
N LEU E 208 -12.51 -47.67 -26.66
CA LEU E 208 -12.72 -48.60 -27.77
C LEU E 208 -11.61 -48.44 -28.81
N ARG E 209 -10.38 -48.72 -28.36
CA ARG E 209 -9.21 -48.70 -29.22
C ARG E 209 -8.48 -50.03 -29.11
N ASN E 210 -7.76 -50.38 -30.19
CA ASN E 210 -7.12 -51.69 -30.30
C ASN E 210 -8.15 -52.81 -30.22
N ASN E 211 -9.37 -52.54 -30.69
CA ASN E 211 -10.45 -53.51 -30.68
C ASN E 211 -10.66 -54.03 -32.10
N PRO E 212 -10.30 -55.28 -32.41
CA PRO E 212 -10.45 -55.75 -33.80
C PRO E 212 -11.90 -55.89 -34.24
N GLY E 213 -12.71 -56.59 -33.45
CA GLY E 213 -14.09 -56.82 -33.83
C GLY E 213 -14.79 -57.69 -32.82
N GLY E 214 -15.97 -58.16 -33.20
CA GLY E 214 -16.74 -59.02 -32.32
C GLY E 214 -18.10 -59.32 -32.91
N VAL E 215 -18.95 -59.90 -32.07
CA VAL E 215 -20.28 -60.33 -32.48
C VAL E 215 -21.21 -59.13 -32.52
N LEU E 216 -22.02 -59.05 -33.58
CA LEU E 216 -22.87 -57.88 -33.78
C LEU E 216 -23.84 -57.70 -32.64
N GLN E 217 -24.39 -58.80 -32.11
CA GLN E 217 -25.28 -58.68 -30.96
C GLN E 217 -24.58 -57.99 -29.80
N SER E 218 -23.32 -58.36 -29.55
CA SER E 218 -22.55 -57.70 -28.50
C SER E 218 -22.45 -56.20 -28.75
N ALA E 219 -22.07 -55.81 -29.97
CA ALA E 219 -21.87 -54.40 -30.27
C ALA E 219 -23.17 -53.62 -30.14
N VAL E 220 -24.27 -54.16 -30.67
CA VAL E 220 -25.54 -53.44 -30.61
C VAL E 220 -26.00 -53.30 -29.18
N GLU E 221 -25.87 -54.36 -28.38
CA GLU E 221 -26.27 -54.25 -26.97
C GLU E 221 -25.39 -53.25 -26.24
N VAL E 222 -24.09 -53.22 -26.53
CA VAL E 222 -23.20 -52.25 -25.91
C VAL E 222 -23.63 -50.84 -26.25
N ALA E 223 -23.92 -50.59 -27.54
CA ALA E 223 -24.38 -49.27 -27.93
C ALA E 223 -25.70 -48.90 -27.25
N ASP E 224 -26.61 -49.87 -27.15
CA ASP E 224 -27.85 -49.65 -26.42
C ASP E 224 -27.59 -49.31 -24.97
N ALA E 225 -26.52 -49.87 -24.39
CA ALA E 225 -26.22 -49.63 -22.99
C ALA E 225 -25.99 -48.15 -22.70
N PHE E 226 -25.67 -47.35 -23.70
CA PHE E 226 -25.48 -45.91 -23.53
C PHE E 226 -26.44 -45.06 -24.34
N LEU E 227 -27.10 -45.61 -25.35
CA LEU E 227 -28.03 -44.84 -26.16
C LEU E 227 -29.48 -45.20 -25.83
N THR E 228 -30.35 -44.21 -26.01
CA THR E 228 -31.76 -44.33 -25.69
C THR E 228 -32.65 -44.42 -26.92
N LYS E 229 -32.47 -43.50 -27.87
CA LYS E 229 -33.37 -43.36 -29.01
C LYS E 229 -32.58 -43.53 -30.31
N GLY E 230 -33.29 -44.00 -31.34
CA GLY E 230 -32.74 -44.12 -32.68
C GLY E 230 -32.47 -45.56 -33.06
N LEU E 231 -31.89 -45.71 -34.26
CA LEU E 231 -31.50 -47.01 -34.78
C LEU E 231 -29.99 -47.16 -34.61
N ILE E 232 -29.58 -48.25 -33.96
CA ILE E 232 -28.18 -48.38 -33.55
C ILE E 232 -27.29 -48.58 -34.78
N VAL E 233 -27.52 -49.64 -35.54
CA VAL E 233 -26.72 -49.94 -36.71
C VAL E 233 -27.57 -50.75 -37.69
N TYR E 234 -27.39 -50.48 -38.99
CA TYR E 234 -28.13 -51.17 -40.02
C TYR E 234 -27.25 -51.39 -41.23
N THR E 235 -27.64 -52.37 -42.06
CA THR E 235 -26.91 -52.70 -43.27
C THR E 235 -27.45 -51.94 -44.46
N LEU E 244 -31.87 -55.87 -41.53
CA LEU E 244 -30.98 -55.64 -40.41
C LEU E 244 -31.04 -54.18 -39.98
N ARG E 245 -31.97 -53.87 -39.07
CA ARG E 245 -32.18 -52.53 -38.54
C ARG E 245 -32.21 -52.66 -37.02
N PHE E 246 -31.03 -52.55 -36.40
CA PHE E 246 -30.94 -52.72 -34.95
C PHE E 246 -31.31 -51.42 -34.26
N SER E 247 -32.27 -51.50 -33.34
CA SER E 247 -32.83 -50.31 -32.70
C SER E 247 -32.13 -50.01 -31.38
N ALA E 248 -32.26 -48.77 -30.94
CA ALA E 248 -31.70 -48.30 -29.68
C ALA E 248 -32.80 -48.34 -28.62
N ASP E 249 -32.75 -49.34 -27.74
CA ASP E 249 -33.74 -49.45 -26.69
C ASP E 249 -33.62 -48.27 -25.75
N PRO E 250 -34.74 -47.63 -25.38
CA PRO E 250 -34.64 -46.50 -24.44
C PRO E 250 -34.04 -46.89 -23.10
N ALA E 251 -34.09 -48.16 -22.73
CA ALA E 251 -33.52 -48.60 -21.46
C ALA E 251 -31.99 -48.60 -21.54
N ASP E 252 -31.36 -47.81 -20.68
CA ASP E 252 -29.91 -47.77 -20.59
C ASP E 252 -29.50 -47.12 -19.27
N PRO E 253 -28.63 -47.74 -18.48
CA PRO E 253 -28.26 -47.15 -17.18
C PRO E 253 -27.26 -45.99 -17.27
N SER E 254 -26.88 -45.58 -18.48
CA SER E 254 -25.87 -44.53 -18.61
C SER E 254 -26.33 -43.23 -17.96
N ASP E 255 -27.59 -42.85 -18.18
CA ASP E 255 -28.16 -41.63 -17.60
C ASP E 255 -27.53 -40.37 -18.18
N LYS E 256 -27.03 -40.46 -19.43
CA LYS E 256 -26.53 -39.29 -20.14
C LYS E 256 -25.28 -38.70 -19.49
N VAL E 257 -24.34 -39.58 -19.15
CA VAL E 257 -23.02 -39.11 -18.72
C VAL E 257 -22.22 -38.69 -19.95
N PRO E 258 -21.65 -37.48 -19.99
CA PRO E 258 -20.92 -37.06 -21.19
C PRO E 258 -19.87 -38.08 -21.60
N LEU E 259 -20.05 -38.68 -22.77
CA LEU E 259 -19.23 -39.78 -23.24
C LEU E 259 -18.32 -39.32 -24.36
N VAL E 260 -17.04 -39.68 -24.26
CA VAL E 260 -16.06 -39.49 -25.31
C VAL E 260 -15.42 -40.83 -25.60
N VAL E 261 -15.39 -41.21 -26.87
CA VAL E 261 -14.89 -42.51 -27.29
C VAL E 261 -13.51 -42.32 -27.91
N LEU E 262 -12.60 -43.22 -27.59
CA LEU E 262 -11.22 -43.16 -28.06
C LEU E 262 -11.00 -44.21 -29.14
N ILE E 263 -10.45 -43.78 -30.28
CA ILE E 263 -10.15 -44.66 -31.40
C ILE E 263 -8.70 -44.44 -31.80
N ASN E 264 -7.82 -45.37 -31.41
CA ASN E 264 -6.42 -45.27 -31.82
C ASN E 264 -6.27 -45.43 -33.32
N GLY E 265 -7.08 -46.29 -33.93
CA GLY E 265 -6.98 -46.59 -35.33
C GLY E 265 -7.13 -48.07 -35.59
N GLY E 266 -6.69 -48.89 -34.63
CA GLY E 266 -6.94 -50.31 -34.69
C GLY E 266 -8.38 -50.69 -34.50
N SER E 267 -9.22 -49.76 -34.05
CA SER E 267 -10.63 -50.05 -33.88
C SER E 267 -11.26 -50.44 -35.20
N ALA E 268 -12.12 -51.46 -35.15
CA ALA E 268 -12.77 -51.94 -36.37
C ALA E 268 -13.98 -52.78 -35.99
N ALA E 269 -14.91 -52.88 -36.93
CA ALA E 269 -16.06 -53.78 -36.84
C ALA E 269 -16.87 -53.41 -35.60
N ALA E 270 -17.08 -54.32 -34.64
CA ALA E 270 -17.99 -54.05 -33.53
C ALA E 270 -17.65 -52.73 -32.84
N ALA E 271 -16.39 -52.53 -32.48
CA ALA E 271 -15.98 -51.27 -31.88
C ALA E 271 -16.26 -50.10 -32.83
N GLU E 272 -15.97 -50.30 -34.12
CA GLU E 272 -16.19 -49.24 -35.09
C GLU E 272 -17.67 -48.86 -35.15
N ILE E 273 -18.56 -49.84 -35.18
CA ILE E 273 -19.99 -49.52 -35.30
C ILE E 273 -20.50 -48.88 -34.01
N VAL E 274 -20.02 -49.36 -32.86
CA VAL E 274 -20.44 -48.74 -31.60
C VAL E 274 -20.02 -47.28 -31.57
N ALA E 275 -18.76 -47.00 -31.94
CA ALA E 275 -18.29 -45.62 -31.97
C ALA E 275 -19.09 -44.80 -32.97
N GLY E 276 -19.35 -45.36 -34.15
CA GLY E 276 -20.13 -44.64 -35.14
C GLY E 276 -21.50 -44.28 -34.64
N ALA E 277 -22.15 -45.20 -33.93
CA ALA E 277 -23.47 -44.91 -33.38
C ALA E 277 -23.38 -43.81 -32.33
N LEU E 278 -22.49 -43.97 -31.36
CA LEU E 278 -22.37 -42.99 -30.28
C LEU E 278 -21.90 -41.64 -30.78
N GLN E 279 -21.36 -41.58 -32.00
CA GLN E 279 -20.97 -40.31 -32.60
C GLN E 279 -22.10 -39.70 -33.42
N ASP E 280 -22.60 -40.44 -34.42
CA ASP E 280 -23.61 -39.91 -35.31
C ASP E 280 -24.89 -39.56 -34.57
N GLN E 281 -25.23 -40.31 -33.53
CA GLN E 281 -26.37 -39.91 -32.71
C GLN E 281 -26.08 -38.66 -31.88
N LYS E 282 -24.86 -38.14 -31.93
CA LYS E 282 -24.42 -37.03 -31.10
C LYS E 282 -24.54 -37.35 -29.62
N ARG E 283 -24.62 -38.64 -29.29
CA ARG E 283 -24.65 -39.08 -27.90
C ARG E 283 -23.26 -39.07 -27.27
N ALA E 284 -22.21 -39.03 -28.07
CA ALA E 284 -20.83 -39.05 -27.57
C ALA E 284 -19.94 -38.28 -28.52
N ILE E 285 -18.64 -38.33 -28.27
CA ILE E 285 -17.63 -37.66 -29.08
C ILE E 285 -16.47 -38.62 -29.31
N LEU E 286 -15.83 -38.49 -30.46
CA LEU E 286 -14.68 -39.32 -30.82
C LEU E 286 -13.42 -38.47 -30.76
N MET E 287 -12.45 -38.91 -29.95
CA MET E 287 -11.27 -38.11 -29.70
C MET E 287 -9.96 -38.76 -30.14
N GLY E 288 -9.98 -40.02 -30.55
CA GLY E 288 -8.78 -40.71 -30.98
C GLY E 288 -8.34 -40.29 -32.37
N THR E 289 -7.77 -41.24 -33.11
CA THR E 289 -7.33 -41.02 -34.48
C THR E 289 -8.26 -41.76 -35.44
N ASP E 290 -7.99 -41.58 -36.73
CA ASP E 290 -8.80 -42.23 -37.76
C ASP E 290 -8.83 -43.74 -37.52
N SER E 291 -10.01 -44.33 -37.69
CA SER E 291 -10.21 -45.74 -37.41
C SER E 291 -9.58 -46.61 -38.49
N PHE E 292 -9.60 -47.91 -38.25
CA PHE E 292 -9.04 -48.85 -39.22
C PHE E 292 -9.79 -48.78 -40.55
N GLY E 293 -11.12 -48.74 -40.48
CA GLY E 293 -11.94 -48.62 -41.68
C GLY E 293 -12.71 -49.87 -42.03
N LYS E 294 -12.88 -50.77 -41.06
CA LYS E 294 -13.64 -52.00 -41.28
C LYS E 294 -14.77 -52.11 -40.28
N LEU E 315 -21.55 -55.13 -45.09
CA LEU E 315 -21.36 -53.70 -44.89
C LEU E 315 -22.24 -53.20 -43.76
N TYR E 316 -21.92 -52.03 -43.23
CA TYR E 316 -22.62 -51.48 -42.08
C TYR E 316 -22.86 -49.99 -42.29
N TYR E 317 -23.93 -49.49 -41.69
CA TYR E 317 -24.27 -48.07 -41.73
C TYR E 317 -24.50 -47.56 -40.32
N THR E 318 -23.88 -46.45 -39.98
CA THR E 318 -24.14 -45.78 -38.72
C THR E 318 -25.60 -45.36 -38.66
N PRO E 319 -26.11 -44.91 -37.52
CA PRO E 319 -27.49 -44.38 -37.49
C PRO E 319 -27.69 -43.29 -38.51
N ASN E 320 -26.66 -42.47 -38.75
CA ASN E 320 -26.68 -41.55 -39.88
C ASN E 320 -26.55 -42.32 -41.19
N GLY E 321 -27.03 -41.72 -42.27
CA GLY E 321 -26.96 -42.36 -43.57
C GLY E 321 -25.55 -42.70 -44.00
N ARG E 322 -24.55 -42.01 -43.46
CA ARG E 322 -23.17 -42.21 -43.89
C ARG E 322 -22.74 -43.65 -43.66
N SER E 323 -21.99 -44.19 -44.62
CA SER E 323 -21.40 -45.51 -44.49
C SER E 323 -20.09 -45.42 -43.71
N ILE E 324 -19.59 -46.58 -43.29
CA ILE E 324 -18.36 -46.67 -42.51
C ILE E 324 -17.31 -47.52 -43.21
N GLN E 325 -17.71 -48.63 -43.81
CA GLN E 325 -16.74 -49.52 -44.45
C GLN E 325 -16.01 -48.81 -45.58
N ALA E 326 -16.74 -48.02 -46.38
CA ALA E 326 -16.15 -47.43 -47.57
C ALA E 326 -14.98 -46.52 -47.23
N GLN E 327 -15.19 -45.58 -46.30
CA GLN E 327 -14.20 -44.54 -46.02
C GLN E 327 -13.69 -44.54 -44.59
N GLY E 328 -14.39 -45.17 -43.65
CA GLY E 328 -14.02 -45.10 -42.26
C GLY E 328 -14.53 -43.85 -41.58
N ILE E 329 -14.27 -43.76 -40.28
CA ILE E 329 -14.75 -42.65 -39.45
C ILE E 329 -13.55 -41.78 -39.09
N VAL E 330 -13.71 -40.47 -39.26
CA VAL E 330 -12.70 -39.49 -38.89
C VAL E 330 -13.15 -38.83 -37.59
N PRO E 331 -12.42 -38.97 -36.49
CA PRO E 331 -12.83 -38.30 -35.25
C PRO E 331 -12.87 -36.80 -35.45
N ASP E 332 -13.88 -36.17 -34.87
CA ASP E 332 -14.02 -34.72 -35.02
C ASP E 332 -12.82 -33.98 -34.43
N ILE E 333 -12.21 -34.54 -33.39
CA ILE E 333 -10.96 -34.04 -32.84
C ILE E 333 -9.96 -35.19 -32.83
N GLU E 334 -8.76 -34.95 -33.33
CA GLU E 334 -7.74 -35.99 -33.47
C GLU E 334 -6.61 -35.72 -32.49
N VAL E 335 -6.15 -36.78 -31.82
CA VAL E 335 -5.05 -36.70 -30.86
C VAL E 335 -4.10 -37.83 -31.23
N GLY E 336 -3.06 -37.51 -31.99
CA GLY E 336 -2.09 -38.53 -32.38
C GLY E 336 -1.51 -39.22 -31.16
N ARG E 337 -1.34 -40.53 -31.27
CA ARG E 337 -0.80 -41.31 -30.16
C ARG E 337 0.55 -40.74 -29.74
N ALA E 338 0.71 -40.51 -28.44
CA ALA E 338 1.93 -39.90 -27.92
C ALA E 338 2.10 -40.30 -26.47
N LYS E 339 3.35 -40.23 -26.01
CA LYS E 339 3.70 -40.52 -24.64
C LYS E 339 4.27 -39.26 -23.98
N VAL E 340 3.81 -38.96 -22.78
CA VAL E 340 4.17 -37.73 -22.07
C VAL E 340 4.88 -38.12 -20.78
N THR E 341 5.98 -37.42 -20.50
CA THR E 341 6.75 -37.62 -19.28
C THR E 341 6.87 -36.31 -18.53
N GLN E 342 6.72 -36.36 -17.21
CA GLN E 342 6.75 -35.19 -16.36
C GLN E 342 8.05 -35.17 -15.57
N GLU E 343 8.73 -34.03 -15.57
CA GLU E 343 9.98 -33.88 -14.85
C GLU E 343 9.72 -33.32 -13.45
N ARG E 344 10.58 -33.71 -12.51
CA ARG E 344 10.48 -33.29 -11.12
C ARG E 344 11.45 -32.13 -10.90
N SER E 345 10.90 -30.93 -10.70
CA SER E 345 11.73 -29.79 -10.36
C SER E 345 12.37 -30.00 -8.99
N SER E 346 13.61 -29.53 -8.84
CA SER E 346 14.30 -29.72 -7.57
C SER E 346 13.55 -29.06 -6.42
N PHE E 347 13.01 -27.87 -6.66
CA PHE E 347 12.25 -27.14 -5.65
C PHE E 347 10.98 -26.58 -6.29
N GLU E 348 9.99 -26.35 -5.45
CA GLU E 348 8.74 -25.72 -5.86
C GLU E 348 8.50 -24.47 -5.04
N GLY E 349 7.73 -23.55 -5.59
CA GLY E 349 7.44 -22.30 -4.91
C GLY E 349 6.89 -22.53 -3.52
N PHE E 350 7.50 -21.88 -2.53
CA PHE E 350 7.10 -22.07 -1.14
C PHE E 350 5.73 -21.44 -0.92
N LYS E 351 4.71 -22.27 -0.77
CA LYS E 351 3.34 -21.78 -0.68
C LYS E 351 3.17 -20.87 0.51
N GLU E 352 2.09 -20.08 0.49
CA GLU E 352 1.80 -19.17 1.57
C GLU E 352 1.66 -19.91 2.90
N ALA E 353 1.29 -21.19 2.86
CA ALA E 353 1.19 -21.97 4.07
C ALA E 353 2.54 -22.15 4.75
N ASP E 354 3.64 -22.04 4.01
CA ASP E 354 4.96 -22.25 4.59
C ASP E 354 5.39 -21.08 5.45
N LEU E 355 5.10 -19.85 5.02
CA LEU E 355 5.61 -18.68 5.71
C LEU E 355 5.16 -18.66 7.17
N GLN E 356 6.08 -18.29 8.06
CA GLN E 356 5.75 -18.15 9.46
C GLN E 356 4.72 -17.06 9.66
N GLY E 357 3.75 -17.32 10.53
CA GLY E 357 2.72 -16.33 10.85
C GLY E 357 1.83 -15.98 9.69
N HIS E 358 1.43 -16.96 8.88
CA HIS E 358 0.48 -16.72 7.81
C HIS E 358 -0.93 -16.65 8.36
N LEU E 359 -1.70 -15.69 7.89
CA LEU E 359 -3.05 -15.49 8.40
C LEU E 359 -3.95 -16.66 8.02
N ALA E 360 -4.67 -17.19 9.00
CA ALA E 360 -5.58 -18.29 8.73
C ALA E 360 -6.71 -17.85 7.82
N ASN E 361 -7.19 -18.78 7.01
CA ASN E 361 -8.24 -18.46 6.05
C ASN E 361 -9.53 -18.06 6.76
N GLY E 362 -10.29 -17.18 6.12
CA GLY E 362 -11.55 -16.74 6.70
C GLY E 362 -12.52 -17.87 6.93
N ASN E 363 -12.60 -18.80 5.97
CA ASN E 363 -13.50 -19.94 6.13
C ASN E 363 -13.11 -20.82 7.31
N GLY E 364 -11.88 -20.71 7.80
CA GLY E 364 -11.42 -21.52 8.91
C GLY E 364 -10.91 -22.88 8.54
N GLY E 365 -10.94 -23.25 7.26
CA GLY E 365 -10.42 -24.55 6.85
C GLY E 365 -8.92 -24.64 7.07
N ALA E 366 -8.47 -25.85 7.37
CA ALA E 366 -7.04 -26.07 7.62
C ALA E 366 -6.23 -25.71 6.39
N ASP E 367 -5.17 -24.93 6.59
CA ASP E 367 -4.28 -24.59 5.50
C ASP E 367 -3.47 -25.81 5.06
N ARG E 368 -3.23 -25.89 3.74
CA ARG E 368 -2.54 -27.05 3.18
C ARG E 368 -1.05 -26.75 3.12
N PRO E 369 -0.21 -27.45 3.89
CA PRO E 369 1.22 -27.21 3.82
C PRO E 369 1.87 -27.93 2.65
N THR E 370 3.12 -27.56 2.38
CA THR E 370 3.91 -28.20 1.32
C THR E 370 4.82 -29.24 1.96
N GLY E 371 4.23 -30.38 2.29
CA GLY E 371 4.99 -31.50 2.83
C GLY E 371 5.77 -32.20 1.74
N LYS E 372 6.01 -33.50 1.91
CA LYS E 372 6.69 -34.26 0.86
C LYS E 372 5.80 -34.38 -0.36
N ARG E 373 6.41 -34.22 -1.54
CA ARG E 373 5.69 -34.21 -2.81
C ARG E 373 6.26 -35.32 -3.68
N ALA E 374 5.71 -36.52 -3.55
CA ALA E 374 6.09 -37.67 -4.36
C ALA E 374 4.83 -38.35 -4.87
N ALA E 375 4.88 -38.82 -6.10
CA ALA E 375 3.71 -39.43 -6.72
C ALA E 375 3.43 -40.79 -6.08
N PRO E 376 2.28 -41.00 -5.44
CA PRO E 376 2.01 -42.33 -4.87
C PRO E 376 1.94 -43.43 -5.90
N SER E 377 1.45 -43.13 -7.10
CA SER E 377 1.27 -44.15 -8.13
C SER E 377 1.26 -43.47 -9.48
N GLU E 378 1.42 -44.29 -10.53
CA GLU E 378 1.34 -43.81 -11.92
C GLU E 378 -0.03 -44.20 -12.45
N ARG E 379 -1.01 -43.33 -12.20
CA ARG E 379 -2.35 -43.58 -12.71
C ARG E 379 -2.34 -43.54 -14.23
N PRO E 380 -3.25 -44.29 -14.88
CA PRO E 380 -3.17 -44.39 -16.35
C PRO E 380 -3.26 -43.06 -17.07
N GLN E 381 -3.96 -42.08 -16.50
CA GLN E 381 -4.14 -40.81 -17.20
C GLN E 381 -2.82 -40.15 -17.56
N ASP E 382 -1.79 -40.35 -16.73
CA ASP E 382 -0.48 -39.78 -17.01
C ASP E 382 0.31 -40.58 -18.04
N SER E 383 -0.05 -41.84 -18.27
CA SER E 383 0.78 -42.72 -19.08
C SER E 383 0.79 -42.29 -20.54
N ASP E 384 -0.37 -42.28 -21.19
CA ASP E 384 -0.48 -42.01 -22.62
C ASP E 384 -1.21 -40.70 -22.84
N TYR E 385 -0.76 -39.95 -23.84
CA TYR E 385 -1.28 -38.60 -24.07
C TYR E 385 -2.79 -38.61 -24.24
N GLN E 386 -3.34 -39.66 -24.86
CA GLN E 386 -4.76 -39.66 -25.21
C GLN E 386 -5.64 -39.66 -23.97
N LEU E 387 -5.30 -40.48 -22.97
CA LEU E 387 -6.14 -40.52 -21.77
C LEU E 387 -6.15 -39.18 -21.04
N SER E 388 -4.97 -38.54 -20.92
CA SER E 388 -4.92 -37.23 -20.28
C SER E 388 -5.74 -36.22 -21.07
N GLN E 389 -5.61 -36.24 -22.40
CA GLN E 389 -6.39 -35.32 -23.22
C GLN E 389 -7.88 -35.55 -23.02
N ALA E 390 -8.30 -36.81 -22.98
CA ALA E 390 -9.72 -37.11 -22.82
C ALA E 390 -10.25 -36.63 -21.48
N LEU E 391 -9.49 -36.88 -20.40
CA LEU E 391 -9.94 -36.42 -19.10
C LEU E 391 -9.99 -34.90 -19.04
N SER E 392 -8.99 -34.23 -19.61
CA SER E 392 -9.01 -32.77 -19.60
C SER E 392 -10.20 -32.23 -20.37
N LEU E 393 -10.49 -32.81 -21.54
CA LEU E 393 -11.65 -32.36 -22.32
C LEU E 393 -12.95 -32.62 -21.55
N LEU E 394 -13.06 -33.78 -20.90
CA LEU E 394 -14.26 -34.08 -20.12
C LEU E 394 -14.45 -33.06 -19.01
N LYS E 395 -13.36 -32.73 -18.29
CA LYS E 395 -13.45 -31.68 -17.29
C LYS E 395 -13.83 -30.35 -17.92
N GLY E 396 -13.39 -30.11 -19.16
CA GLY E 396 -13.77 -28.87 -19.83
C GLY E 396 -15.27 -28.76 -20.02
N LEU E 397 -15.90 -29.82 -20.53
CA LEU E 397 -17.34 -29.80 -20.73
C LEU E 397 -18.12 -29.74 -19.42
N SER E 398 -17.48 -30.08 -18.30
CA SER E 398 -18.16 -30.07 -17.01
C SER E 398 -18.14 -28.69 -16.36
N VAL E 399 -17.00 -28.00 -16.40
CA VAL E 399 -16.93 -26.68 -15.77
C VAL E 399 -17.82 -25.68 -16.51
N THR E 400 -17.53 -25.44 -17.78
CA THR E 400 -18.41 -24.66 -18.62
C THR E 400 -19.48 -25.57 -19.23
N ARG E 401 -20.44 -24.95 -19.91
CA ARG E 401 -21.61 -25.65 -20.45
C ARG E 401 -22.60 -25.97 -19.34
N GLY E 402 -22.21 -25.76 -18.09
CA GLY E 402 -23.12 -25.91 -16.97
C GLY E 402 -23.52 -24.57 -16.41
N ASN E 403 -24.75 -24.14 -16.69
CA ASN E 403 -25.19 -22.81 -16.31
C ASN E 403 -26.70 -22.78 -16.08
#